data_3DU7
#
_entry.id   3DU7
#
_cell.length_a   327.126
_cell.length_b   327.126
_cell.length_c   53.672
_cell.angle_alpha   90.00
_cell.angle_beta   90.00
_cell.angle_gamma   120.00
#
_symmetry.space_group_name_H-M   'P 65'
#
loop_
_entity.id
_entity.type
_entity.pdbx_description
1 polymer 'Tubulin alpha-1C chain'
2 polymer 'Tubulin beta-2B chain'
3 polymer Stathmin-4
4 non-polymer 'MAGNESIUM ION'
5 non-polymer 2-MERCAPTO-N-[1,2,3,10-TETRAMETHOXY-9-OXO-5,6,7,9-TETRAHYDRO-BENZO[A]HEPTALEN-7-YL]ACETAMIDE
6 non-polymer 'Phomopsin A'
7 non-polymer "GUANOSINE-5'-TRIPHOSPHATE"
8 non-polymer "GUANOSINE-5'-DIPHOSPHATE"
#
loop_
_entity_poly.entity_id
_entity_poly.type
_entity_poly.pdbx_seq_one_letter_code
_entity_poly.pdbx_strand_id
1 'polypeptide(L)'
;MRECISIHVGQAGVQIGNACWELYCLEHGIQPDGQMPSDKTIGGGDDSFNTFFSETGAGKHVPRAVFVDLEPTVIDEVRT
GTYRQLFHPEQLISGKEDAANNYARGHYTIGKEIIDLVLDRVRKLADQCTGLQGFLVFHSFGGGTGSGFTSLLMERLSVD
YGKKSKLEFSIYPAPQVSTAVVEPYNSILTTHTTLEHSDCAFMVDNEAIYDICRRNLDIERPTYTNLNRLMSQIVSSITA
SLRFDGALNVDLTEFQTNLVPYPRIHFPLATYAPVISAEKAYHEQLSVAEITNACFEPANQMVKCDPRHGKYMACCLLYR
GDVVPKDVNAAIATIKTKRTIQFVDWCPTGFKVGINYQPPTVVPGGDLAKVQRAVCMLSNTTAVAEAWARLDHKFDLMYA
KRAFVHWYVGEGMEEGEFSEAREDMAALEKDYEEVGADSYEDEDEGEEY
;
A,C
2 'polypeptide(L)'
;MREIVHIQAGQCGNQIGAKFWEVISDEHGIDPTGSYHGDSDLQLERINVYYNEATGNKYVPRAILVDLEPGTMDSVRSGP
FGQIFRPDNFVFGQSGAGNNWAKGHYTEGAELVDSVLDVVRKESESCDCLQGFQLTHSLGGGTGSGMGTLLISKIREEYP
DRIMNTFSVMPSPKVSDTVVEPYNATLSVHQLVENTDETYSIDNEALYDICFRTLKLTTPTYGDLNHLVSATMSGVTTCL
RFPGQLNADLRKLAVNMVPFPRLHFFMPGFAPLTSRGSQQYRALTVPELTQQMFDSKNMMAACDPRHGRYLTVAAVFRGR
MSMKEVDEQMLNVQNKNSSYFVEWIPNNVKTAVCDIPPRGLKMSATFIGNSTAIQELFKRISEQFTAMFRRKAFLHWYTG
EGMDEMEFTEAESNMNDLVSEYQQYQDATADEQGEFEEEEGEDEA
;
B,D
3 'polypeptide(L)'
;ADMEVIELNKCTSGQSFEVILKPPSFDGVPEFNASLPRRRDPSLEEIQKKLEAAEERRKYQEAELLKHLAEKREHEREVI
QKAIEENNNFIKMAKEKLAQKMESNKENREAHLAAMLERLQEKDKHAEEVRKNKELKEEASR
;
E
#
# COMPACT_ATOMS: atom_id res chain seq x y z
N ARG A 2 -36.26 62.05 -29.54
CA ARG A 2 -35.18 63.06 -29.71
C ARG A 2 -33.79 62.41 -29.91
N GLU A 3 -33.40 61.57 -28.95
CA GLU A 3 -32.06 60.92 -28.93
C GLU A 3 -32.09 59.49 -28.37
N CYS A 4 -31.10 58.69 -28.76
CA CYS A 4 -31.17 57.23 -28.64
C CYS A 4 -29.87 56.53 -28.15
N ILE A 5 -29.99 55.68 -27.13
CA ILE A 5 -28.83 55.00 -26.58
C ILE A 5 -28.78 53.54 -26.96
N SER A 6 -27.61 53.08 -27.33
CA SER A 6 -27.47 51.68 -27.58
C SER A 6 -26.66 50.92 -26.48
N ILE A 7 -27.35 50.08 -25.70
CA ILE A 7 -26.72 49.22 -24.73
C ILE A 7 -26.47 47.85 -25.33
N HIS A 8 -25.21 47.48 -25.48
CA HIS A 8 -24.87 46.09 -25.83
C HIS A 8 -24.34 45.20 -24.69
N VAL A 9 -25.01 44.10 -24.46
CA VAL A 9 -24.63 43.30 -23.34
C VAL A 9 -24.50 41.90 -23.85
N GLY A 10 -23.42 41.23 -23.47
CA GLY A 10 -23.25 39.83 -23.81
C GLY A 10 -22.56 39.62 -25.12
N GLN A 11 -21.74 38.58 -25.20
CA GLN A 11 -20.92 38.25 -26.39
C GLN A 11 -21.59 38.47 -27.75
N ALA A 12 -22.77 37.90 -27.89
CA ALA A 12 -23.54 38.11 -29.07
C ALA A 12 -23.81 39.60 -29.16
N GLY A 13 -24.61 40.11 -28.21
CA GLY A 13 -25.02 41.51 -28.20
C GLY A 13 -23.94 42.45 -28.70
N VAL A 14 -22.76 42.34 -28.08
CA VAL A 14 -21.61 43.14 -28.44
C VAL A 14 -21.20 42.93 -29.92
N GLN A 15 -21.07 41.68 -30.38
CA GLN A 15 -20.55 41.44 -31.75
C GLN A 15 -21.50 41.93 -32.83
N ILE A 16 -22.79 41.85 -32.53
CA ILE A 16 -23.85 42.40 -33.37
C ILE A 16 -23.74 43.90 -33.33
N GLY A 17 -23.50 44.42 -32.12
CA GLY A 17 -23.34 45.84 -31.91
C GLY A 17 -22.20 46.33 -32.76
N ASN A 18 -20.99 45.83 -32.45
CA ASN A 18 -19.78 46.29 -33.11
C ASN A 18 -19.90 46.24 -34.65
N ALA A 19 -20.45 45.13 -35.16
CA ALA A 19 -20.60 44.92 -36.62
C ALA A 19 -21.88 45.53 -37.26
N CYS A 20 -22.74 46.07 -36.43
CA CYS A 20 -23.84 46.81 -36.92
C CYS A 20 -23.46 48.25 -36.81
N TRP A 21 -22.96 48.70 -35.66
CA TRP A 21 -22.47 50.10 -35.52
C TRP A 21 -21.50 50.45 -36.65
N GLU A 22 -20.92 49.45 -37.29
CA GLU A 22 -20.08 49.77 -38.40
C GLU A 22 -20.93 50.21 -39.61
N LEU A 23 -22.06 49.55 -39.84
CA LEU A 23 -22.98 49.88 -40.95
C LEU A 23 -23.69 51.22 -40.76
N TYR A 24 -23.71 51.65 -39.51
CA TYR A 24 -24.14 52.97 -39.13
C TYR A 24 -23.18 53.98 -39.75
N CYS A 25 -21.88 53.82 -39.47
CA CYS A 25 -20.81 54.72 -39.95
C CYS A 25 -20.71 54.75 -41.42
N LEU A 26 -20.88 53.58 -42.01
CA LEU A 26 -20.71 53.43 -43.42
C LEU A 26 -21.85 54.06 -44.14
N GLU A 27 -22.84 54.53 -43.38
CA GLU A 27 -24.07 55.12 -43.94
C GLU A 27 -24.08 56.63 -43.80
N HIS A 28 -23.56 57.09 -42.68
CA HIS A 28 -23.47 58.52 -42.46
C HIS A 28 -22.08 59.05 -42.77
N GLY A 29 -21.19 58.12 -43.16
CA GLY A 29 -19.84 58.45 -43.58
C GLY A 29 -18.98 58.88 -42.42
N ILE A 30 -18.77 57.98 -41.46
CA ILE A 30 -17.79 58.26 -40.44
C ILE A 30 -16.60 57.36 -40.62
N GLN A 31 -15.47 57.98 -40.95
CA GLN A 31 -14.19 57.32 -40.86
C GLN A 31 -14.03 56.92 -39.38
N PRO A 32 -13.63 55.67 -39.07
CA PRO A 32 -13.26 55.29 -37.70
C PRO A 32 -12.77 56.47 -36.87
N ASP A 33 -11.57 56.98 -37.14
CA ASP A 33 -11.14 58.26 -36.59
C ASP A 33 -12.38 58.94 -35.99
N GLY A 34 -13.15 59.60 -36.84
CA GLY A 34 -14.35 60.26 -36.38
C GLY A 34 -15.02 61.14 -37.39
N GLN A 35 -14.32 62.16 -37.91
CA GLN A 35 -14.95 63.24 -38.70
C GLN A 35 -15.61 62.79 -40.02
N MET A 36 -16.77 63.37 -40.31
CA MET A 36 -17.52 63.01 -41.49
C MET A 36 -17.52 64.25 -42.32
N PRO A 37 -16.39 64.56 -42.98
CA PRO A 37 -16.22 65.90 -43.59
C PRO A 37 -17.29 66.16 -44.67
N SER A 48 -30.01 65.91 -38.40
CA SER A 48 -30.95 64.79 -38.33
C SER A 48 -30.29 63.42 -38.14
N PHE A 49 -28.96 63.37 -38.33
CA PHE A 49 -28.12 62.16 -38.19
C PHE A 49 -27.56 61.95 -36.77
N ASN A 50 -27.45 63.03 -36.01
CA ASN A 50 -27.05 62.95 -34.62
C ASN A 50 -28.06 62.14 -33.76
N THR A 51 -29.13 61.58 -34.37
CA THR A 51 -30.12 60.77 -33.63
C THR A 51 -29.45 59.72 -32.71
N PHE A 52 -28.32 59.15 -33.14
CA PHE A 52 -27.60 58.15 -32.35
C PHE A 52 -26.32 58.68 -31.78
N PHE A 53 -25.66 59.57 -32.49
CA PHE A 53 -24.36 60.05 -32.03
C PHE A 53 -24.45 61.42 -31.41
N SER A 54 -23.46 61.74 -30.55
CA SER A 54 -23.25 63.09 -30.01
C SER A 54 -21.90 63.56 -30.49
N GLU A 55 -21.82 64.81 -30.93
CA GLU A 55 -20.59 65.32 -31.57
C GLU A 55 -19.55 65.73 -30.55
N THR A 56 -18.33 65.24 -30.75
CA THR A 56 -17.28 65.41 -29.77
C THR A 56 -16.45 66.62 -30.10
N GLY A 57 -15.68 67.06 -29.09
CA GLY A 57 -14.75 68.18 -29.15
C GLY A 57 -14.88 68.93 -30.45
N ALA A 58 -14.01 68.61 -31.40
CA ALA A 58 -14.09 69.15 -32.76
C ALA A 58 -13.38 68.25 -33.79
N GLY A 59 -14.04 67.17 -34.16
CA GLY A 59 -13.47 66.18 -35.05
C GLY A 59 -14.22 64.86 -34.95
N LYS A 60 -14.10 64.20 -33.78
CA LYS A 60 -14.69 62.87 -33.51
C LYS A 60 -16.21 62.86 -33.64
N HIS A 61 -16.79 61.71 -33.95
CA HIS A 61 -18.24 61.69 -33.96
C HIS A 61 -18.97 60.80 -32.93
N VAL A 62 -18.28 59.82 -32.34
CA VAL A 62 -18.74 59.02 -31.17
C VAL A 62 -20.24 58.67 -30.99
N PRO A 63 -20.55 57.38 -31.02
CA PRO A 63 -21.90 56.86 -30.78
C PRO A 63 -22.41 57.15 -29.40
N ARG A 64 -23.72 57.06 -29.25
CA ARG A 64 -24.32 57.01 -27.93
C ARG A 64 -24.52 55.54 -27.58
N ALA A 65 -23.46 54.97 -27.03
CA ALA A 65 -23.34 53.54 -26.88
C ALA A 65 -22.85 53.10 -25.48
N VAL A 66 -23.26 51.91 -25.03
CA VAL A 66 -22.56 51.22 -23.95
C VAL A 66 -22.38 49.80 -24.35
N PHE A 67 -21.16 49.29 -24.18
CA PHE A 67 -20.86 47.89 -24.41
C PHE A 67 -20.41 47.28 -23.11
N VAL A 68 -21.07 46.22 -22.73
CA VAL A 68 -20.94 45.68 -21.42
C VAL A 68 -20.96 44.21 -21.50
N ASP A 69 -19.86 43.65 -21.04
CA ASP A 69 -19.71 42.22 -20.90
C ASP A 69 -18.97 41.89 -19.63
N LEU A 70 -19.12 40.66 -19.16
CA LEU A 70 -18.50 40.23 -17.92
C LEU A 70 -17.18 39.48 -18.15
N GLU A 71 -16.75 39.35 -19.41
CA GLU A 71 -15.39 38.89 -19.76
C GLU A 71 -14.64 40.09 -20.38
N PRO A 72 -13.38 39.93 -20.76
CA PRO A 72 -12.77 40.87 -21.69
C PRO A 72 -12.99 40.35 -23.09
N THR A 73 -12.02 39.70 -23.72
CA THR A 73 -12.20 39.12 -25.05
C THR A 73 -12.98 40.04 -25.99
N VAL A 74 -14.31 39.87 -25.98
CA VAL A 74 -15.22 40.50 -26.94
C VAL A 74 -15.02 41.98 -27.12
N ILE A 75 -14.90 42.65 -25.99
CA ILE A 75 -14.81 44.08 -25.99
C ILE A 75 -13.39 44.51 -26.29
N ASP A 76 -12.42 43.70 -25.85
CA ASP A 76 -11.02 43.94 -26.18
C ASP A 76 -10.72 44.00 -27.70
N GLU A 77 -11.33 43.10 -28.45
CA GLU A 77 -11.17 43.14 -29.90
C GLU A 77 -11.83 44.40 -30.53
N VAL A 78 -12.78 45.06 -29.85
CA VAL A 78 -13.27 46.38 -30.29
C VAL A 78 -12.21 47.43 -29.96
N ARG A 79 -11.56 47.28 -28.81
CA ARG A 79 -10.43 48.13 -28.42
C ARG A 79 -9.16 47.77 -29.20
N THR A 80 -9.25 46.74 -30.05
CA THR A 80 -8.15 46.36 -30.96
C THR A 80 -8.33 46.74 -32.48
N GLY A 81 -9.33 46.14 -33.13
CA GLY A 81 -9.62 46.36 -34.54
C GLY A 81 -9.99 47.81 -34.69
N THR A 82 -9.48 48.45 -35.73
CA THR A 82 -9.93 49.81 -36.07
C THR A 82 -11.42 49.94 -35.77
N TYR A 83 -11.80 51.17 -35.42
CA TYR A 83 -12.97 51.47 -34.57
C TYR A 83 -12.43 51.74 -33.14
N ARG A 84 -11.34 51.04 -32.79
CA ARG A 84 -10.56 51.30 -31.59
C ARG A 84 -10.57 52.78 -31.32
N GLN A 85 -10.75 53.54 -32.41
CA GLN A 85 -10.70 54.98 -32.43
C GLN A 85 -12.04 55.64 -32.29
N LEU A 86 -13.09 54.84 -32.27
CA LEU A 86 -14.41 55.41 -32.38
C LEU A 86 -15.04 55.70 -31.05
N PHE A 87 -14.60 55.03 -30.02
CA PHE A 87 -15.33 55.18 -28.78
C PHE A 87 -14.52 55.90 -27.69
N HIS A 88 -15.21 56.42 -26.67
CA HIS A 88 -14.56 56.77 -25.39
C HIS A 88 -14.30 55.44 -24.68
N PRO A 89 -13.12 55.24 -24.11
CA PRO A 89 -12.81 53.92 -23.56
C PRO A 89 -13.81 53.63 -22.45
N GLU A 90 -14.55 54.67 -22.09
CA GLU A 90 -15.49 54.61 -20.99
C GLU A 90 -16.77 53.88 -21.33
N GLN A 91 -17.14 53.92 -22.59
CA GLN A 91 -18.38 53.32 -23.03
C GLN A 91 -18.24 51.80 -23.10
N LEU A 92 -17.02 51.32 -22.96
CA LEU A 92 -16.67 49.91 -23.05
C LEU A 92 -16.43 49.30 -21.68
N ILE A 93 -17.48 48.72 -21.10
CA ILE A 93 -17.34 48.14 -19.78
C ILE A 93 -17.13 46.64 -19.79
N SER A 94 -15.95 46.24 -19.29
CA SER A 94 -15.52 44.83 -19.19
C SER A 94 -15.30 44.45 -17.75
N GLY A 95 -15.44 43.18 -17.49
CA GLY A 95 -15.73 42.83 -16.13
C GLY A 95 -15.11 41.61 -15.54
N LYS A 96 -13.84 41.33 -15.86
CA LYS A 96 -13.09 40.25 -15.15
C LYS A 96 -13.73 38.84 -15.26
N GLU A 97 -14.48 38.39 -14.24
CA GLU A 97 -15.01 37.01 -14.23
C GLU A 97 -16.31 36.79 -15.01
N ASP A 98 -16.30 35.73 -15.79
CA ASP A 98 -17.35 35.46 -16.73
C ASP A 98 -18.66 35.00 -16.11
N ALA A 99 -19.74 35.28 -16.80
CA ALA A 99 -21.09 34.86 -16.44
C ALA A 99 -21.34 33.37 -16.58
N ALA A 100 -20.34 32.64 -17.02
CA ALA A 100 -20.41 31.18 -17.13
C ALA A 100 -21.78 30.56 -17.53
N ASN A 101 -22.49 31.19 -18.47
CA ASN A 101 -23.63 30.54 -19.10
C ASN A 101 -24.85 30.29 -18.23
N ASN A 102 -25.16 31.19 -17.31
CA ASN A 102 -26.42 31.06 -16.59
C ASN A 102 -27.02 32.31 -15.97
N TYR A 103 -28.34 32.38 -16.12
CA TYR A 103 -29.12 33.51 -15.71
C TYR A 103 -28.83 33.75 -14.23
N ALA A 104 -28.62 32.67 -13.51
CA ALA A 104 -28.20 32.75 -12.13
C ALA A 104 -27.05 33.72 -11.93
N ARG A 105 -26.02 33.51 -12.71
CA ARG A 105 -24.81 34.28 -12.58
C ARG A 105 -25.12 35.72 -12.89
N GLY A 106 -25.39 36.01 -14.15
CA GLY A 106 -25.66 37.37 -14.55
C GLY A 106 -26.48 38.15 -13.53
N HIS A 107 -27.68 37.66 -13.26
CA HIS A 107 -28.69 38.43 -12.55
C HIS A 107 -28.50 38.58 -11.03
N TYR A 108 -27.56 37.85 -10.45
CA TYR A 108 -27.50 37.77 -9.00
C TYR A 108 -26.10 37.86 -8.39
N THR A 109 -25.26 36.91 -8.78
CA THR A 109 -23.89 36.84 -8.34
C THR A 109 -23.10 37.91 -9.03
N ILE A 110 -22.31 37.49 -10.02
CA ILE A 110 -21.32 38.36 -10.64
C ILE A 110 -21.90 39.57 -11.40
N GLY A 111 -23.23 39.61 -11.58
CA GLY A 111 -23.87 40.76 -12.17
C GLY A 111 -23.91 41.95 -11.23
N LYS A 112 -24.59 41.78 -10.11
CA LYS A 112 -24.66 42.80 -9.05
C LYS A 112 -23.45 43.71 -8.97
N GLU A 113 -22.29 43.19 -9.37
CA GLU A 113 -21.00 43.82 -9.14
C GLU A 113 -20.66 44.97 -10.07
N ILE A 114 -21.23 44.91 -11.27
CA ILE A 114 -20.81 45.79 -12.35
C ILE A 114 -21.95 46.70 -12.74
N ILE A 115 -23.15 46.29 -12.34
CA ILE A 115 -24.43 46.93 -12.67
C ILE A 115 -24.54 48.41 -12.27
N ASP A 116 -23.89 48.78 -11.18
CA ASP A 116 -23.93 50.14 -10.67
C ASP A 116 -22.98 51.02 -11.41
N LEU A 117 -21.97 50.40 -12.02
CA LEU A 117 -20.95 51.10 -12.79
C LEU A 117 -21.42 51.39 -14.22
N VAL A 118 -21.97 50.37 -14.84
CA VAL A 118 -22.64 50.53 -16.11
C VAL A 118 -23.62 51.66 -15.92
N LEU A 119 -24.62 51.41 -15.08
CA LEU A 119 -25.75 52.32 -14.88
C LEU A 119 -25.35 53.76 -14.69
N ASP A 120 -24.12 53.94 -14.24
CA ASP A 120 -23.53 55.25 -14.20
C ASP A 120 -23.29 55.78 -15.62
N ARG A 121 -22.37 55.18 -16.39
CA ARG A 121 -21.96 55.76 -17.70
C ARG A 121 -23.13 55.89 -18.68
N VAL A 122 -24.14 55.04 -18.45
CA VAL A 122 -25.43 55.07 -19.13
C VAL A 122 -26.00 56.47 -18.92
N ARG A 123 -26.25 56.83 -17.66
CA ARG A 123 -26.68 58.18 -17.32
C ARG A 123 -25.77 59.24 -17.92
N LYS A 124 -24.50 59.20 -17.53
CA LYS A 124 -23.44 60.04 -18.08
C LYS A 124 -23.55 60.34 -19.58
N LEU A 125 -24.34 59.51 -20.28
CA LEU A 125 -24.55 59.62 -21.71
C LEU A 125 -25.86 60.27 -22.10
N ALA A 126 -26.97 59.77 -21.56
CA ALA A 126 -28.26 60.39 -21.80
C ALA A 126 -28.34 61.72 -21.05
N ASP A 127 -27.31 62.02 -20.26
CA ASP A 127 -27.26 63.26 -19.49
C ASP A 127 -27.01 64.44 -20.44
N GLN A 128 -26.14 64.22 -21.42
CA GLN A 128 -25.87 65.18 -22.50
C GLN A 128 -26.66 64.78 -23.78
N CYS A 129 -27.81 65.41 -23.95
CA CYS A 129 -28.92 64.83 -24.69
C CYS A 129 -30.14 65.50 -24.07
N THR A 130 -30.71 66.47 -24.75
CA THR A 130 -31.87 67.15 -24.16
C THR A 130 -33.20 66.62 -24.71
N GLY A 131 -33.66 65.55 -24.07
CA GLY A 131 -34.87 64.85 -24.44
C GLY A 131 -34.65 63.43 -24.93
N LEU A 132 -33.88 62.63 -24.19
CA LEU A 132 -33.70 61.23 -24.54
C LEU A 132 -35.06 60.52 -24.59
N GLN A 133 -35.25 59.70 -25.61
CA GLN A 133 -36.54 59.06 -25.86
C GLN A 133 -36.48 57.51 -25.72
N GLY A 134 -35.33 56.97 -25.36
CA GLY A 134 -35.33 55.58 -24.98
C GLY A 134 -34.12 54.74 -25.34
N PHE A 135 -34.28 53.44 -25.12
CA PHE A 135 -33.17 52.50 -25.21
C PHE A 135 -33.39 51.36 -26.15
N LEU A 136 -32.30 50.98 -26.78
CA LEU A 136 -32.25 49.86 -27.69
C LEU A 136 -31.28 48.89 -27.06
N VAL A 137 -31.78 47.85 -26.43
CA VAL A 137 -30.88 46.91 -25.77
C VAL A 137 -30.67 45.69 -26.64
N PHE A 138 -29.43 45.38 -26.96
CA PHE A 138 -29.11 44.17 -27.72
C PHE A 138 -28.53 43.11 -26.78
N HIS A 139 -28.97 41.85 -26.88
CA HIS A 139 -28.51 40.73 -26.03
C HIS A 139 -28.86 39.32 -26.54
N SER A 140 -28.08 38.33 -26.10
CA SER A 140 -28.30 36.94 -26.48
C SER A 140 -29.49 36.42 -25.72
N PHE A 141 -30.36 35.66 -26.37
CA PHE A 141 -31.58 35.28 -25.66
C PHE A 141 -31.19 34.38 -24.54
N GLY A 142 -30.46 33.35 -24.88
CA GLY A 142 -29.96 32.42 -23.89
C GLY A 142 -28.49 32.66 -23.70
N GLY A 143 -27.91 31.96 -22.74
CA GLY A 143 -26.52 32.12 -22.39
C GLY A 143 -26.29 33.21 -21.35
N GLY A 144 -25.13 33.14 -20.69
CA GLY A 144 -24.78 33.88 -19.49
C GLY A 144 -25.25 35.31 -19.27
N THR A 145 -24.37 36.25 -19.51
CA THR A 145 -24.67 37.63 -19.17
C THR A 145 -25.73 38.23 -20.09
N GLY A 146 -25.90 37.60 -21.26
CA GLY A 146 -26.87 38.05 -22.27
C GLY A 146 -28.29 37.98 -21.77
N SER A 147 -28.52 36.99 -20.90
CA SER A 147 -29.82 36.73 -20.27
C SER A 147 -29.87 37.26 -18.86
N GLY A 148 -28.83 36.92 -18.10
CA GLY A 148 -28.77 37.31 -16.69
C GLY A 148 -28.73 38.80 -16.47
N PHE A 149 -27.63 39.43 -16.93
CA PHE A 149 -27.37 40.85 -16.72
C PHE A 149 -28.44 41.72 -17.36
N THR A 150 -28.63 41.53 -18.66
CA THR A 150 -29.73 42.12 -19.41
C THR A 150 -30.98 42.34 -18.54
N SER A 151 -31.53 41.26 -18.02
CA SER A 151 -32.68 41.33 -17.16
C SER A 151 -32.42 42.35 -16.08
N LEU A 152 -31.43 42.10 -15.25
CA LEU A 152 -31.08 43.04 -14.18
C LEU A 152 -30.86 44.46 -14.68
N LEU A 153 -30.27 44.61 -15.87
CA LEU A 153 -30.12 45.90 -16.48
C LEU A 153 -31.51 46.46 -16.67
N MET A 154 -32.34 45.70 -17.38
CA MET A 154 -33.69 46.10 -17.71
C MET A 154 -34.50 46.45 -16.48
N GLU A 155 -34.54 45.55 -15.52
CA GLU A 155 -35.27 45.81 -14.28
C GLU A 155 -34.98 47.27 -13.93
N ARG A 156 -33.70 47.59 -13.81
CA ARG A 156 -33.28 48.83 -13.22
C ARG A 156 -33.52 50.07 -14.08
N LEU A 157 -33.35 49.96 -15.38
CA LEU A 157 -33.57 51.10 -16.27
C LEU A 157 -35.00 51.60 -16.09
N SER A 158 -35.95 50.65 -16.13
CA SER A 158 -37.38 50.91 -15.96
C SER A 158 -37.68 51.59 -14.65
N VAL A 159 -36.62 51.94 -13.94
CA VAL A 159 -36.71 52.59 -12.65
C VAL A 159 -36.12 53.99 -12.76
N ASP A 160 -34.82 54.05 -13.05
CA ASP A 160 -34.11 55.33 -13.08
C ASP A 160 -34.65 56.19 -14.26
N TYR A 161 -35.33 55.54 -15.23
CA TYR A 161 -35.97 56.22 -16.39
C TYR A 161 -37.38 55.73 -16.68
N GLY A 162 -38.36 56.20 -15.90
CA GLY A 162 -39.73 55.69 -15.99
C GLY A 162 -40.32 55.59 -17.39
N LYS A 163 -40.52 56.76 -17.99
CA LYS A 163 -41.12 56.96 -19.32
C LYS A 163 -40.37 56.17 -20.44
N LYS A 164 -39.43 56.87 -21.08
CA LYS A 164 -38.49 56.36 -22.09
C LYS A 164 -38.60 54.87 -22.33
N SER A 165 -39.15 54.51 -23.48
CA SER A 165 -39.40 53.12 -23.81
C SER A 165 -38.14 52.32 -24.16
N LYS A 166 -38.34 51.03 -24.28
CA LYS A 166 -37.24 50.12 -24.43
C LYS A 166 -37.51 49.11 -25.55
N LEU A 167 -36.54 48.94 -26.44
CA LEU A 167 -36.65 48.02 -27.54
C LEU A 167 -35.58 46.99 -27.41
N GLU A 168 -35.98 45.75 -27.14
CA GLU A 168 -35.00 44.67 -27.14
C GLU A 168 -34.85 43.99 -28.52
N PHE A 169 -33.60 43.76 -28.91
CA PHE A 169 -33.23 42.96 -30.07
C PHE A 169 -32.60 41.71 -29.49
N SER A 170 -33.31 40.60 -29.53
CA SER A 170 -32.88 39.36 -28.88
C SER A 170 -32.50 38.30 -29.89
N ILE A 171 -31.37 37.65 -29.64
CA ILE A 171 -30.89 36.61 -30.53
C ILE A 171 -31.31 35.25 -29.98
N TYR A 172 -32.54 34.87 -30.38
CA TYR A 172 -33.19 33.59 -30.05
C TYR A 172 -32.38 32.45 -30.66
N PRO A 173 -31.91 31.56 -29.78
CA PRO A 173 -30.88 30.59 -30.14
C PRO A 173 -31.43 29.30 -30.76
N ALA A 174 -30.90 29.04 -31.94
CA ALA A 174 -31.16 27.83 -32.75
C ALA A 174 -30.14 26.70 -32.46
N PRO A 175 -30.69 25.48 -32.33
CA PRO A 175 -29.92 24.24 -32.13
C PRO A 175 -28.46 24.22 -32.65
N GLN A 176 -28.26 24.34 -33.96
CA GLN A 176 -26.92 24.22 -34.57
C GLN A 176 -25.94 25.38 -34.30
N VAL A 177 -26.27 26.61 -34.71
CA VAL A 177 -25.38 27.76 -34.49
C VAL A 177 -25.11 28.08 -33.02
N SER A 178 -23.97 27.50 -32.62
CA SER A 178 -23.60 27.07 -31.25
C SER A 178 -24.35 27.52 -29.95
N THR A 179 -25.37 26.74 -29.56
CA THR A 179 -26.04 26.98 -28.29
C THR A 179 -25.23 26.34 -27.19
N ALA A 180 -25.94 25.54 -26.41
CA ALA A 180 -25.44 24.88 -25.20
C ALA A 180 -26.64 24.45 -24.37
N VAL A 181 -26.87 23.15 -24.31
CA VAL A 181 -27.68 22.54 -23.27
C VAL A 181 -28.61 23.45 -22.45
N VAL A 182 -28.01 24.17 -21.49
CA VAL A 182 -28.72 24.95 -20.48
C VAL A 182 -29.53 26.16 -21.01
N GLU A 183 -29.35 26.51 -22.28
CA GLU A 183 -29.96 27.69 -22.90
C GLU A 183 -31.45 27.90 -22.67
N PRO A 184 -32.26 26.90 -23.02
CA PRO A 184 -33.71 27.00 -22.81
C PRO A 184 -33.98 27.65 -21.46
N TYR A 185 -33.41 27.09 -20.40
CA TYR A 185 -33.54 27.64 -19.05
C TYR A 185 -33.31 29.13 -19.04
N ASN A 186 -32.19 29.54 -19.65
CA ASN A 186 -31.76 30.92 -19.62
C ASN A 186 -32.67 31.89 -20.35
N SER A 187 -33.11 31.52 -21.56
CA SER A 187 -34.04 32.35 -22.34
C SER A 187 -35.42 32.50 -21.65
N ILE A 188 -35.97 31.37 -21.20
CA ILE A 188 -37.23 31.30 -20.47
C ILE A 188 -37.16 32.12 -19.19
N LEU A 189 -36.07 31.93 -18.45
CA LEU A 189 -35.79 32.72 -17.26
C LEU A 189 -35.85 34.19 -17.50
N THR A 190 -34.92 34.72 -18.31
CA THR A 190 -34.83 36.16 -18.59
C THR A 190 -36.13 36.69 -19.14
N THR A 191 -36.65 35.98 -20.12
CA THR A 191 -37.70 36.52 -20.89
C THR A 191 -38.97 36.62 -20.05
N HIS A 192 -39.04 35.86 -18.96
CA HIS A 192 -40.10 36.08 -17.97
C HIS A 192 -39.85 37.41 -17.28
N THR A 193 -38.66 37.54 -16.70
CA THR A 193 -38.38 38.61 -15.75
C THR A 193 -38.02 39.87 -16.53
N THR A 194 -37.90 39.73 -17.84
CA THR A 194 -37.64 40.85 -18.72
C THR A 194 -38.93 41.60 -19.14
N LEU A 195 -39.96 40.81 -19.46
CA LEU A 195 -41.03 41.24 -20.36
C LEU A 195 -41.95 42.33 -19.86
N GLU A 196 -41.95 42.60 -18.56
CA GLU A 196 -42.76 43.72 -18.12
C GLU A 196 -41.98 45.03 -18.20
N HIS A 197 -40.66 44.94 -18.34
CA HIS A 197 -39.83 46.14 -18.34
C HIS A 197 -39.51 46.62 -19.75
N SER A 198 -39.84 45.76 -20.72
CA SER A 198 -39.64 45.99 -22.16
C SER A 198 -40.95 46.43 -22.82
N ASP A 199 -40.85 47.24 -23.89
CA ASP A 199 -42.03 47.78 -24.55
C ASP A 199 -42.34 47.04 -25.84
N CYS A 200 -41.27 46.70 -26.56
CA CYS A 200 -41.34 46.05 -27.87
C CYS A 200 -40.06 45.27 -28.14
N ALA A 201 -40.16 44.16 -28.87
CA ALA A 201 -39.05 43.24 -28.91
C ALA A 201 -38.83 42.44 -30.18
N PHE A 202 -37.69 42.72 -30.77
CA PHE A 202 -37.36 42.16 -32.05
C PHE A 202 -36.60 40.89 -31.85
N MET A 203 -37.34 39.80 -31.85
CA MET A 203 -36.72 38.49 -31.76
C MET A 203 -36.06 38.11 -33.07
N VAL A 204 -34.84 37.61 -33.00
CA VAL A 204 -34.13 37.22 -34.22
C VAL A 204 -33.55 35.84 -34.09
N ASP A 205 -34.27 34.86 -34.64
CA ASP A 205 -33.87 33.48 -34.59
C ASP A 205 -32.71 33.18 -35.52
N ASN A 206 -31.71 32.51 -34.98
CA ASN A 206 -30.46 32.28 -35.69
C ASN A 206 -30.59 31.34 -36.86
N GLU A 207 -31.13 30.16 -36.60
CA GLU A 207 -31.51 29.28 -37.67
C GLU A 207 -31.84 30.17 -38.83
N ALA A 208 -32.96 30.90 -38.76
CA ALA A 208 -33.46 31.62 -39.93
C ALA A 208 -32.45 32.55 -40.55
N ILE A 209 -31.56 33.14 -39.76
CA ILE A 209 -30.48 33.97 -40.33
C ILE A 209 -29.44 33.10 -40.98
N TYR A 210 -29.03 32.07 -40.24
CA TYR A 210 -28.12 31.05 -40.72
C TYR A 210 -28.63 30.45 -42.03
N ASP A 211 -29.90 30.05 -42.04
CA ASP A 211 -30.54 29.50 -43.23
C ASP A 211 -30.39 30.44 -44.41
N ILE A 212 -30.73 31.70 -44.20
CA ILE A 212 -30.67 32.66 -45.25
C ILE A 212 -29.26 32.60 -45.82
N CYS A 213 -28.29 32.45 -44.94
CA CYS A 213 -26.90 32.52 -45.37
C CYS A 213 -26.47 31.37 -46.26
N ARG A 214 -26.96 30.18 -45.96
CA ARG A 214 -26.67 29.04 -46.80
C ARG A 214 -27.41 29.25 -48.10
N ARG A 215 -28.63 29.77 -47.94
CA ARG A 215 -29.59 29.87 -49.00
C ARG A 215 -29.10 30.77 -50.14
N ASN A 216 -29.10 32.08 -49.89
CA ASN A 216 -28.89 33.09 -50.93
C ASN A 216 -27.45 33.59 -51.03
N LEU A 217 -26.86 33.80 -49.86
CA LEU A 217 -25.46 34.17 -49.72
C LEU A 217 -24.54 33.06 -50.15
N ASP A 218 -25.01 31.81 -50.02
CA ASP A 218 -24.29 30.62 -50.48
C ASP A 218 -22.98 30.46 -49.74
N ILE A 219 -23.06 30.33 -48.41
CA ILE A 219 -21.88 30.00 -47.62
C ILE A 219 -22.11 28.64 -46.99
N GLU A 220 -21.22 27.69 -47.30
CA GLU A 220 -21.32 26.41 -46.66
C GLU A 220 -21.27 26.58 -45.14
N ARG A 221 -20.53 27.58 -44.65
CA ARG A 221 -20.04 27.57 -43.26
C ARG A 221 -20.69 28.46 -42.25
N PRO A 222 -21.72 29.20 -42.61
CA PRO A 222 -22.08 30.50 -42.04
C PRO A 222 -21.31 31.08 -40.84
N THR A 223 -20.36 31.98 -41.11
CA THR A 223 -19.44 32.57 -40.12
C THR A 223 -20.14 33.44 -39.09
N TYR A 224 -19.63 33.48 -37.87
CA TYR A 224 -20.25 34.30 -36.85
C TYR A 224 -20.53 35.71 -37.31
N THR A 225 -19.49 36.36 -37.83
CA THR A 225 -19.60 37.72 -38.31
C THR A 225 -20.28 37.67 -39.65
N ASN A 226 -20.37 36.49 -40.25
CA ASN A 226 -21.19 36.30 -41.43
C ASN A 226 -22.68 36.57 -41.18
N LEU A 227 -23.12 36.20 -39.99
CA LEU A 227 -24.49 36.24 -39.58
C LEU A 227 -24.81 37.62 -39.16
N ASN A 228 -23.80 38.25 -38.65
CA ASN A 228 -24.03 39.53 -38.10
C ASN A 228 -24.26 40.53 -39.23
N ARG A 229 -23.33 40.64 -40.20
CA ARG A 229 -23.48 41.58 -41.33
C ARG A 229 -24.86 41.50 -41.85
N LEU A 230 -25.49 40.32 -41.71
CA LEU A 230 -26.85 40.14 -42.19
C LEU A 230 -27.77 40.88 -41.27
N MET A 231 -27.62 40.61 -40.01
CA MET A 231 -28.60 41.06 -39.10
C MET A 231 -28.50 42.54 -38.88
N SER A 232 -27.29 43.01 -38.84
CA SER A 232 -27.06 44.44 -38.76
C SER A 232 -27.88 45.21 -39.78
N GLN A 233 -28.10 44.57 -40.92
CA GLN A 233 -28.84 45.20 -42.00
C GLN A 233 -30.32 45.30 -41.60
N ILE A 234 -30.86 44.21 -41.10
CA ILE A 234 -32.19 44.26 -40.56
C ILE A 234 -32.20 45.39 -39.58
N VAL A 235 -31.28 45.32 -38.63
CA VAL A 235 -31.19 46.31 -37.56
C VAL A 235 -31.03 47.74 -38.08
N SER A 236 -30.23 47.94 -39.13
CA SER A 236 -30.17 49.25 -39.82
C SER A 236 -31.59 49.67 -40.23
N SER A 237 -32.28 48.78 -40.94
CA SER A 237 -33.56 49.11 -41.53
C SER A 237 -34.65 49.33 -40.48
N ILE A 238 -34.54 48.65 -39.34
CA ILE A 238 -35.51 48.84 -38.29
C ILE A 238 -35.36 50.14 -37.58
N THR A 239 -34.11 50.47 -37.23
CA THR A 239 -33.77 51.82 -36.77
C THR A 239 -33.95 52.67 -37.99
N ALA A 240 -32.97 53.51 -38.30
CA ALA A 240 -32.97 54.29 -39.55
C ALA A 240 -34.12 55.29 -39.65
N SER A 241 -35.37 54.80 -39.58
CA SER A 241 -36.52 55.71 -39.76
C SER A 241 -36.43 56.88 -38.76
N LEU A 242 -35.73 56.64 -37.64
CA LEU A 242 -35.50 57.64 -36.61
C LEU A 242 -34.09 58.26 -36.67
N ARG A 243 -33.28 57.83 -37.63
CA ARG A 243 -31.84 58.16 -37.74
C ARG A 243 -31.56 59.26 -38.79
N PHE A 244 -32.14 59.03 -39.97
CA PHE A 244 -32.18 59.97 -41.09
C PHE A 244 -33.50 60.78 -41.09
N ASP A 245 -34.46 60.31 -40.26
CA ASP A 245 -35.80 60.93 -40.05
C ASP A 245 -36.74 60.94 -41.28
N GLY A 246 -38.02 60.70 -41.02
CA GLY A 246 -38.96 60.38 -42.08
C GLY A 246 -39.80 59.21 -41.61
N ALA A 247 -41.08 59.48 -41.39
CA ALA A 247 -41.97 58.70 -40.48
C ALA A 247 -42.07 57.13 -40.56
N LEU A 248 -43.34 56.66 -40.52
CA LEU A 248 -43.78 55.30 -40.13
C LEU A 248 -43.44 54.96 -38.66
N ASN A 249 -42.33 55.54 -38.18
CA ASN A 249 -41.97 55.67 -36.76
C ASN A 249 -40.64 56.45 -36.65
N VAL A 250 -40.79 57.73 -36.31
CA VAL A 250 -39.71 58.72 -36.23
C VAL A 250 -39.12 58.72 -34.79
N ASP A 251 -39.92 58.16 -33.88
CA ASP A 251 -39.68 58.08 -32.44
C ASP A 251 -40.13 56.69 -31.90
N LEU A 252 -39.60 56.27 -30.75
CA LEU A 252 -39.79 54.90 -30.25
C LEU A 252 -41.19 54.54 -29.81
N THR A 253 -41.79 55.45 -29.05
CA THR A 253 -43.18 55.37 -28.67
C THR A 253 -44.10 55.29 -29.92
N GLU A 254 -43.52 55.29 -31.12
CA GLU A 254 -44.30 55.14 -32.36
C GLU A 254 -44.18 53.72 -32.84
N PHE A 255 -43.31 52.99 -32.16
CA PHE A 255 -43.07 51.60 -32.47
C PHE A 255 -44.21 50.78 -31.91
N GLN A 256 -44.39 50.86 -30.60
CA GLN A 256 -45.51 50.17 -29.95
C GLN A 256 -46.88 50.71 -30.34
N THR A 257 -46.94 51.92 -30.90
CA THR A 257 -48.20 52.45 -31.40
C THR A 257 -48.59 51.56 -32.55
N ASN A 258 -47.65 51.34 -33.46
CA ASN A 258 -47.96 50.58 -34.67
C ASN A 258 -47.79 49.05 -34.61
N LEU A 259 -46.96 48.58 -33.71
CA LEU A 259 -46.67 47.16 -33.75
C LEU A 259 -47.34 46.32 -32.66
N VAL A 260 -47.49 46.88 -31.47
CA VAL A 260 -47.99 46.09 -30.37
C VAL A 260 -49.28 46.66 -29.83
N PRO A 261 -50.29 45.83 -29.85
CA PRO A 261 -51.61 46.23 -29.40
C PRO A 261 -51.81 46.00 -27.90
N TYR A 262 -51.18 44.97 -27.33
CA TYR A 262 -51.48 44.51 -25.98
C TYR A 262 -50.24 44.52 -25.08
N PRO A 263 -50.35 45.07 -23.86
CA PRO A 263 -49.18 45.33 -23.02
C PRO A 263 -48.03 44.40 -23.40
N ARG A 264 -48.30 43.10 -23.42
CA ARG A 264 -47.28 42.05 -23.50
C ARG A 264 -46.39 42.13 -24.71
N ILE A 265 -45.47 43.12 -24.60
CA ILE A 265 -44.12 43.31 -25.27
C ILE A 265 -43.99 42.91 -26.75
N HIS A 266 -45.16 42.72 -27.36
CA HIS A 266 -45.31 41.84 -28.50
C HIS A 266 -44.12 41.86 -29.46
N PHE A 267 -43.77 40.65 -29.84
CA PHE A 267 -42.52 40.36 -30.49
C PHE A 267 -42.75 40.33 -31.99
N PRO A 268 -42.41 41.42 -32.69
CA PRO A 268 -42.58 41.51 -34.15
C PRO A 268 -41.57 40.63 -34.83
N LEU A 269 -41.95 40.02 -35.93
CA LEU A 269 -40.91 39.38 -36.69
C LEU A 269 -40.61 40.27 -37.87
N ALA A 270 -39.35 40.33 -38.27
CA ALA A 270 -38.95 41.12 -39.45
C ALA A 270 -38.73 40.25 -40.72
N THR A 271 -38.31 40.85 -41.83
CA THR A 271 -38.06 40.05 -43.04
C THR A 271 -37.23 40.79 -44.12
N TYR A 272 -35.96 41.07 -43.89
CA TYR A 272 -35.21 41.88 -44.86
C TYR A 272 -35.41 41.41 -46.27
N ALA A 273 -35.37 42.37 -47.18
CA ALA A 273 -35.76 42.18 -48.57
C ALA A 273 -34.81 41.37 -49.47
N PRO A 274 -33.97 42.04 -50.25
CA PRO A 274 -33.16 41.34 -51.24
C PRO A 274 -31.77 41.07 -50.69
N VAL A 275 -31.53 39.87 -50.18
CA VAL A 275 -30.17 39.51 -49.90
C VAL A 275 -29.73 38.85 -51.15
N ILE A 276 -28.70 39.38 -51.77
CA ILE A 276 -28.00 38.60 -52.78
C ILE A 276 -26.54 38.95 -52.91
N SER A 277 -25.76 37.93 -53.28
CA SER A 277 -24.31 37.89 -53.13
C SER A 277 -23.53 38.50 -54.31
N ALA A 278 -22.71 39.53 -54.05
CA ALA A 278 -21.79 40.04 -55.06
C ALA A 278 -21.15 38.83 -55.68
N GLU A 279 -21.02 38.84 -56.97
CA GLU A 279 -20.95 37.60 -57.74
C GLU A 279 -22.19 37.77 -58.57
N LYS A 280 -23.18 38.39 -57.93
CA LYS A 280 -24.49 38.62 -58.53
C LYS A 280 -24.85 40.09 -58.39
N ALA A 281 -23.85 40.90 -58.06
CA ALA A 281 -24.09 42.32 -57.84
C ALA A 281 -24.52 43.03 -59.12
N TYR A 282 -24.52 42.30 -60.23
CA TYR A 282 -24.80 42.86 -61.55
C TYR A 282 -25.91 42.11 -62.32
N HIS A 283 -26.79 41.43 -61.59
CA HIS A 283 -28.04 40.82 -62.13
C HIS A 283 -29.25 41.78 -61.92
N GLU A 284 -29.15 42.45 -60.76
CA GLU A 284 -30.15 43.24 -60.02
C GLU A 284 -30.87 44.47 -60.71
N GLN A 285 -31.09 45.53 -59.92
CA GLN A 285 -32.32 46.31 -59.98
C GLN A 285 -33.50 45.26 -59.88
N LEU A 286 -34.00 45.01 -58.65
CA LEU A 286 -35.01 43.97 -58.41
C LEU A 286 -36.44 44.52 -58.27
N SER A 287 -37.40 43.82 -58.90
CA SER A 287 -38.81 44.27 -59.07
C SER A 287 -39.40 44.93 -57.80
N VAL A 288 -39.69 46.23 -57.87
CA VAL A 288 -40.23 46.95 -56.71
C VAL A 288 -41.39 46.21 -56.12
N ALA A 289 -42.10 45.49 -56.99
CA ALA A 289 -43.11 44.53 -56.56
C ALA A 289 -42.46 43.37 -55.81
N GLU A 290 -41.53 42.69 -56.49
CA GLU A 290 -40.99 41.42 -56.02
C GLU A 290 -40.34 41.52 -54.65
N ILE A 291 -39.40 42.43 -54.48
CA ILE A 291 -38.76 42.61 -53.19
C ILE A 291 -39.81 42.48 -52.12
N THR A 292 -40.90 43.20 -52.31
CA THR A 292 -42.08 43.09 -51.46
C THR A 292 -42.51 41.66 -51.44
N ASN A 293 -42.80 41.16 -52.64
CA ASN A 293 -43.40 39.85 -52.79
C ASN A 293 -42.53 38.67 -52.40
N ALA A 294 -41.22 38.82 -52.40
CA ALA A 294 -40.40 37.72 -51.87
C ALA A 294 -40.17 37.89 -50.36
N CYS A 295 -40.47 39.08 -49.84
CA CYS A 295 -40.36 39.36 -48.41
C CYS A 295 -41.54 38.72 -47.66
N PHE A 296 -42.62 38.56 -48.40
CA PHE A 296 -43.75 37.80 -47.93
C PHE A 296 -43.50 36.35 -48.19
N GLU A 297 -42.52 35.84 -47.46
CA GLU A 297 -42.01 34.51 -47.68
C GLU A 297 -41.53 33.82 -46.39
N PRO A 298 -42.18 32.71 -46.03
CA PRO A 298 -41.70 31.84 -44.97
C PRO A 298 -40.20 31.65 -45.09
N ALA A 299 -39.73 31.45 -46.33
CA ALA A 299 -38.32 31.10 -46.59
C ALA A 299 -37.29 32.26 -46.40
N ASN A 300 -37.82 33.46 -46.17
CA ASN A 300 -37.01 34.64 -46.18
C ASN A 300 -37.20 35.34 -44.86
N GLN A 301 -37.49 34.57 -43.80
CA GLN A 301 -37.98 35.16 -42.55
C GLN A 301 -36.92 35.79 -41.61
N MET A 302 -37.03 35.44 -40.33
CA MET A 302 -36.28 36.03 -39.23
C MET A 302 -36.36 35.13 -38.02
N VAL A 303 -37.56 34.58 -37.81
CA VAL A 303 -37.88 33.59 -36.79
C VAL A 303 -38.41 32.35 -37.49
N LYS A 304 -38.02 31.20 -36.99
CA LYS A 304 -38.36 29.96 -37.66
C LYS A 304 -39.82 29.54 -37.33
N CYS A 305 -40.75 30.18 -38.02
CA CYS A 305 -42.16 29.82 -37.91
C CYS A 305 -42.73 29.84 -39.30
N ASP A 306 -44.05 30.00 -39.39
CA ASP A 306 -44.72 30.46 -40.62
C ASP A 306 -46.04 31.22 -40.34
N PRO A 307 -46.19 32.42 -40.92
CA PRO A 307 -47.37 33.27 -40.66
C PRO A 307 -48.59 32.91 -41.54
N ARG A 308 -48.51 31.74 -42.19
CA ARG A 308 -49.59 31.20 -42.98
C ARG A 308 -50.37 30.10 -42.23
N HIS A 309 -49.89 29.76 -41.01
CA HIS A 309 -50.64 28.95 -40.01
C HIS A 309 -50.77 29.71 -38.67
N GLY A 310 -51.14 30.98 -38.77
CA GLY A 310 -51.35 31.87 -37.65
C GLY A 310 -51.77 33.25 -38.16
N LYS A 311 -52.77 33.84 -37.51
CA LYS A 311 -53.30 35.13 -37.95
C LYS A 311 -52.33 36.32 -37.72
N TYR A 312 -52.52 37.39 -38.52
CA TYR A 312 -51.73 38.63 -38.51
C TYR A 312 -52.44 39.77 -37.72
N MET A 313 -51.70 40.54 -36.94
CA MET A 313 -52.28 41.58 -36.10
C MET A 313 -51.55 42.92 -36.10
N ALA A 314 -50.69 43.12 -37.10
CA ALA A 314 -50.13 44.44 -37.45
C ALA A 314 -48.96 44.34 -38.43
N CYS A 315 -49.26 44.54 -39.71
CA CYS A 315 -48.26 44.61 -40.76
C CYS A 315 -47.82 46.07 -40.94
N CYS A 316 -46.71 46.27 -41.65
CA CYS A 316 -45.89 47.48 -41.54
C CYS A 316 -44.56 47.33 -42.32
N LEU A 317 -44.54 47.81 -43.56
CA LEU A 317 -43.33 47.62 -44.34
C LEU A 317 -42.39 48.76 -44.15
N LEU A 318 -41.11 48.45 -44.09
CA LEU A 318 -40.09 49.49 -44.13
C LEU A 318 -39.29 49.35 -45.41
N TYR A 319 -39.45 50.35 -46.28
CA TYR A 319 -38.77 50.49 -47.60
C TYR A 319 -37.54 51.41 -47.54
N ARG A 320 -36.61 51.24 -48.49
CA ARG A 320 -35.41 52.06 -48.52
C ARG A 320 -34.93 52.18 -49.95
N GLY A 321 -34.51 53.37 -50.30
CA GLY A 321 -33.98 53.60 -51.63
C GLY A 321 -34.97 54.27 -52.58
N ASP A 322 -34.69 54.11 -53.87
CA ASP A 322 -35.43 54.75 -54.92
C ASP A 322 -36.78 54.04 -55.09
N VAL A 323 -37.78 54.51 -54.35
CA VAL A 323 -39.13 53.95 -54.44
C VAL A 323 -40.16 55.00 -54.11
N VAL A 324 -40.94 55.39 -55.12
CA VAL A 324 -42.09 56.33 -54.97
C VAL A 324 -43.37 55.51 -54.75
N PRO A 325 -44.25 55.97 -53.85
CA PRO A 325 -45.42 55.19 -53.43
C PRO A 325 -46.27 54.51 -54.52
N LYS A 326 -46.57 55.22 -55.62
CA LYS A 326 -47.45 54.70 -56.68
C LYS A 326 -47.16 53.24 -57.07
N ASP A 327 -46.01 52.73 -56.64
CA ASP A 327 -45.55 51.36 -56.85
C ASP A 327 -46.05 50.49 -55.73
N VAL A 328 -45.46 50.71 -54.58
CA VAL A 328 -45.82 50.02 -53.38
C VAL A 328 -47.27 49.73 -53.44
N ASN A 329 -48.02 50.77 -53.74
CA ASN A 329 -49.46 50.74 -53.60
C ASN A 329 -50.23 49.69 -54.38
N ALA A 330 -50.33 49.81 -55.70
CA ALA A 330 -50.93 48.75 -56.50
C ALA A 330 -49.97 47.52 -56.60
N ALA A 331 -48.89 47.53 -55.84
CA ALA A 331 -48.04 46.36 -55.70
C ALA A 331 -48.27 45.68 -54.35
N ILE A 332 -48.97 46.35 -53.45
CA ILE A 332 -49.49 45.72 -52.24
C ILE A 332 -50.80 45.05 -52.58
N ALA A 333 -51.65 45.73 -53.34
CA ALA A 333 -52.90 45.14 -53.80
C ALA A 333 -52.60 43.76 -54.35
N THR A 334 -51.51 43.63 -55.11
CA THR A 334 -51.15 42.37 -55.73
C THR A 334 -50.42 41.43 -54.76
N ILE A 335 -49.75 42.01 -53.78
CA ILE A 335 -49.23 41.23 -52.66
C ILE A 335 -50.39 40.76 -51.77
N LYS A 336 -51.61 40.92 -52.27
CA LYS A 336 -52.80 40.54 -51.51
C LYS A 336 -53.53 39.44 -52.21
N THR A 337 -53.81 39.65 -53.50
CA THR A 337 -54.72 38.76 -54.24
C THR A 337 -54.13 37.37 -54.51
N LYS A 338 -52.86 37.27 -54.88
CA LYS A 338 -52.27 35.94 -54.95
C LYS A 338 -51.56 35.56 -53.62
N ARG A 339 -52.18 35.88 -52.46
CA ARG A 339 -51.59 35.58 -51.11
C ARG A 339 -52.57 35.22 -49.96
N THR A 340 -52.02 34.47 -48.99
CA THR A 340 -52.70 34.10 -47.73
C THR A 340 -52.63 35.31 -46.81
N ILE A 341 -53.68 36.14 -46.91
CA ILE A 341 -53.77 37.45 -46.26
C ILE A 341 -53.63 37.38 -44.72
N GLN A 342 -54.67 36.83 -44.06
CA GLN A 342 -54.70 36.39 -42.62
C GLN A 342 -54.89 37.43 -41.50
N PHE A 343 -55.76 38.42 -41.70
CA PHE A 343 -55.86 39.50 -40.72
C PHE A 343 -56.88 39.25 -39.64
N VAL A 344 -56.41 39.29 -38.40
CA VAL A 344 -57.17 38.74 -37.27
C VAL A 344 -58.37 39.58 -36.86
N ASP A 345 -59.54 39.10 -37.27
CA ASP A 345 -60.83 39.64 -36.87
C ASP A 345 -60.95 41.18 -36.87
N TRP A 346 -60.07 41.86 -36.12
CA TRP A 346 -60.27 43.26 -35.73
C TRP A 346 -59.12 44.27 -35.97
N CYS A 347 -58.01 43.85 -36.55
CA CYS A 347 -56.90 44.78 -36.82
C CYS A 347 -56.92 45.20 -38.30
N PRO A 348 -57.44 46.40 -38.60
CA PRO A 348 -57.94 46.73 -39.93
C PRO A 348 -57.54 45.75 -41.05
N THR A 349 -56.60 46.21 -41.87
CA THR A 349 -55.86 45.40 -42.82
C THR A 349 -54.65 46.30 -43.01
N GLY A 350 -53.74 46.26 -42.03
CA GLY A 350 -52.68 47.25 -41.84
C GLY A 350 -51.86 47.78 -42.99
N PHE A 351 -50.56 47.50 -42.95
CA PHE A 351 -49.56 48.14 -43.81
C PHE A 351 -49.48 49.64 -43.59
N LYS A 352 -48.70 50.02 -42.59
CA LYS A 352 -48.21 51.37 -42.49
C LYS A 352 -46.81 51.26 -43.12
N VAL A 353 -46.54 52.06 -44.15
CA VAL A 353 -45.31 51.95 -44.93
C VAL A 353 -44.47 53.19 -44.86
N GLY A 354 -43.19 53.00 -45.09
CA GLY A 354 -42.25 54.08 -44.98
C GLY A 354 -41.13 53.83 -45.92
N ILE A 355 -41.06 54.64 -46.95
CA ILE A 355 -39.89 54.72 -47.78
C ILE A 355 -38.88 55.71 -47.15
N ASN A 356 -37.61 55.62 -47.54
CA ASN A 356 -36.56 56.41 -46.90
C ASN A 356 -35.52 56.99 -47.84
N TYR A 357 -35.62 56.63 -49.11
CA TYR A 357 -34.80 57.19 -50.19
C TYR A 357 -33.36 56.76 -50.11
N GLN A 358 -32.88 56.60 -48.88
CA GLN A 358 -31.47 56.39 -48.56
C GLN A 358 -30.88 55.07 -49.09
N PRO A 359 -30.01 55.17 -50.10
CA PRO A 359 -29.30 54.01 -50.63
C PRO A 359 -28.99 53.09 -49.49
N PRO A 360 -29.39 51.86 -49.68
CA PRO A 360 -29.30 50.87 -48.61
C PRO A 360 -27.86 50.36 -48.45
N THR A 361 -26.93 51.20 -48.00
CA THR A 361 -25.51 50.84 -48.11
C THR A 361 -25.15 49.65 -47.27
N VAL A 362 -24.39 48.76 -47.91
CA VAL A 362 -23.91 47.53 -47.32
C VAL A 362 -22.41 47.63 -47.18
N VAL A 363 -21.83 46.62 -46.54
CA VAL A 363 -20.43 46.62 -46.17
C VAL A 363 -19.55 46.25 -47.36
N PRO A 364 -18.35 46.84 -47.47
CA PRO A 364 -17.50 46.68 -48.65
C PRO A 364 -16.73 45.34 -48.67
N GLY A 365 -16.24 44.90 -47.51
CA GLY A 365 -15.63 43.59 -47.37
C GLY A 365 -16.68 42.51 -47.08
N GLY A 366 -17.93 42.81 -47.46
CA GLY A 366 -19.11 41.98 -47.20
C GLY A 366 -19.37 40.88 -48.21
N ASP A 367 -20.61 40.38 -48.26
CA ASP A 367 -20.96 39.28 -49.18
C ASP A 367 -22.26 39.57 -49.93
N LEU A 368 -23.14 40.24 -49.20
CA LEU A 368 -24.25 41.05 -49.69
C LEU A 368 -23.70 42.12 -50.65
N ALA A 369 -24.48 42.58 -51.62
CA ALA A 369 -23.94 43.51 -52.62
C ALA A 369 -24.66 44.82 -52.60
N LYS A 370 -24.20 45.78 -53.41
CA LYS A 370 -24.83 47.09 -53.51
C LYS A 370 -26.29 46.90 -53.94
N VAL A 371 -27.22 47.68 -53.40
CA VAL A 371 -28.63 47.52 -53.76
C VAL A 371 -29.38 48.81 -54.09
N GLN A 372 -30.25 48.76 -55.10
CA GLN A 372 -30.98 49.95 -55.46
C GLN A 372 -32.38 50.05 -54.81
N ARG A 373 -32.63 49.26 -53.79
CA ARG A 373 -33.86 49.39 -53.01
C ARG A 373 -34.07 48.12 -52.22
N ALA A 374 -34.62 48.24 -51.00
CA ALA A 374 -34.79 47.11 -50.08
C ALA A 374 -36.00 47.26 -49.17
N VAL A 375 -36.60 46.15 -48.80
CA VAL A 375 -37.78 46.12 -47.96
C VAL A 375 -37.48 45.62 -46.57
N CYS A 376 -38.48 45.64 -45.69
CA CYS A 376 -38.21 45.19 -44.33
C CYS A 376 -39.26 44.46 -43.51
N MET A 377 -40.52 44.88 -43.61
CA MET A 377 -41.64 44.15 -43.00
C MET A 377 -41.43 43.84 -41.50
N LEU A 378 -42.12 44.62 -40.71
CA LEU A 378 -42.24 44.35 -39.30
C LEU A 378 -43.66 43.93 -39.01
N SER A 379 -43.92 42.63 -39.06
CA SER A 379 -45.25 42.08 -38.78
C SER A 379 -45.29 41.38 -37.40
N ASN A 380 -46.38 41.62 -36.68
CA ASN A 380 -46.64 40.96 -35.42
C ASN A 380 -47.77 39.94 -35.55
N THR A 381 -47.46 38.68 -35.35
CA THR A 381 -48.39 37.62 -35.68
C THR A 381 -48.42 36.55 -34.62
N THR A 382 -49.58 35.88 -34.46
CA THR A 382 -49.80 34.78 -33.49
C THR A 382 -49.02 33.50 -33.81
N ALA A 383 -48.24 33.57 -34.88
CA ALA A 383 -47.34 32.51 -35.26
C ALA A 383 -45.91 32.69 -34.70
N VAL A 384 -45.54 33.89 -34.21
CA VAL A 384 -44.25 34.05 -33.48
C VAL A 384 -44.35 33.13 -32.26
N ALA A 385 -45.60 32.78 -31.91
CA ALA A 385 -45.95 31.88 -30.79
C ALA A 385 -45.46 30.44 -30.94
N GLU A 386 -45.14 30.05 -32.17
CA GLU A 386 -44.53 28.76 -32.44
C GLU A 386 -43.21 28.71 -31.75
N ALA A 387 -42.41 29.77 -31.92
CA ALA A 387 -41.08 29.86 -31.34
C ALA A 387 -41.12 29.91 -29.82
N TRP A 388 -42.28 30.20 -29.28
CA TRP A 388 -42.42 30.26 -27.84
C TRP A 388 -42.58 28.92 -27.16
N ALA A 389 -43.01 27.90 -27.89
CA ALA A 389 -43.11 26.50 -27.40
C ALA A 389 -42.01 25.57 -27.92
N ARG A 390 -41.44 25.93 -29.08
CA ARG A 390 -40.30 25.23 -29.64
C ARG A 390 -39.23 25.30 -28.56
N LEU A 391 -39.15 26.47 -27.91
CA LEU A 391 -38.33 26.70 -26.73
C LEU A 391 -38.88 26.02 -25.48
N ASP A 392 -40.15 26.30 -25.17
CA ASP A 392 -40.78 25.79 -23.96
C ASP A 392 -40.78 24.27 -23.83
N HIS A 393 -40.83 23.55 -24.96
CA HIS A 393 -40.65 22.11 -24.92
C HIS A 393 -39.24 21.78 -24.43
N LYS A 394 -38.21 22.22 -25.16
CA LYS A 394 -36.84 22.03 -24.69
C LYS A 394 -36.84 22.21 -23.18
N PHE A 395 -37.28 23.38 -22.70
CA PHE A 395 -37.38 23.63 -21.27
C PHE A 395 -38.01 22.44 -20.57
N ASP A 396 -39.32 22.31 -20.74
CA ASP A 396 -40.14 21.35 -19.99
C ASP A 396 -39.40 20.08 -19.58
N LEU A 397 -38.98 19.28 -20.56
CA LEU A 397 -38.52 17.92 -20.29
C LEU A 397 -37.11 17.88 -19.76
N MET A 398 -36.42 19.02 -19.80
CA MET A 398 -35.22 19.19 -19.02
C MET A 398 -35.63 19.42 -17.57
N TYR A 399 -36.53 20.38 -17.37
CA TYR A 399 -37.03 20.67 -16.02
C TYR A 399 -37.81 19.51 -15.36
N ALA A 400 -38.38 18.65 -16.19
CA ALA A 400 -39.13 17.48 -15.73
C ALA A 400 -38.21 16.48 -15.05
N LYS A 401 -36.93 16.79 -15.02
CA LYS A 401 -35.99 15.99 -14.30
C LYS A 401 -34.97 16.91 -13.62
N ARG A 402 -35.36 18.17 -13.47
CA ARG A 402 -34.53 19.18 -12.77
C ARG A 402 -33.22 19.40 -13.49
N ALA A 403 -33.01 18.60 -14.52
CA ALA A 403 -31.76 18.60 -15.25
C ALA A 403 -30.73 19.43 -14.54
N PHE A 404 -30.56 20.66 -14.99
CA PHE A 404 -29.40 21.40 -14.60
C PHE A 404 -29.68 22.33 -13.44
N VAL A 405 -30.92 22.39 -13.02
CA VAL A 405 -31.35 23.25 -11.91
C VAL A 405 -30.29 23.80 -10.93
N HIS A 406 -29.59 22.92 -10.23
CA HIS A 406 -28.79 23.32 -9.07
C HIS A 406 -27.66 24.30 -9.38
N TRP A 407 -27.12 24.26 -10.60
CA TRP A 407 -26.06 25.20 -10.98
C TRP A 407 -26.52 26.62 -10.84
N TYR A 408 -27.82 26.77 -10.72
CA TYR A 408 -28.39 28.05 -10.42
C TYR A 408 -28.67 28.12 -8.91
N VAL A 409 -29.54 27.25 -8.40
CA VAL A 409 -29.87 27.24 -6.96
C VAL A 409 -28.67 27.48 -6.08
N GLY A 410 -27.52 26.98 -6.54
CA GLY A 410 -26.26 27.25 -5.87
C GLY A 410 -25.97 28.74 -5.92
N GLU A 411 -25.83 29.30 -7.12
CA GLU A 411 -25.49 30.72 -7.26
C GLU A 411 -26.56 31.65 -6.65
N GLY A 412 -27.63 31.08 -6.12
CA GLY A 412 -28.54 31.83 -5.26
C GLY A 412 -30.02 31.89 -5.61
N MET A 413 -30.44 31.19 -6.65
CA MET A 413 -31.80 31.30 -7.12
C MET A 413 -32.73 30.51 -6.29
N GLU A 414 -34.01 30.72 -6.53
CA GLU A 414 -35.01 29.87 -5.93
C GLU A 414 -35.50 28.86 -6.97
N GLU A 415 -35.97 27.71 -6.51
CA GLU A 415 -36.74 26.77 -7.34
C GLU A 415 -38.01 27.44 -7.93
N GLY A 416 -38.86 28.01 -7.04
CA GLY A 416 -40.10 28.71 -7.37
C GLY A 416 -40.01 29.92 -8.30
N GLU A 417 -38.77 30.32 -8.63
CA GLU A 417 -38.48 31.22 -9.75
C GLU A 417 -38.78 30.46 -11.02
N PHE A 418 -37.90 29.51 -11.34
CA PHE A 418 -38.09 28.60 -12.46
C PHE A 418 -39.56 28.18 -12.69
N SER A 419 -40.18 27.69 -11.61
CA SER A 419 -41.51 27.07 -11.62
C SER A 419 -42.51 28.08 -12.07
N GLU A 420 -42.42 29.26 -11.47
CA GLU A 420 -43.38 30.34 -11.69
C GLU A 420 -43.10 31.22 -12.98
N ALA A 421 -41.90 31.10 -13.54
CA ALA A 421 -41.53 31.80 -14.77
C ALA A 421 -42.05 31.04 -15.94
N ARG A 422 -41.87 29.73 -15.92
CA ARG A 422 -42.47 28.89 -16.92
C ARG A 422 -43.99 28.90 -16.77
N GLU A 423 -44.48 29.19 -15.57
CA GLU A 423 -45.92 29.34 -15.32
C GLU A 423 -46.42 30.69 -15.82
N ASP A 424 -45.53 31.48 -16.42
CA ASP A 424 -45.89 32.74 -17.12
C ASP A 424 -45.86 32.64 -18.65
N MET A 425 -44.89 31.91 -19.19
CA MET A 425 -44.87 31.60 -20.62
C MET A 425 -46.07 30.79 -20.92
N ALA A 426 -46.47 29.99 -19.93
CA ALA A 426 -47.72 29.23 -19.99
C ALA A 426 -48.88 30.17 -20.34
N ALA A 427 -48.87 31.36 -19.75
CA ALA A 427 -49.92 32.34 -19.99
C ALA A 427 -49.73 32.99 -21.36
N LEU A 428 -48.53 33.47 -21.62
CA LEU A 428 -48.22 34.14 -22.87
C LEU A 428 -48.56 33.28 -24.06
N GLU A 429 -48.13 32.02 -24.02
CA GLU A 429 -48.44 31.05 -25.06
C GLU A 429 -49.95 30.87 -25.24
N LYS A 430 -50.67 30.91 -24.11
CA LYS A 430 -52.14 30.87 -24.11
C LYS A 430 -52.71 32.23 -24.49
N ASP A 431 -52.03 33.31 -24.04
CA ASP A 431 -52.41 34.70 -24.37
C ASP A 431 -52.46 34.87 -25.86
N TYR A 432 -51.36 34.41 -26.48
CA TYR A 432 -51.09 34.57 -27.89
C TYR A 432 -52.15 33.87 -28.68
N GLU A 433 -51.93 32.59 -28.95
CA GLU A 433 -52.92 31.74 -29.62
C GLU A 433 -54.36 32.15 -29.27
N GLU A 434 -54.57 32.76 -28.10
CA GLU A 434 -55.91 33.19 -27.65
C GLU A 434 -56.51 34.40 -28.39
N VAL A 435 -55.87 35.55 -28.24
CA VAL A 435 -56.27 36.73 -28.98
C VAL A 435 -56.50 36.29 -30.42
N GLY A 436 -55.60 35.42 -30.89
CA GLY A 436 -55.60 34.87 -32.24
C GLY A 436 -56.93 34.34 -32.78
N ALA A 437 -56.99 34.23 -34.12
CA ALA A 437 -58.19 33.87 -34.92
C ALA A 437 -59.52 33.62 -34.19
N ASP A 438 -60.56 34.28 -34.68
CA ASP A 438 -61.75 34.44 -33.87
C ASP A 438 -63.08 34.14 -34.56
N SER A 439 -64.14 34.20 -33.75
CA SER A 439 -65.53 34.16 -34.19
C SER A 439 -66.40 35.06 -33.29
N ARG B 2 -9.70 33.69 -17.39
CA ARG B 2 -9.37 32.68 -16.38
C ARG B 2 -8.06 31.92 -16.75
N GLU B 3 -7.50 31.14 -15.80
CA GLU B 3 -6.20 30.38 -15.86
C GLU B 3 -6.12 29.24 -14.83
N ILE B 4 -5.66 28.06 -15.26
CA ILE B 4 -5.64 26.86 -14.38
C ILE B 4 -4.25 26.32 -13.98
N VAL B 5 -4.11 25.96 -12.70
CA VAL B 5 -2.89 25.35 -12.14
C VAL B 5 -3.06 23.89 -11.79
N HIS B 6 -1.91 23.25 -11.71
CA HIS B 6 -1.88 21.84 -11.82
C HIS B 6 -1.27 21.21 -10.60
N ILE B 7 -1.97 20.20 -10.07
CA ILE B 7 -1.42 19.36 -9.04
C ILE B 7 -1.21 17.95 -9.57
N GLN B 8 0.03 17.52 -9.51
CA GLN B 8 0.44 16.22 -9.98
C GLN B 8 0.93 15.46 -8.73
N ALA B 9 0.24 14.37 -8.37
CA ALA B 9 0.59 13.68 -7.14
C ALA B 9 0.53 12.17 -7.28
N GLY B 10 1.70 11.54 -7.10
CA GLY B 10 1.84 10.08 -7.04
C GLY B 10 2.64 9.44 -8.16
N GLN B 11 3.43 8.42 -7.84
CA GLN B 11 4.13 7.61 -8.86
C GLN B 11 3.38 7.55 -10.19
N CYS B 12 2.05 7.38 -10.11
CA CYS B 12 1.18 7.42 -11.29
C CYS B 12 0.92 8.85 -11.71
N GLY B 13 0.16 9.57 -10.88
CA GLY B 13 -0.11 10.98 -11.12
C GLY B 13 1.05 11.78 -11.70
N ASN B 14 2.28 11.32 -11.46
CA ASN B 14 3.50 12.06 -11.77
C ASN B 14 4.26 11.60 -12.96
N GLN B 15 3.97 10.40 -13.42
CA GLN B 15 4.31 10.14 -14.79
C GLN B 15 3.15 10.65 -15.63
N ILE B 16 1.92 10.26 -15.28
CA ILE B 16 0.75 10.64 -16.07
C ILE B 16 0.86 12.06 -16.59
N GLY B 17 1.42 12.92 -15.74
CA GLY B 17 1.61 14.33 -16.03
C GLY B 17 2.96 14.71 -16.64
N ALA B 18 4.01 13.96 -16.31
CA ALA B 18 5.28 14.13 -17.01
C ALA B 18 5.01 13.96 -18.49
N LYS B 19 4.41 12.81 -18.83
CA LYS B 19 3.93 12.47 -20.18
C LYS B 19 2.93 13.50 -20.73
N PHE B 20 2.02 13.97 -19.88
CA PHE B 20 1.14 15.06 -20.30
C PHE B 20 1.97 16.29 -20.74
N TRP B 21 2.68 16.89 -19.77
CA TRP B 21 3.40 18.14 -19.99
C TRP B 21 4.13 18.11 -21.30
N GLU B 22 4.92 17.07 -21.52
CA GLU B 22 5.80 17.01 -22.68
C GLU B 22 5.12 16.70 -24.01
N VAL B 23 3.80 16.48 -24.02
CA VAL B 23 3.09 16.52 -25.29
C VAL B 23 2.36 17.86 -25.52
N ILE B 24 1.98 18.56 -24.44
CA ILE B 24 1.42 19.91 -24.56
C ILE B 24 2.50 20.95 -24.81
N SER B 25 3.61 20.82 -24.10
CA SER B 25 4.76 21.67 -24.32
C SER B 25 5.28 21.55 -25.73
N ASP B 26 5.10 20.36 -26.32
CA ASP B 26 5.45 20.17 -27.70
C ASP B 26 4.46 20.89 -28.61
N GLU B 27 3.22 21.06 -28.18
CA GLU B 27 2.22 21.68 -29.05
C GLU B 27 2.42 23.17 -29.21
N HIS B 28 2.70 23.84 -28.10
CA HIS B 28 2.95 25.27 -28.13
C HIS B 28 4.42 25.47 -28.41
N GLY B 29 5.20 24.43 -28.17
CA GLY B 29 6.59 24.39 -28.60
C GLY B 29 7.53 25.03 -27.61
N ILE B 30 7.99 24.27 -26.65
CA ILE B 30 8.93 24.80 -25.70
C ILE B 30 10.11 23.83 -25.65
N ASP B 31 11.32 24.38 -25.62
CA ASP B 31 12.54 23.61 -25.40
C ASP B 31 12.46 23.15 -23.97
N PRO B 32 13.45 22.43 -23.48
CA PRO B 32 13.56 22.21 -22.03
C PRO B 32 13.08 23.41 -21.14
N THR B 33 13.62 24.62 -21.28
CA THR B 33 13.01 25.80 -20.65
C THR B 33 12.65 26.64 -21.79
N GLY B 34 13.59 26.64 -22.73
CA GLY B 34 13.62 27.53 -23.88
C GLY B 34 12.27 28.09 -24.24
N SER B 35 12.30 29.21 -24.98
CA SER B 35 11.10 29.94 -25.38
C SER B 35 10.18 29.10 -26.30
N TYR B 36 9.85 29.67 -27.45
CA TYR B 36 8.96 29.06 -28.41
C TYR B 36 9.73 28.94 -29.72
N HIS B 37 9.71 27.75 -30.31
CA HIS B 37 10.23 27.57 -31.66
C HIS B 37 9.24 26.72 -32.44
N GLY B 38 8.48 27.40 -33.30
CA GLY B 38 7.42 26.79 -34.08
C GLY B 38 6.87 27.82 -35.06
N ASP B 39 7.05 27.57 -36.35
CA ASP B 39 6.70 28.57 -37.37
C ASP B 39 5.18 28.85 -37.56
N SER B 40 4.29 28.04 -36.97
CA SER B 40 2.85 28.38 -36.88
C SER B 40 2.56 29.21 -35.59
N ASP B 41 1.91 30.35 -35.78
CA ASP B 41 1.91 31.44 -34.79
C ASP B 41 1.00 31.27 -33.59
N LEU B 42 -0.10 30.54 -33.78
CA LEU B 42 -1.18 30.40 -32.80
C LEU B 42 -0.74 30.16 -31.33
N GLN B 43 -0.47 28.90 -30.99
CA GLN B 43 0.15 28.51 -29.71
C GLN B 43 0.00 29.45 -28.51
N LEU B 44 0.73 30.55 -28.50
CA LEU B 44 0.80 31.43 -27.32
C LEU B 44 -0.46 32.17 -26.93
N GLU B 45 -1.51 32.08 -27.73
CA GLU B 45 -2.78 32.74 -27.41
C GLU B 45 -3.13 32.56 -25.94
N ARG B 46 -3.56 31.34 -25.62
CA ARG B 46 -4.07 31.02 -24.31
C ARG B 46 -3.11 29.98 -23.71
N ILE B 47 -1.81 30.28 -23.86
CA ILE B 47 -0.75 29.58 -23.13
C ILE B 47 -0.70 30.16 -21.73
N ASN B 48 -1.51 31.18 -21.53
CA ASN B 48 -1.74 31.71 -20.22
C ASN B 48 -2.22 30.61 -19.35
N VAL B 49 -3.19 29.86 -19.85
CA VAL B 49 -3.85 28.82 -19.07
C VAL B 49 -2.89 27.82 -18.43
N TYR B 50 -2.04 27.19 -19.22
CA TYR B 50 -1.14 26.17 -18.65
C TYR B 50 0.30 26.63 -18.30
N TYR B 51 0.62 27.91 -18.60
CA TYR B 51 1.96 28.48 -18.39
C TYR B 51 1.95 29.87 -17.77
N ASN B 52 2.46 29.93 -16.53
CA ASN B 52 2.95 31.15 -15.89
C ASN B 52 4.36 31.40 -16.49
N GLU B 53 4.60 32.57 -17.11
CA GLU B 53 5.90 32.88 -17.76
C GLU B 53 6.84 33.69 -16.86
N ALA B 54 8.12 33.32 -16.80
CA ALA B 54 9.07 33.96 -15.85
C ALA B 54 10.33 34.58 -16.50
N THR B 55 11.41 34.66 -15.72
CA THR B 55 12.69 35.32 -16.09
C THR B 55 13.22 34.98 -17.49
N GLY B 56 13.62 36.01 -18.26
CA GLY B 56 14.02 35.88 -19.66
C GLY B 56 12.85 35.48 -20.57
N ASN B 57 13.13 35.24 -21.85
CA ASN B 57 12.07 34.81 -22.79
C ASN B 57 11.43 33.44 -22.47
N LYS B 58 11.94 32.78 -21.42
CA LYS B 58 11.65 31.38 -21.08
C LYS B 58 10.30 31.15 -20.40
N TYR B 59 9.94 29.90 -20.13
CA TYR B 59 8.52 29.57 -19.95
C TYR B 59 7.84 28.95 -18.72
N VAL B 60 8.38 27.91 -18.11
CA VAL B 60 7.80 27.25 -16.88
C VAL B 60 6.28 26.97 -16.80
N PRO B 61 5.90 25.69 -16.67
CA PRO B 61 4.50 25.31 -16.50
C PRO B 61 3.97 25.71 -15.14
N ARG B 62 2.67 25.94 -15.06
CA ARG B 62 1.99 26.15 -13.77
C ARG B 62 1.65 24.78 -13.25
N ALA B 63 2.66 24.18 -12.63
CA ALA B 63 2.51 22.87 -12.06
C ALA B 63 3.22 22.74 -10.72
N ILE B 64 2.72 21.81 -9.93
CA ILE B 64 3.23 21.56 -8.63
C ILE B 64 3.25 20.03 -8.48
N LEU B 65 4.35 19.50 -7.95
CA LEU B 65 4.53 18.07 -7.95
C LEU B 65 4.63 17.53 -6.55
N VAL B 66 3.88 16.47 -6.26
CA VAL B 66 3.85 15.93 -4.91
C VAL B 66 4.08 14.46 -4.90
N ASP B 67 5.02 14.01 -4.08
CA ASP B 67 5.16 12.59 -3.76
C ASP B 67 5.74 12.32 -2.35
N LEU B 68 5.30 11.22 -1.72
CA LEU B 68 5.70 10.93 -0.35
C LEU B 68 6.94 10.04 -0.27
N GLU B 69 7.78 10.19 -1.29
CA GLU B 69 9.07 9.52 -1.39
C GLU B 69 9.77 10.12 -2.58
N PRO B 70 11.04 10.48 -2.42
CA PRO B 70 11.77 11.15 -3.50
C PRO B 70 11.57 10.40 -4.83
N GLY B 71 12.34 9.33 -5.02
CA GLY B 71 12.28 8.54 -6.24
C GLY B 71 11.60 9.21 -7.41
N THR B 72 10.29 9.06 -7.51
CA THR B 72 9.55 9.34 -8.73
C THR B 72 9.51 10.81 -9.14
N MET B 73 10.24 11.65 -8.43
CA MET B 73 10.41 13.05 -8.84
C MET B 73 11.67 13.27 -9.71
N ASP B 74 12.80 12.70 -9.26
CA ASP B 74 14.08 12.70 -10.00
C ASP B 74 13.92 11.82 -11.23
N SER B 75 12.71 11.29 -11.39
CA SER B 75 12.30 10.57 -12.57
C SER B 75 11.97 11.63 -13.58
N VAL B 76 11.35 12.68 -13.07
CA VAL B 76 10.94 13.74 -13.95
C VAL B 76 12.13 14.66 -14.23
N ARG B 77 12.92 14.99 -13.20
CA ARG B 77 14.05 15.91 -13.41
C ARG B 77 15.12 15.28 -14.30
N SER B 78 15.57 14.10 -13.88
CA SER B 78 16.41 13.25 -14.71
C SER B 78 15.45 12.46 -15.65
N GLY B 79 15.12 13.05 -16.80
CA GLY B 79 14.25 12.39 -17.74
C GLY B 79 13.96 13.15 -19.02
N PRO B 80 12.67 13.48 -19.24
CA PRO B 80 12.22 14.05 -20.53
C PRO B 80 12.40 15.58 -20.65
N PHE B 81 11.36 16.28 -20.21
CA PHE B 81 11.40 17.72 -20.02
C PHE B 81 11.63 17.99 -18.55
N GLY B 82 12.76 17.52 -18.07
CA GLY B 82 13.03 17.53 -16.64
C GLY B 82 13.47 18.88 -16.15
N GLN B 83 14.15 19.63 -17.03
CA GLN B 83 14.70 20.92 -16.65
C GLN B 83 13.67 22.05 -16.62
N ILE B 84 12.39 21.73 -16.86
CA ILE B 84 11.34 22.73 -17.08
C ILE B 84 10.65 23.33 -15.84
N PHE B 85 10.50 22.53 -14.78
CA PHE B 85 9.64 22.87 -13.64
C PHE B 85 10.38 23.68 -12.57
N ARG B 86 9.74 24.67 -11.97
CA ARG B 86 10.45 25.52 -10.99
C ARG B 86 10.71 24.72 -9.74
N PRO B 87 11.98 24.56 -9.35
CA PRO B 87 12.37 23.63 -8.27
C PRO B 87 11.50 23.68 -7.01
N ASP B 88 11.04 24.86 -6.56
CA ASP B 88 10.11 24.94 -5.43
C ASP B 88 8.65 24.71 -5.85
N ASN B 89 8.47 24.03 -6.98
CA ASN B 89 7.20 23.45 -7.33
C ASN B 89 7.34 21.94 -7.22
N PHE B 90 8.48 21.53 -6.64
CA PHE B 90 8.81 20.14 -6.33
C PHE B 90 8.61 19.79 -4.83
N VAL B 91 7.48 19.22 -4.46
CA VAL B 91 7.26 18.86 -3.07
C VAL B 91 7.40 17.35 -2.83
N PHE B 92 8.62 16.90 -2.52
CA PHE B 92 8.92 15.48 -2.23
C PHE B 92 8.79 15.21 -0.73
N GLY B 93 8.27 14.04 -0.36
CA GLY B 93 7.86 13.78 1.01
C GLY B 93 8.82 13.11 1.98
N GLN B 94 10.04 12.82 1.50
CA GLN B 94 11.02 11.98 2.19
C GLN B 94 10.33 10.64 2.59
N SER B 95 10.06 10.45 3.88
CA SER B 95 9.15 9.42 4.42
C SER B 95 8.96 8.09 3.62
N GLY B 96 7.77 7.51 3.71
CA GLY B 96 7.45 6.25 3.05
C GLY B 96 6.09 6.48 2.47
N ALA B 97 5.97 6.22 1.16
CA ALA B 97 4.73 6.41 0.38
C ALA B 97 3.53 5.84 1.08
N GLY B 98 3.65 4.57 1.41
CA GLY B 98 2.58 3.86 2.04
C GLY B 98 1.97 2.93 1.01
N ASN B 99 1.31 3.55 0.03
CA ASN B 99 0.49 2.81 -0.94
C ASN B 99 -0.73 2.15 -0.23
N ASN B 100 -1.17 2.85 0.82
CA ASN B 100 -2.42 2.58 1.52
C ASN B 100 -3.03 3.88 2.01
N TRP B 101 -4.11 4.21 1.34
CA TRP B 101 -4.81 5.47 1.45
C TRP B 101 -4.66 6.11 2.81
N ALA B 102 -4.88 5.31 3.85
CA ALA B 102 -4.80 5.82 5.19
C ALA B 102 -3.52 6.64 5.33
N LYS B 103 -2.39 6.00 5.04
CA LYS B 103 -1.10 6.65 5.15
C LYS B 103 -1.13 8.03 4.48
N GLY B 104 -1.62 8.07 3.24
CA GLY B 104 -1.59 9.27 2.44
C GLY B 104 -2.62 10.32 2.75
N HIS B 105 -3.72 9.91 3.36
CA HIS B 105 -4.78 10.88 3.67
C HIS B 105 -4.73 11.28 5.16
N TYR B 106 -4.07 10.48 5.99
CA TYR B 106 -3.92 10.86 7.40
C TYR B 106 -2.48 11.02 7.90
N THR B 107 -1.78 9.91 8.15
CA THR B 107 -0.44 9.92 8.78
C THR B 107 0.67 10.56 7.96
N GLU B 108 1.22 9.84 6.98
CA GLU B 108 2.31 10.43 6.17
C GLU B 108 1.82 11.58 5.32
N GLY B 109 0.50 11.65 5.15
CA GLY B 109 -0.13 12.69 4.37
C GLY B 109 -0.15 14.05 5.04
N ALA B 110 -1.09 14.24 5.98
CA ALA B 110 -1.17 15.51 6.70
C ALA B 110 0.18 15.84 7.35
N GLU B 111 1.21 15.05 7.02
CA GLU B 111 2.60 15.33 7.33
C GLU B 111 3.12 16.34 6.34
N LEU B 112 2.94 16.08 5.06
CA LEU B 112 3.39 17.01 4.03
C LEU B 112 2.32 18.06 3.88
N VAL B 113 1.13 17.61 3.48
CA VAL B 113 0.07 18.49 3.05
C VAL B 113 0.49 19.91 2.91
N ASP B 114 0.70 20.59 4.03
CA ASP B 114 0.90 22.02 3.98
C ASP B 114 1.85 22.47 2.88
N SER B 115 3.08 21.96 2.86
CA SER B 115 4.11 22.42 1.92
C SER B 115 3.57 22.47 0.49
N VAL B 116 2.79 21.47 0.16
CA VAL B 116 2.06 21.45 -1.08
C VAL B 116 1.11 22.64 -1.07
N LEU B 117 -0.02 22.47 -0.36
CA LEU B 117 -1.12 23.45 -0.18
C LEU B 117 -0.67 24.91 -0.24
N ASP B 118 0.55 25.13 0.22
CA ASP B 118 1.05 26.47 0.45
C ASP B 118 1.92 26.96 -0.73
N VAL B 119 2.31 26.05 -1.61
CA VAL B 119 2.92 26.43 -2.87
C VAL B 119 1.83 26.63 -3.93
N VAL B 120 0.80 25.82 -3.84
CA VAL B 120 -0.35 26.04 -4.69
C VAL B 120 -0.80 27.43 -4.36
N ARG B 121 -0.88 27.74 -3.07
CA ARG B 121 -1.30 29.06 -2.62
C ARG B 121 -0.57 30.16 -3.38
N LYS B 122 0.76 30.07 -3.45
CA LYS B 122 1.57 31.09 -4.12
C LYS B 122 1.23 31.11 -5.61
N GLU B 123 1.48 30.00 -6.30
CA GLU B 123 1.25 29.88 -7.74
C GLU B 123 -0.15 30.32 -8.20
N SER B 124 -1.14 30.01 -7.37
CA SER B 124 -2.52 30.37 -7.64
C SER B 124 -2.75 31.87 -7.42
N GLU B 125 -2.77 32.27 -6.15
CA GLU B 125 -2.96 33.66 -5.76
C GLU B 125 -1.94 34.59 -6.44
N SER B 126 -1.04 33.98 -7.22
CA SER B 126 -0.09 34.68 -8.08
C SER B 126 -0.64 34.97 -9.49
N CYS B 127 -1.11 33.95 -10.18
CA CYS B 127 -1.63 34.07 -11.53
C CYS B 127 -2.82 35.04 -11.60
N ASP B 128 -2.93 35.76 -12.71
CA ASP B 128 -3.81 36.95 -12.87
C ASP B 128 -5.27 36.90 -12.35
N CYS B 129 -6.05 35.92 -12.81
CA CYS B 129 -7.29 35.52 -12.15
C CYS B 129 -7.44 34.01 -12.35
N LEU B 130 -7.94 33.31 -11.31
CA LEU B 130 -8.03 31.83 -11.31
C LEU B 130 -9.16 31.19 -12.15
N GLN B 131 -8.97 29.93 -12.51
CA GLN B 131 -10.03 29.18 -13.12
C GLN B 131 -10.46 28.11 -12.15
N GLY B 132 -9.64 27.07 -12.06
CA GLY B 132 -9.82 26.02 -11.08
C GLY B 132 -8.49 25.31 -10.83
N PHE B 133 -8.55 24.06 -10.43
CA PHE B 133 -7.34 23.28 -10.34
C PHE B 133 -7.59 21.98 -11.02
N GLN B 134 -6.53 21.43 -11.59
CA GLN B 134 -6.60 20.09 -12.11
C GLN B 134 -5.45 19.28 -11.56
N LEU B 135 -5.79 18.12 -11.02
CA LEU B 135 -4.83 17.20 -10.42
C LEU B 135 -4.87 15.83 -11.10
N THR B 136 -3.75 15.14 -11.06
CA THR B 136 -3.67 13.84 -11.70
C THR B 136 -3.17 12.87 -10.69
N HIS B 137 -3.71 11.65 -10.72
CA HIS B 137 -3.32 10.60 -9.78
C HIS B 137 -3.92 9.22 -10.05
N SER B 138 -3.28 8.22 -9.46
CA SER B 138 -3.84 6.86 -9.27
C SER B 138 -5.00 6.85 -8.26
N LEU B 139 -6.09 6.17 -8.55
CA LEU B 139 -7.15 6.18 -7.57
C LEU B 139 -7.06 5.03 -6.60
N GLY B 140 -5.98 4.25 -6.76
CA GLY B 140 -5.67 3.13 -5.89
C GLY B 140 -4.21 3.25 -5.52
N GLY B 141 -3.73 2.41 -4.61
CA GLY B 141 -2.48 2.69 -3.94
C GLY B 141 -2.67 3.95 -3.10
N GLY B 142 -1.57 4.59 -2.63
CA GLY B 142 -1.62 5.69 -1.67
C GLY B 142 -1.28 7.10 -2.19
N THR B 143 -0.42 7.79 -1.43
CA THR B 143 0.13 9.10 -1.81
C THR B 143 -0.34 9.51 -3.17
N GLY B 144 -1.51 10.14 -3.26
CA GLY B 144 -2.02 10.54 -4.57
C GLY B 144 -3.43 10.07 -4.67
N SER B 145 -3.63 8.78 -4.49
CA SER B 145 -4.98 8.34 -4.23
C SER B 145 -5.40 8.95 -2.92
N GLY B 146 -4.45 9.07 -1.99
CA GLY B 146 -4.76 9.46 -0.62
C GLY B 146 -4.36 10.87 -0.25
N MET B 147 -3.10 11.21 -0.51
CA MET B 147 -2.63 12.55 -0.23
C MET B 147 -3.46 13.53 -1.02
N GLY B 148 -3.83 13.09 -2.23
CA GLY B 148 -4.42 13.91 -3.26
C GLY B 148 -5.84 14.28 -2.91
N THR B 149 -6.69 13.27 -2.90
CA THR B 149 -8.04 13.40 -2.38
C THR B 149 -8.09 14.34 -1.21
N LEU B 150 -7.00 14.33 -0.44
CA LEU B 150 -6.85 15.20 0.70
C LEU B 150 -6.67 16.63 0.22
N LEU B 151 -5.70 16.83 -0.66
CA LEU B 151 -5.42 18.16 -1.15
C LEU B 151 -6.70 18.85 -1.56
N ILE B 152 -7.48 18.19 -2.43
CA ILE B 152 -8.73 18.75 -2.94
C ILE B 152 -9.71 19.01 -1.82
N SER B 153 -9.71 18.13 -0.83
CA SER B 153 -10.52 18.35 0.36
C SER B 153 -9.93 19.45 1.27
N LYS B 154 -8.89 20.12 0.80
CA LYS B 154 -8.30 21.24 1.54
C LYS B 154 -8.16 22.44 0.61
N ILE B 155 -8.13 22.15 -0.68
CA ILE B 155 -8.22 23.20 -1.67
C ILE B 155 -9.63 23.78 -1.48
N ARG B 156 -10.64 22.91 -1.57
CA ARG B 156 -12.01 23.34 -1.33
C ARG B 156 -11.93 23.86 0.03
N GLU B 157 -12.28 25.13 0.17
CA GLU B 157 -12.24 25.81 1.46
C GLU B 157 -11.24 26.97 1.41
N GLU B 158 -10.12 26.76 0.73
CA GLU B 158 -9.17 27.84 0.46
C GLU B 158 -9.55 28.39 -0.88
N TYR B 159 -10.26 27.55 -1.62
CA TYR B 159 -10.71 27.85 -2.95
C TYR B 159 -12.04 27.12 -3.10
N PRO B 160 -13.12 27.76 -2.70
CA PRO B 160 -14.43 27.16 -2.84
C PRO B 160 -15.12 27.52 -4.17
N ASP B 161 -15.16 28.80 -4.53
CA ASP B 161 -15.81 29.29 -5.76
C ASP B 161 -15.17 28.75 -7.01
N ARG B 162 -13.91 28.41 -6.87
CA ARG B 162 -13.12 27.89 -7.95
C ARG B 162 -13.20 26.39 -7.96
N ILE B 163 -13.28 25.83 -9.15
CA ILE B 163 -13.77 24.48 -9.31
C ILE B 163 -12.71 23.50 -9.77
N MET B 164 -13.17 22.29 -10.03
CA MET B 164 -12.34 21.12 -9.83
C MET B 164 -12.26 20.05 -10.93
N ASN B 165 -11.02 19.65 -11.20
CA ASN B 165 -10.72 18.74 -12.28
C ASN B 165 -9.76 17.68 -11.79
N THR B 166 -10.06 16.43 -12.11
CA THR B 166 -9.11 15.37 -11.83
C THR B 166 -9.04 14.37 -12.92
N PHE B 167 -7.82 13.95 -13.16
CA PHE B 167 -7.54 12.78 -13.96
C PHE B 167 -7.18 11.74 -12.94
N SER B 168 -8.11 10.82 -12.74
CA SER B 168 -8.01 9.82 -11.73
C SER B 168 -8.04 8.42 -12.36
N VAL B 169 -6.89 7.76 -12.39
CA VAL B 169 -6.79 6.43 -12.98
C VAL B 169 -7.35 5.36 -12.04
N MET B 170 -8.66 5.09 -12.19
CA MET B 170 -9.35 3.99 -11.50
C MET B 170 -8.62 2.68 -11.88
N PRO B 171 -8.13 1.90 -10.89
CA PRO B 171 -7.25 0.77 -11.15
C PRO B 171 -7.95 -0.58 -11.24
N SER B 172 -7.20 -1.56 -11.77
CA SER B 172 -7.68 -2.87 -12.21
C SER B 172 -6.78 -3.95 -11.63
N PRO B 173 -7.12 -5.20 -11.90
CA PRO B 173 -6.37 -6.34 -11.38
C PRO B 173 -5.35 -6.94 -12.35
N LYS B 174 -5.54 -6.80 -13.67
CA LYS B 174 -4.55 -7.25 -14.64
C LYS B 174 -3.84 -5.98 -14.99
N VAL B 175 -2.53 -5.94 -14.74
CA VAL B 175 -1.69 -4.70 -14.70
C VAL B 175 -1.64 -4.03 -13.30
N SER B 176 -0.58 -4.38 -12.55
CA SER B 176 -0.36 -4.12 -11.11
C SER B 176 -1.31 -5.01 -10.34
N ASP B 177 -0.75 -5.97 -9.61
CA ASP B 177 -1.54 -6.70 -8.62
C ASP B 177 -1.83 -5.91 -7.33
N THR B 178 -1.14 -6.21 -6.21
CA THR B 178 -1.34 -5.45 -4.96
C THR B 178 -2.72 -5.74 -4.34
N VAL B 179 -2.77 -6.79 -3.53
CA VAL B 179 -4.02 -7.18 -2.89
C VAL B 179 -4.99 -6.06 -2.33
N VAL B 180 -4.58 -4.79 -2.20
CA VAL B 180 -5.46 -3.73 -1.59
C VAL B 180 -6.33 -2.85 -2.48
N GLU B 181 -5.96 -2.66 -3.75
CA GLU B 181 -6.44 -1.49 -4.53
C GLU B 181 -7.92 -1.02 -4.30
N PRO B 182 -8.86 -1.94 -4.38
CA PRO B 182 -10.26 -1.55 -4.20
C PRO B 182 -10.42 -0.63 -2.99
N TYR B 183 -9.82 -1.04 -1.87
CA TYR B 183 -9.96 -0.35 -0.61
C TYR B 183 -9.65 1.11 -0.85
N ASN B 184 -8.47 1.38 -1.38
CA ASN B 184 -8.08 2.75 -1.69
C ASN B 184 -9.06 3.36 -2.68
N ALA B 185 -9.32 2.67 -3.77
CA ALA B 185 -10.21 3.21 -4.75
C ALA B 185 -11.55 3.59 -4.12
N THR B 186 -12.28 2.63 -3.54
CA THR B 186 -13.62 2.89 -3.00
C THR B 186 -13.59 4.02 -1.99
N LEU B 187 -12.41 4.26 -1.44
CA LEU B 187 -12.23 5.28 -0.41
C LEU B 187 -12.20 6.65 -1.01
N SER B 188 -11.60 6.67 -2.20
CA SER B 188 -11.38 7.88 -2.95
C SER B 188 -12.62 8.15 -3.79
N VAL B 189 -13.24 7.10 -4.34
CA VAL B 189 -14.45 7.29 -5.11
C VAL B 189 -15.39 8.08 -4.23
N HIS B 190 -15.55 7.65 -2.97
CA HIS B 190 -16.25 8.45 -1.97
C HIS B 190 -15.72 9.88 -2.06
N GLN B 191 -14.46 10.06 -1.71
CA GLN B 191 -13.83 11.38 -1.72
C GLN B 191 -14.27 12.22 -2.92
N LEU B 192 -13.85 11.81 -4.12
CA LEU B 192 -14.15 12.57 -5.34
C LEU B 192 -15.60 13.04 -5.32
N VAL B 193 -16.53 12.09 -5.40
CA VAL B 193 -17.95 12.36 -5.58
C VAL B 193 -18.45 13.53 -4.74
N GLU B 194 -17.79 13.78 -3.62
CA GLU B 194 -18.25 14.80 -2.70
C GLU B 194 -17.86 16.21 -3.04
N ASN B 195 -16.69 16.35 -3.68
CA ASN B 195 -16.09 17.66 -3.92
C ASN B 195 -15.12 17.81 -5.09
N THR B 196 -15.48 17.31 -6.27
CA THR B 196 -15.01 17.91 -7.51
C THR B 196 -16.28 18.11 -8.25
N ASP B 197 -16.21 18.79 -9.40
CA ASP B 197 -17.37 19.02 -10.27
C ASP B 197 -17.22 18.27 -11.56
N GLU B 198 -15.97 17.86 -11.84
CA GLU B 198 -15.65 16.98 -12.97
C GLU B 198 -14.44 16.09 -12.71
N THR B 199 -14.55 14.84 -13.15
CA THR B 199 -13.43 13.94 -13.09
C THR B 199 -13.48 13.08 -14.29
N TYR B 200 -12.32 12.85 -14.88
CA TYR B 200 -12.18 11.89 -15.96
C TYR B 200 -11.85 10.52 -15.41
N SER B 201 -12.64 9.52 -15.79
CA SER B 201 -12.43 8.18 -15.28
C SER B 201 -11.61 7.44 -16.30
N ILE B 202 -10.29 7.48 -16.15
CA ILE B 202 -9.39 6.64 -16.94
C ILE B 202 -9.15 5.36 -16.19
N ASP B 203 -9.52 4.28 -16.82
CA ASP B 203 -9.48 2.98 -16.20
C ASP B 203 -8.33 2.21 -16.85
N ASN B 204 -7.56 1.51 -16.05
CA ASN B 204 -6.48 0.77 -16.64
C ASN B 204 -6.97 -0.43 -17.42
N GLU B 205 -8.01 -1.09 -16.91
CA GLU B 205 -8.64 -2.29 -17.54
C GLU B 205 -9.00 -2.10 -19.04
N ALA B 206 -9.22 -0.86 -19.43
CA ALA B 206 -9.41 -0.54 -20.82
C ALA B 206 -8.03 -0.25 -21.33
N LEU B 207 -7.38 0.74 -20.69
CA LEU B 207 -6.09 1.20 -21.12
C LEU B 207 -5.19 0.05 -21.49
N TYR B 208 -5.21 -1.01 -20.68
CA TYR B 208 -4.49 -2.24 -21.00
C TYR B 208 -5.16 -2.97 -22.14
N ASP B 209 -6.48 -3.09 -22.09
CA ASP B 209 -7.23 -3.90 -23.07
C ASP B 209 -7.29 -3.25 -24.47
N ILE B 210 -7.21 -1.92 -24.49
CA ILE B 210 -6.95 -1.18 -25.72
C ILE B 210 -5.60 -1.60 -26.28
N CYS B 211 -4.57 -1.54 -25.45
CA CYS B 211 -3.20 -1.81 -25.89
C CYS B 211 -3.01 -3.26 -26.33
N PHE B 212 -3.91 -4.14 -25.89
CA PHE B 212 -3.82 -5.51 -26.32
C PHE B 212 -4.69 -5.80 -27.52
N ARG B 213 -5.86 -6.40 -27.27
CA ARG B 213 -6.92 -6.71 -28.25
C ARG B 213 -6.74 -5.96 -29.60
N THR B 214 -6.74 -4.62 -29.53
CA THR B 214 -6.58 -3.67 -30.65
C THR B 214 -5.32 -2.79 -30.47
N LEU B 215 -4.13 -3.33 -30.71
CA LEU B 215 -2.87 -2.56 -30.75
C LEU B 215 -1.65 -3.41 -30.50
N LYS B 216 -1.60 -4.57 -31.15
CA LYS B 216 -0.49 -5.52 -31.03
C LYS B 216 0.12 -5.67 -29.62
N LEU B 217 0.72 -4.60 -29.10
CA LEU B 217 1.58 -4.60 -27.88
C LEU B 217 1.49 -5.84 -26.98
N THR B 218 2.50 -6.72 -27.09
CA THR B 218 2.56 -8.05 -26.42
C THR B 218 2.27 -7.96 -24.94
N THR B 219 3.22 -7.39 -24.23
CA THR B 219 3.11 -7.21 -22.79
C THR B 219 3.31 -5.71 -22.58
N PRO B 220 2.19 -5.03 -22.49
CA PRO B 220 2.12 -3.58 -22.57
C PRO B 220 2.83 -2.98 -21.41
N THR B 221 3.64 -2.00 -21.73
CA THR B 221 4.53 -1.39 -20.78
C THR B 221 3.79 -0.52 -19.80
N TYR B 222 4.53 0.20 -18.98
CA TYR B 222 3.91 1.25 -18.21
C TYR B 222 3.93 2.50 -19.08
N GLY B 223 4.97 2.66 -19.88
CA GLY B 223 5.09 3.78 -20.82
C GLY B 223 4.15 3.68 -22.02
N ASP B 224 4.70 3.23 -23.16
CA ASP B 224 3.94 2.52 -24.21
C ASP B 224 2.61 1.90 -23.61
N LEU B 225 1.57 2.74 -23.47
CA LEU B 225 0.30 2.55 -22.69
C LEU B 225 -0.06 3.93 -22.15
N ASN B 226 0.44 4.22 -20.95
CA ASN B 226 0.51 5.57 -20.40
C ASN B 226 0.23 6.54 -21.52
N HIS B 227 1.06 6.49 -22.54
CA HIS B 227 0.94 7.31 -23.75
C HIS B 227 -0.50 7.67 -24.10
N LEU B 228 -1.39 6.67 -24.16
CA LEU B 228 -2.81 6.87 -24.46
C LEU B 228 -3.42 8.03 -23.70
N VAL B 229 -3.21 8.01 -22.38
CA VAL B 229 -3.79 8.98 -21.46
C VAL B 229 -3.23 10.34 -21.72
N SER B 230 -1.91 10.38 -21.90
CA SER B 230 -1.22 11.59 -22.29
C SER B 230 -1.89 12.22 -23.52
N ALA B 231 -2.02 11.48 -24.61
CA ALA B 231 -2.78 11.98 -25.76
C ALA B 231 -4.25 12.25 -25.43
N THR B 232 -4.86 11.51 -24.50
CA THR B 232 -6.26 11.77 -24.15
C THR B 232 -6.46 13.10 -23.41
N MET B 233 -5.59 13.40 -22.46
CA MET B 233 -5.60 14.70 -21.78
C MET B 233 -5.39 15.86 -22.73
N SER B 234 -4.52 15.66 -23.72
CA SER B 234 -4.20 16.66 -24.78
C SER B 234 -5.46 17.20 -25.50
N GLY B 235 -6.32 16.29 -25.93
CA GLY B 235 -7.59 16.64 -26.52
C GLY B 235 -8.47 17.26 -25.48
N VAL B 236 -8.68 16.55 -24.39
CA VAL B 236 -9.63 17.01 -23.41
C VAL B 236 -9.36 18.42 -22.91
N THR B 237 -8.17 18.92 -23.21
CA THR B 237 -7.83 20.29 -22.88
C THR B 237 -7.90 21.26 -24.07
N THR B 238 -7.68 20.74 -25.29
CA THR B 238 -7.51 21.58 -26.48
C THR B 238 -8.32 22.85 -26.43
N CYS B 239 -9.62 22.73 -26.19
CA CYS B 239 -10.47 23.89 -26.35
C CYS B 239 -10.34 24.93 -25.24
N LEU B 240 -9.73 24.57 -24.10
CA LEU B 240 -9.30 25.59 -23.11
C LEU B 240 -7.90 26.12 -23.40
N ARG B 241 -7.13 25.29 -24.09
CA ARG B 241 -5.71 25.54 -24.36
C ARG B 241 -5.37 26.36 -25.64
N PHE B 242 -6.38 26.77 -26.43
CA PHE B 242 -6.11 27.12 -27.83
C PHE B 242 -6.71 28.34 -28.52
N PRO B 243 -7.91 28.19 -29.09
CA PRO B 243 -8.26 29.03 -30.25
C PRO B 243 -8.91 30.37 -29.86
N GLY B 244 -10.21 30.48 -30.17
CA GLY B 244 -11.02 31.70 -30.18
C GLY B 244 -12.37 31.32 -30.84
N GLN B 245 -12.34 30.18 -31.54
CA GLN B 245 -13.46 29.22 -31.64
C GLN B 245 -13.74 28.72 -30.17
N LEU B 246 -14.96 29.08 -29.78
CA LEU B 246 -15.29 29.68 -28.47
C LEU B 246 -14.75 29.02 -27.21
N ASN B 247 -14.10 29.90 -26.42
CA ASN B 247 -13.55 29.78 -25.04
C ASN B 247 -13.95 28.60 -24.12
N ALA B 248 -13.38 28.52 -22.92
CA ALA B 248 -13.66 27.32 -22.17
C ALA B 248 -13.44 27.48 -20.71
N ASP B 249 -14.45 28.00 -20.02
CA ASP B 249 -14.29 28.30 -18.59
C ASP B 249 -14.32 27.14 -17.66
N LEU B 250 -14.05 25.95 -18.21
CA LEU B 250 -13.92 24.75 -17.40
C LEU B 250 -15.21 24.67 -16.59
N ARG B 251 -15.66 25.84 -16.15
CA ARG B 251 -16.99 26.03 -15.59
C ARG B 251 -17.94 25.85 -16.72
N LYS B 252 -17.84 26.75 -17.69
CA LYS B 252 -18.66 26.65 -18.87
C LYS B 252 -18.63 25.23 -19.43
N LEU B 253 -17.65 24.39 -19.04
CA LEU B 253 -17.59 22.94 -19.40
C LEU B 253 -18.22 22.04 -18.35
N ALA B 254 -18.19 22.47 -17.09
CA ALA B 254 -18.89 21.75 -16.07
C ALA B 254 -20.36 22.02 -16.33
N VAL B 255 -20.83 23.19 -15.97
CA VAL B 255 -22.25 23.48 -16.05
C VAL B 255 -22.87 23.30 -17.45
N ASN B 256 -22.48 22.22 -18.11
CA ASN B 256 -23.00 21.86 -19.41
C ASN B 256 -22.86 20.38 -19.55
N MET B 257 -21.73 19.85 -19.17
CA MET B 257 -21.55 18.42 -19.15
C MET B 257 -22.32 17.72 -18.03
N VAL B 258 -22.41 18.34 -16.85
CA VAL B 258 -23.01 17.70 -15.65
C VAL B 258 -24.37 18.24 -15.19
N PRO B 259 -25.40 17.43 -15.39
CA PRO B 259 -26.75 17.83 -15.07
C PRO B 259 -26.90 17.72 -13.60
N PHE B 260 -26.18 16.79 -12.99
CA PHE B 260 -26.46 16.35 -11.63
C PHE B 260 -25.31 16.28 -10.64
N PRO B 261 -25.48 17.00 -9.55
CA PRO B 261 -24.36 17.60 -8.86
C PRO B 261 -23.27 16.60 -8.76
N ARG B 262 -23.65 15.32 -8.71
CA ARG B 262 -22.73 14.24 -8.32
C ARG B 262 -21.68 13.92 -9.38
N LEU B 263 -20.88 14.97 -9.66
CA LEU B 263 -19.68 15.13 -10.55
C LEU B 263 -19.41 14.13 -11.66
N HIS B 264 -20.49 13.43 -11.98
CA HIS B 264 -20.52 12.46 -13.01
C HIS B 264 -19.27 12.51 -13.89
N PHE B 265 -18.53 11.44 -13.70
CA PHE B 265 -17.23 11.23 -14.24
C PHE B 265 -17.44 10.84 -15.68
N PHE B 266 -16.92 11.72 -16.53
CA PHE B 266 -16.91 11.47 -17.94
C PHE B 266 -15.98 10.33 -18.26
N MET B 267 -16.48 9.26 -18.87
CA MET B 267 -15.53 8.34 -19.49
C MET B 267 -15.02 9.00 -20.79
N PRO B 268 -13.70 9.05 -21.00
CA PRO B 268 -13.11 9.58 -22.23
C PRO B 268 -12.78 8.51 -23.25
N GLY B 269 -12.45 8.97 -24.44
CA GLY B 269 -12.04 8.13 -25.54
C GLY B 269 -11.17 8.95 -26.47
N PHE B 270 -10.47 8.27 -27.36
CA PHE B 270 -9.60 8.97 -28.26
C PHE B 270 -9.65 8.28 -29.59
N ALA B 271 -9.28 9.01 -30.65
CA ALA B 271 -9.56 8.61 -32.01
C ALA B 271 -8.54 7.65 -32.57
N PRO B 272 -7.46 8.18 -33.11
CA PRO B 272 -6.33 7.33 -33.50
C PRO B 272 -5.49 6.95 -32.25
N LEU B 273 -4.64 5.93 -32.34
CA LEU B 273 -3.93 5.41 -31.17
C LEU B 273 -2.54 4.81 -31.49
N THR B 274 -1.72 4.66 -30.43
CA THR B 274 -0.63 3.62 -30.29
C THR B 274 0.77 3.87 -30.88
N SER B 275 0.85 3.93 -32.21
CA SER B 275 2.10 3.65 -32.93
C SER B 275 2.42 4.33 -34.29
N ARG B 276 3.72 4.30 -34.59
CA ARG B 276 4.32 4.69 -35.85
C ARG B 276 4.21 3.48 -36.78
N GLY B 277 3.28 3.55 -37.74
CA GLY B 277 2.99 2.44 -38.66
C GLY B 277 1.97 2.63 -39.80
N SER B 278 0.67 2.45 -39.48
CA SER B 278 -0.47 2.60 -40.44
C SER B 278 -1.77 3.36 -39.95
N GLN B 279 -1.78 3.83 -38.69
CA GLN B 279 -2.64 4.95 -38.28
C GLN B 279 -1.81 6.22 -38.56
N GLN B 280 -0.49 6.01 -38.48
CA GLN B 280 0.57 6.80 -39.15
C GLN B 280 0.68 6.42 -40.68
N TYR B 281 -0.49 6.24 -41.31
CA TYR B 281 -0.65 6.15 -42.78
C TYR B 281 -1.54 7.34 -43.17
N ARG B 282 -2.28 7.88 -42.18
CA ARG B 282 -3.00 9.20 -42.18
C ARG B 282 -4.37 9.31 -42.92
N ALA B 283 -4.77 8.23 -43.62
CA ALA B 283 -6.13 8.09 -44.14
C ALA B 283 -7.09 7.70 -42.98
N LEU B 284 -7.25 8.62 -42.02
CA LEU B 284 -8.15 8.50 -40.88
C LEU B 284 -9.18 9.59 -41.14
N THR B 285 -10.36 9.20 -41.61
CA THR B 285 -11.12 10.05 -42.54
C THR B 285 -12.08 11.10 -42.03
N VAL B 286 -12.97 10.71 -41.13
CA VAL B 286 -13.92 11.56 -40.40
C VAL B 286 -15.15 10.71 -40.13
N PRO B 287 -15.78 10.16 -41.15
CA PRO B 287 -16.68 9.05 -40.86
C PRO B 287 -15.85 8.08 -40.04
N GLU B 288 -14.75 7.62 -40.63
CA GLU B 288 -13.97 6.51 -40.08
C GLU B 288 -13.41 6.84 -38.71
N LEU B 289 -13.21 8.15 -38.51
CA LEU B 289 -12.82 8.71 -37.21
C LEU B 289 -13.96 8.69 -36.17
N THR B 290 -15.12 9.27 -36.50
CA THR B 290 -16.23 9.34 -35.53
C THR B 290 -16.72 7.97 -35.01
N GLN B 291 -17.14 7.10 -35.93
CA GLN B 291 -17.73 5.81 -35.55
C GLN B 291 -16.70 4.86 -34.93
N GLN B 292 -15.50 5.42 -34.74
CA GLN B 292 -14.37 4.81 -34.02
C GLN B 292 -14.15 5.48 -32.66
N MET B 293 -14.76 6.65 -32.49
CA MET B 293 -14.64 7.43 -31.26
C MET B 293 -15.81 7.08 -30.35
N PHE B 294 -16.92 6.72 -30.99
CA PHE B 294 -18.12 6.24 -30.32
C PHE B 294 -18.09 4.74 -30.24
N ASP B 295 -16.88 4.19 -30.30
CA ASP B 295 -16.78 2.77 -30.16
C ASP B 295 -16.69 2.36 -28.72
N SER B 296 -17.09 1.11 -28.51
CA SER B 296 -16.82 0.34 -27.32
C SER B 296 -15.31 0.35 -27.07
N LYS B 297 -14.61 -0.46 -27.88
CA LYS B 297 -13.17 -0.79 -27.74
C LYS B 297 -12.19 0.41 -27.71
N ASN B 298 -12.72 1.64 -27.89
CA ASN B 298 -11.99 2.90 -28.22
C ASN B 298 -12.09 4.00 -27.14
N MET B 299 -12.75 3.64 -26.03
CA MET B 299 -12.95 4.46 -24.84
C MET B 299 -11.87 4.16 -23.78
N MET B 300 -11.61 5.14 -22.92
CA MET B 300 -10.63 5.00 -21.84
C MET B 300 -11.15 4.28 -20.59
N ALA B 301 -12.47 4.28 -20.40
CA ALA B 301 -13.10 3.48 -19.38
C ALA B 301 -13.63 2.14 -19.92
N ALA B 302 -13.43 1.07 -19.16
CA ALA B 302 -14.05 -0.22 -19.45
C ALA B 302 -15.51 -0.05 -19.08
N CYS B 303 -16.40 -0.33 -20.03
CA CYS B 303 -17.72 0.31 -20.03
C CYS B 303 -18.08 0.49 -21.49
N ASP B 304 -19.05 -0.26 -21.98
CA ASP B 304 -19.58 0.05 -23.29
C ASP B 304 -20.78 0.85 -23.00
N PRO B 305 -20.82 2.10 -23.45
CA PRO B 305 -22.12 2.67 -23.74
C PRO B 305 -22.81 1.56 -24.58
N ARG B 306 -24.14 1.48 -24.53
CA ARG B 306 -24.94 0.25 -24.78
C ARG B 306 -25.77 0.03 -23.50
N HIS B 307 -25.05 -0.42 -22.46
CA HIS B 307 -25.58 -0.77 -21.14
C HIS B 307 -25.92 0.50 -20.33
N GLY B 308 -26.00 1.62 -21.04
CA GLY B 308 -26.25 2.93 -20.47
C GLY B 308 -26.26 3.99 -21.55
N ARG B 309 -27.27 4.82 -21.50
CA ARG B 309 -27.40 5.93 -22.42
C ARG B 309 -26.41 7.01 -22.01
N TYR B 310 -26.16 7.96 -22.90
CA TYR B 310 -25.35 9.12 -22.59
C TYR B 310 -26.24 10.22 -22.01
N LEU B 311 -25.72 10.90 -20.98
CA LEU B 311 -26.32 12.10 -20.39
C LEU B 311 -26.03 13.29 -21.28
N THR B 312 -24.75 13.55 -21.48
CA THR B 312 -24.26 14.58 -22.38
C THR B 312 -22.87 14.19 -22.83
N VAL B 313 -22.57 14.53 -24.06
CA VAL B 313 -21.32 14.15 -24.65
C VAL B 313 -20.76 15.29 -25.45
N ALA B 314 -19.45 15.33 -25.49
CA ALA B 314 -18.78 16.37 -26.19
C ALA B 314 -17.54 15.84 -26.91
N ALA B 315 -17.34 16.32 -28.12
CA ALA B 315 -16.21 15.88 -28.92
C ALA B 315 -15.39 17.04 -29.43
N VAL B 316 -14.08 16.84 -29.42
CA VAL B 316 -13.09 17.82 -29.87
C VAL B 316 -12.19 17.24 -30.95
N PHE B 317 -12.24 17.89 -32.11
CA PHE B 317 -11.63 17.42 -33.36
C PHE B 317 -10.37 18.19 -33.68
N ARG B 318 -9.53 17.58 -34.51
CA ARG B 318 -8.14 17.99 -34.60
C ARG B 318 -7.62 17.88 -36.03
N GLY B 319 -7.31 19.04 -36.61
CA GLY B 319 -6.72 19.11 -37.93
C GLY B 319 -7.48 19.90 -39.00
N ARG B 320 -6.76 20.32 -40.05
CA ARG B 320 -7.38 20.94 -41.22
C ARG B 320 -8.32 19.90 -41.89
N MET B 321 -9.58 19.93 -41.48
CA MET B 321 -10.67 19.13 -42.06
C MET B 321 -11.94 19.95 -42.00
N SER B 322 -12.90 19.64 -42.87
CA SER B 322 -14.09 20.48 -43.00
C SER B 322 -15.25 19.99 -42.15
N MET B 323 -15.92 20.92 -41.46
CA MET B 323 -17.13 20.63 -40.66
C MET B 323 -18.34 20.41 -41.55
N LYS B 324 -18.26 20.89 -42.80
CA LYS B 324 -19.13 20.42 -43.87
C LYS B 324 -19.37 18.93 -43.64
N GLU B 325 -18.29 18.19 -43.37
CA GLU B 325 -18.36 16.75 -43.10
C GLU B 325 -18.56 16.36 -41.62
N VAL B 326 -17.98 17.13 -40.69
CA VAL B 326 -18.05 16.80 -39.27
C VAL B 326 -19.46 16.99 -38.72
N ASP B 327 -20.01 18.19 -38.87
CA ASP B 327 -21.40 18.53 -38.50
C ASP B 327 -22.34 17.38 -38.88
N GLU B 328 -22.22 16.96 -40.16
CA GLU B 328 -23.07 15.95 -40.81
C GLU B 328 -22.75 14.51 -40.39
N GLN B 329 -21.52 14.26 -39.98
CA GLN B 329 -21.13 12.93 -39.53
C GLN B 329 -21.57 12.62 -38.10
N MET B 330 -21.47 13.61 -37.20
CA MET B 330 -21.95 13.49 -35.80
C MET B 330 -23.48 13.34 -35.73
N LEU B 331 -24.16 14.23 -36.48
CA LEU B 331 -25.62 14.26 -36.66
C LEU B 331 -26.19 13.01 -37.37
N ASN B 332 -25.29 12.07 -37.64
CA ASN B 332 -25.60 10.73 -38.05
C ASN B 332 -25.44 9.78 -36.87
N VAL B 333 -24.45 10.03 -36.01
CA VAL B 333 -24.27 9.10 -34.90
C VAL B 333 -25.48 9.16 -33.94
N GLN B 334 -26.07 10.34 -33.72
CA GLN B 334 -27.40 10.37 -33.05
C GLN B 334 -28.56 10.06 -34.01
N ASN B 335 -28.36 8.96 -34.71
CA ASN B 335 -29.35 8.43 -35.61
C ASN B 335 -29.14 6.89 -35.65
N LYS B 336 -28.13 6.40 -36.37
CA LYS B 336 -27.75 4.98 -36.34
C LYS B 336 -27.09 4.76 -35.00
N ASN B 337 -27.67 5.46 -34.03
CA ASN B 337 -27.46 5.21 -32.62
C ASN B 337 -28.41 6.07 -31.76
N SER B 338 -29.35 6.76 -32.39
CA SER B 338 -30.27 7.68 -31.69
C SER B 338 -30.91 7.16 -30.39
N SER B 339 -30.99 5.84 -30.29
CA SER B 339 -31.63 5.21 -29.17
C SER B 339 -30.90 5.42 -27.84
N TYR B 340 -29.57 5.27 -27.83
CA TYR B 340 -28.80 5.30 -26.56
C TYR B 340 -28.18 6.65 -26.23
N PHE B 341 -29.08 7.58 -25.98
CA PHE B 341 -28.79 8.97 -25.70
C PHE B 341 -30.02 9.43 -24.94
N VAL B 342 -29.81 9.95 -23.74
CA VAL B 342 -30.92 10.48 -22.96
C VAL B 342 -31.91 11.25 -23.84
N GLU B 343 -33.18 10.89 -23.71
CA GLU B 343 -34.25 11.55 -24.37
C GLU B 343 -34.32 13.04 -24.07
N TRP B 344 -34.16 13.34 -22.79
CA TRP B 344 -34.69 14.54 -22.14
C TRP B 344 -33.74 15.73 -22.03
N ILE B 345 -32.52 15.60 -22.53
CA ILE B 345 -31.62 16.73 -22.51
C ILE B 345 -31.30 17.09 -23.94
N PRO B 346 -31.95 18.12 -24.46
CA PRO B 346 -31.89 18.45 -25.88
C PRO B 346 -30.52 18.38 -26.54
N ASN B 347 -29.83 19.48 -26.77
CA ASN B 347 -28.65 19.41 -27.62
C ASN B 347 -27.52 18.95 -26.80
N ASN B 348 -27.67 17.72 -26.29
CA ASN B 348 -26.75 17.07 -25.37
C ASN B 348 -25.55 16.44 -26.04
N VAL B 349 -25.46 16.64 -27.35
CA VAL B 349 -24.25 16.41 -28.08
C VAL B 349 -23.72 17.71 -28.68
N LYS B 350 -22.59 18.17 -28.14
CA LYS B 350 -21.89 19.32 -28.71
C LYS B 350 -20.46 18.96 -29.07
N THR B 351 -20.01 19.52 -30.20
CA THR B 351 -18.70 19.23 -30.78
C THR B 351 -17.99 20.50 -31.17
N ALA B 352 -16.68 20.43 -31.06
CA ALA B 352 -15.84 21.52 -31.47
C ALA B 352 -14.71 21.00 -32.35
N VAL B 353 -14.23 21.86 -33.24
CA VAL B 353 -13.22 21.51 -34.21
C VAL B 353 -11.99 22.39 -33.94
N CYS B 354 -10.78 21.83 -33.85
CA CYS B 354 -9.57 22.68 -33.80
C CYS B 354 -8.48 22.27 -34.79
N ASP B 355 -7.99 23.26 -35.52
CA ASP B 355 -7.20 22.98 -36.72
C ASP B 355 -5.71 22.68 -36.50
N ILE B 356 -5.26 22.55 -35.26
CA ILE B 356 -3.85 22.16 -35.09
C ILE B 356 -3.71 20.73 -34.56
N PRO B 357 -3.14 19.87 -35.38
CA PRO B 357 -2.99 18.45 -35.05
C PRO B 357 -2.21 18.27 -33.76
N PRO B 358 -2.23 17.08 -33.17
CA PRO B 358 -1.36 16.76 -32.02
C PRO B 358 0.06 16.26 -32.48
N ARG B 359 0.80 15.60 -31.56
CA ARG B 359 2.00 14.85 -31.93
C ARG B 359 1.65 13.91 -33.12
N GLY B 360 2.38 14.00 -34.25
CA GLY B 360 2.06 13.21 -35.45
C GLY B 360 0.64 13.44 -35.92
N LEU B 361 0.01 12.42 -36.51
CA LEU B 361 -1.47 12.38 -36.69
C LEU B 361 -2.16 13.60 -37.32
N LYS B 362 -2.34 13.55 -38.66
CA LYS B 362 -3.00 14.63 -39.44
C LYS B 362 -4.48 14.84 -39.11
N MET B 363 -5.10 13.83 -38.49
CA MET B 363 -6.48 13.92 -38.05
C MET B 363 -6.62 13.19 -36.74
N SER B 364 -7.39 13.74 -35.81
CA SER B 364 -7.63 13.15 -34.48
C SER B 364 -8.87 13.71 -33.82
N ALA B 365 -9.53 12.89 -33.00
CA ALA B 365 -10.65 13.37 -32.22
C ALA B 365 -10.59 12.88 -30.80
N THR B 366 -11.22 13.59 -29.89
CA THR B 366 -11.27 13.12 -28.51
C THR B 366 -12.69 13.24 -27.95
N PHE B 367 -13.00 12.42 -26.94
CA PHE B 367 -14.38 12.19 -26.52
C PHE B 367 -14.55 12.40 -25.05
N ILE B 368 -15.63 13.08 -24.69
CA ILE B 368 -15.98 13.32 -23.30
C ILE B 368 -17.39 12.77 -23.01
N GLY B 369 -17.43 11.75 -22.16
CA GLY B 369 -18.63 10.97 -21.97
C GLY B 369 -19.24 10.78 -20.58
N ASN B 370 -20.14 11.69 -20.24
CA ASN B 370 -20.95 11.50 -19.05
C ASN B 370 -22.09 10.57 -19.37
N SER B 371 -21.88 9.28 -19.14
CA SER B 371 -22.89 8.27 -19.48
C SER B 371 -23.21 7.41 -18.29
N THR B 372 -24.47 7.00 -18.17
CA THR B 372 -24.90 6.21 -17.03
C THR B 372 -24.07 4.97 -16.95
N ALA B 373 -23.78 4.41 -18.11
CA ALA B 373 -23.00 3.18 -18.23
C ALA B 373 -21.80 3.11 -17.30
N ILE B 374 -21.15 4.25 -17.10
CA ILE B 374 -19.93 4.35 -16.31
C ILE B 374 -19.99 3.69 -14.97
N GLN B 375 -21.20 3.48 -14.48
CA GLN B 375 -21.42 2.78 -13.22
C GLN B 375 -20.97 1.32 -13.32
N GLU B 376 -20.74 0.88 -14.54
CA GLU B 376 -20.15 -0.43 -14.82
C GLU B 376 -18.77 -0.52 -14.20
N LEU B 377 -18.04 0.59 -14.25
CA LEU B 377 -16.72 0.72 -13.63
C LEU B 377 -16.90 0.66 -12.14
N PHE B 378 -17.97 1.27 -11.65
CA PHE B 378 -18.18 1.34 -10.23
C PHE B 378 -18.71 0.00 -9.68
N LYS B 379 -19.85 -0.45 -10.20
CA LYS B 379 -20.41 -1.77 -9.86
C LYS B 379 -19.32 -2.87 -9.84
N ARG B 380 -18.21 -2.54 -10.50
CA ARG B 380 -17.03 -3.37 -10.62
C ARG B 380 -16.18 -3.19 -9.35
N ILE B 381 -15.50 -2.06 -9.19
CA ILE B 381 -14.63 -1.89 -8.02
C ILE B 381 -15.40 -2.15 -6.72
N SER B 382 -16.69 -1.81 -6.70
CA SER B 382 -17.54 -1.95 -5.52
C SER B 382 -17.61 -3.39 -5.12
N GLU B 383 -17.72 -4.28 -6.07
CA GLU B 383 -17.83 -5.68 -5.74
C GLU B 383 -16.46 -6.35 -5.60
N GLN B 384 -15.41 -5.68 -6.08
CA GLN B 384 -14.05 -6.15 -5.87
C GLN B 384 -13.75 -5.88 -4.44
N PHE B 385 -14.25 -4.72 -4.03
CA PHE B 385 -14.29 -4.25 -2.65
C PHE B 385 -15.16 -5.19 -1.82
N THR B 386 -16.47 -4.98 -1.86
CA THR B 386 -17.43 -5.69 -0.98
C THR B 386 -17.06 -7.16 -0.71
N ALA B 387 -16.41 -7.80 -1.69
CA ALA B 387 -15.98 -9.17 -1.55
C ALA B 387 -14.74 -9.30 -0.68
N MET B 388 -14.13 -8.17 -0.31
CA MET B 388 -13.00 -8.15 0.60
C MET B 388 -13.50 -7.64 1.93
N PHE B 389 -14.10 -6.48 1.94
CA PHE B 389 -14.69 -5.92 3.13
C PHE B 389 -15.66 -6.93 3.67
N ARG B 390 -15.97 -7.91 2.83
CA ARG B 390 -16.68 -9.14 3.21
C ARG B 390 -16.17 -9.71 4.54
N ARG B 391 -15.09 -10.49 4.47
CA ARG B 391 -14.43 -11.08 5.62
C ARG B 391 -13.47 -10.06 6.27
N LYS B 392 -13.90 -8.79 6.33
CA LYS B 392 -13.12 -7.66 6.84
C LYS B 392 -11.63 -7.88 6.62
N ALA B 393 -11.24 -7.82 5.35
CA ALA B 393 -9.96 -8.36 4.85
C ALA B 393 -8.74 -7.58 5.22
N PHE B 394 -7.87 -7.41 4.25
CA PHE B 394 -6.56 -6.85 4.49
C PHE B 394 -6.64 -5.54 5.25
N LEU B 395 -7.76 -5.32 5.94
CA LEU B 395 -8.09 -4.03 6.51
C LEU B 395 -7.35 -3.64 7.80
N HIS B 396 -6.79 -4.63 8.49
CA HIS B 396 -5.98 -4.36 9.69
C HIS B 396 -4.84 -3.39 9.40
N TRP B 397 -4.68 -3.09 8.10
CA TRP B 397 -3.67 -2.21 7.56
C TRP B 397 -4.15 -0.79 7.65
N TYR B 398 -5.45 -0.62 7.66
CA TYR B 398 -6.01 0.69 7.85
C TYR B 398 -6.54 0.73 9.25
N THR B 399 -6.98 -0.42 9.75
CA THR B 399 -7.40 -0.53 11.14
C THR B 399 -6.47 0.40 11.86
N GLY B 400 -5.23 -0.05 11.95
CA GLY B 400 -4.26 0.47 12.89
C GLY B 400 -3.71 1.82 12.54
N GLU B 401 -3.78 2.22 11.27
CA GLU B 401 -3.21 3.52 10.92
C GLU B 401 -4.06 4.70 11.38
N GLY B 402 -5.24 4.41 11.93
CA GLY B 402 -6.03 5.40 12.65
C GLY B 402 -7.39 5.75 12.08
N MET B 403 -8.10 4.73 11.60
CA MET B 403 -9.38 4.95 10.94
C MET B 403 -10.47 4.29 11.72
N ASP B 404 -11.72 4.57 11.38
CA ASP B 404 -12.78 3.78 11.99
C ASP B 404 -13.33 2.67 11.12
N GLU B 405 -13.63 1.53 11.76
CA GLU B 405 -14.20 0.34 11.14
C GLU B 405 -15.23 0.71 10.07
N MET B 406 -16.06 1.73 10.35
CA MET B 406 -17.30 2.08 9.59
C MET B 406 -17.14 3.12 8.50
N GLU B 407 -16.01 3.81 8.49
CA GLU B 407 -15.72 4.75 7.45
C GLU B 407 -15.62 3.98 6.14
N PHE B 408 -15.27 2.72 6.25
CA PHE B 408 -15.23 1.83 5.11
C PHE B 408 -16.63 1.54 4.66
N THR B 409 -17.57 1.49 5.59
CA THR B 409 -18.94 1.22 5.20
C THR B 409 -19.57 2.51 4.61
N GLU B 410 -19.54 3.61 5.37
CA GLU B 410 -20.17 4.85 4.93
C GLU B 410 -19.53 5.45 3.66
N ALA B 411 -18.66 4.66 3.00
CA ALA B 411 -18.06 4.98 1.70
C ALA B 411 -18.29 3.87 0.68
N GLU B 412 -18.50 2.67 1.20
CA GLU B 412 -19.01 1.58 0.40
C GLU B 412 -20.41 2.04 0.11
N SER B 413 -21.14 2.43 1.17
CA SER B 413 -22.57 2.83 1.07
C SER B 413 -22.76 4.24 0.59
N ASN B 414 -21.82 4.69 -0.23
CA ASN B 414 -21.92 5.95 -0.91
C ASN B 414 -21.74 5.65 -2.38
N MET B 415 -20.71 4.88 -2.67
CA MET B 415 -20.48 4.38 -3.98
C MET B 415 -21.64 3.55 -4.43
N ASN B 416 -21.93 2.55 -3.63
CA ASN B 416 -23.05 1.61 -3.81
C ASN B 416 -24.38 2.41 -3.88
N ASP B 417 -24.28 3.72 -3.60
CA ASP B 417 -25.38 4.67 -3.78
C ASP B 417 -25.37 5.18 -5.21
N LEU B 418 -24.31 5.95 -5.51
CA LEU B 418 -24.04 6.48 -6.83
C LEU B 418 -24.44 5.44 -7.86
N VAL B 419 -23.89 4.23 -7.72
CA VAL B 419 -24.29 3.09 -8.52
C VAL B 419 -25.73 3.28 -8.94
N SER B 420 -26.62 3.49 -7.97
CA SER B 420 -28.07 3.45 -8.24
C SER B 420 -28.86 4.80 -8.18
N GLU B 421 -28.16 5.87 -8.55
CA GLU B 421 -28.83 7.03 -9.13
C GLU B 421 -28.31 7.12 -10.54
N TYR B 422 -27.16 6.49 -10.75
CA TYR B 422 -26.60 6.26 -12.06
C TYR B 422 -27.46 5.22 -12.79
N GLN B 423 -27.89 4.22 -12.04
CA GLN B 423 -28.87 3.25 -12.51
C GLN B 423 -30.22 3.94 -12.58
N GLN B 424 -30.55 4.69 -11.53
CA GLN B 424 -31.78 5.47 -11.46
C GLN B 424 -32.04 6.34 -12.72
N TYR B 425 -31.01 6.63 -13.51
CA TYR B 425 -31.18 7.59 -14.60
C TYR B 425 -31.27 6.96 -15.95
N GLN B 426 -32.12 5.96 -16.01
CA GLN B 426 -32.59 5.44 -17.25
C GLN B 426 -34.12 5.45 -17.11
N ASP B 427 -34.67 6.67 -17.01
CA ASP B 427 -36.10 6.94 -16.93
C ASP B 427 -36.47 8.05 -17.93
N ARG C 2 13.83 2.83 4.50
CA ARG C 2 15.16 3.47 4.30
C ARG C 2 16.38 2.59 4.63
N GLU C 3 16.49 2.05 5.85
CA GLU C 3 17.64 1.22 6.23
C GLU C 3 17.21 0.03 7.12
N CYS C 4 18.05 -1.00 7.19
CA CYS C 4 17.65 -2.32 7.76
C CYS C 4 18.69 -3.05 8.66
N ILE C 5 18.27 -3.43 9.87
CA ILE C 5 19.16 -4.07 10.84
C ILE C 5 18.96 -5.57 10.92
N SER C 6 20.05 -6.31 10.91
CA SER C 6 19.94 -7.75 11.09
C SER C 6 20.40 -8.14 12.50
N ILE C 7 19.45 -8.54 13.32
CA ILE C 7 19.73 -9.10 14.65
C ILE C 7 19.83 -10.63 14.55
N HIS C 8 20.99 -11.20 14.89
CA HIS C 8 21.15 -12.66 14.95
C HIS C 8 21.27 -13.18 16.36
N VAL C 9 20.38 -14.08 16.67
CA VAL C 9 20.33 -14.59 18.00
C VAL C 9 20.22 -16.08 17.88
N GLY C 10 21.03 -16.77 18.68
CA GLY C 10 21.03 -18.21 18.78
C GLY C 10 21.95 -18.85 17.79
N GLN C 11 22.58 -19.95 18.23
CA GLN C 11 23.50 -20.79 17.42
C GLN C 11 23.13 -20.90 15.92
N ALA C 12 21.90 -21.32 15.67
CA ALA C 12 21.34 -21.35 14.33
C ALA C 12 21.34 -19.94 13.79
N GLY C 13 20.52 -19.08 14.38
CA GLY C 13 20.43 -17.70 13.98
C GLY C 13 21.74 -17.15 13.49
N VAL C 14 22.74 -17.22 14.35
CA VAL C 14 24.08 -16.74 14.01
C VAL C 14 24.69 -17.41 12.78
N GLN C 15 24.73 -18.75 12.75
CA GLN C 15 25.41 -19.49 11.68
C GLN C 15 24.77 -19.26 10.29
N ILE C 16 23.45 -19.03 10.28
CA ILE C 16 22.65 -18.60 9.11
C ILE C 16 23.08 -17.20 8.72
N GLY C 17 23.20 -16.36 9.75
CA GLY C 17 23.64 -15.01 9.57
C GLY C 17 24.97 -15.05 8.88
N ASN C 18 25.98 -15.48 9.60
CA ASN C 18 27.33 -15.43 9.09
C ASN C 18 27.45 -15.98 7.68
N ALA C 19 26.84 -17.14 7.44
CA ALA C 19 26.93 -17.77 6.12
C ALA C 19 25.84 -17.25 5.15
N CYS C 20 25.02 -16.32 5.61
CA CYS C 20 24.16 -15.62 4.69
C CYS C 20 24.78 -14.28 4.37
N TRP C 21 25.22 -13.55 5.40
CA TRP C 21 25.89 -12.25 5.21
C TRP C 21 27.04 -12.38 4.23
N GLU C 22 27.55 -13.59 4.05
CA GLU C 22 28.60 -13.80 3.06
C GLU C 22 28.06 -13.74 1.65
N LEU C 23 26.85 -14.25 1.43
CA LEU C 23 26.22 -14.23 0.11
C LEU C 23 25.79 -12.81 -0.19
N TYR C 24 25.69 -12.02 0.88
CA TYR C 24 25.45 -10.59 0.77
C TYR C 24 26.69 -9.96 0.14
N CYS C 25 27.86 -10.28 0.69
CA CYS C 25 29.12 -9.72 0.18
C CYS C 25 29.49 -10.15 -1.22
N LEU C 26 29.25 -11.42 -1.53
CA LEU C 26 29.59 -11.97 -2.82
C LEU C 26 28.73 -11.44 -3.96
N GLU C 27 27.73 -10.65 -3.62
CA GLU C 27 26.75 -10.09 -4.56
C GLU C 27 27.00 -8.59 -4.83
N HIS C 28 27.38 -7.87 -3.77
CA HIS C 28 27.69 -6.46 -3.87
C HIS C 28 29.20 -6.25 -4.08
N GLY C 29 29.97 -7.34 -3.93
CA GLY C 29 31.41 -7.31 -4.12
C GLY C 29 32.17 -6.66 -2.97
N ILE C 30 32.07 -7.25 -1.78
CA ILE C 30 32.91 -6.87 -0.65
C ILE C 30 33.81 -8.06 -0.27
N GLN C 31 35.09 -8.00 -0.64
CA GLN C 31 36.03 -9.02 -0.22
C GLN C 31 36.43 -8.64 1.22
N PRO C 32 36.21 -9.59 2.14
CA PRO C 32 36.23 -9.41 3.61
C PRO C 32 36.82 -8.12 4.16
N ASP C 33 38.15 -8.03 4.12
CA ASP C 33 38.83 -6.75 3.99
C ASP C 33 37.82 -5.63 4.24
N GLY C 34 37.06 -5.27 3.20
CA GLY C 34 35.98 -4.31 3.30
C GLY C 34 35.58 -3.66 1.98
N GLN C 35 36.53 -2.92 1.37
CA GLN C 35 36.27 -2.02 0.22
C GLN C 35 35.77 -2.75 -1.03
N MET C 36 34.74 -2.18 -1.67
CA MET C 36 34.14 -2.73 -2.89
C MET C 36 34.53 -1.79 -4.01
N PRO C 37 35.79 -1.86 -4.49
CA PRO C 37 36.28 -0.81 -5.38
C PRO C 37 35.34 -0.66 -6.59
N SER C 38 34.04 -0.55 -6.25
CA SER C 38 32.90 -0.32 -7.13
C SER C 38 32.16 1.02 -6.84
N ASP C 39 32.43 2.03 -7.72
CA ASP C 39 31.84 3.43 -7.81
C ASP C 39 32.19 4.57 -6.78
N LYS C 40 31.45 4.59 -5.66
CA LYS C 40 31.79 5.32 -4.42
C LYS C 40 31.08 4.67 -3.18
N THR C 41 30.00 5.29 -2.67
CA THR C 41 29.57 5.19 -1.24
C THR C 41 30.75 5.44 -0.30
N ILE C 42 30.52 5.46 1.02
CA ILE C 42 31.60 5.74 2.01
C ILE C 42 32.37 7.11 1.93
N GLY C 43 32.48 7.67 0.71
CA GLY C 43 32.86 9.07 0.49
C GLY C 43 31.59 9.90 0.25
N GLY C 44 30.45 9.25 0.47
CA GLY C 44 29.12 9.82 0.41
C GLY C 44 28.02 8.80 0.13
N GLY C 45 27.84 7.81 1.02
CA GLY C 45 26.91 6.69 0.83
C GLY C 45 25.53 6.96 0.19
N ASP C 46 25.52 7.27 -1.11
CA ASP C 46 24.28 7.60 -1.88
C ASP C 46 23.82 6.44 -2.81
N ASP C 47 24.41 5.26 -2.66
CA ASP C 47 24.12 4.11 -3.51
C ASP C 47 22.92 3.33 -2.98
N SER C 48 22.28 2.53 -3.86
CA SER C 48 21.10 1.70 -3.52
C SER C 48 21.44 0.41 -2.74
N PHE C 49 22.73 0.10 -2.65
CA PHE C 49 23.26 -1.08 -1.99
C PHE C 49 23.36 -0.92 -0.48
N ASN C 50 23.25 0.33 -0.03
CA ASN C 50 23.42 0.69 1.40
C ASN C 50 22.27 0.28 2.29
N THR C 51 21.29 -0.37 1.67
CA THR C 51 20.09 -0.78 2.39
C THR C 51 20.46 -1.43 3.70
N PHE C 52 21.46 -2.31 3.67
CA PHE C 52 21.91 -3.08 4.83
C PHE C 52 23.18 -2.58 5.50
N PHE C 53 24.10 -2.00 4.73
CA PHE C 53 25.38 -1.56 5.28
C PHE C 53 25.45 -0.05 5.47
N SER C 54 26.34 0.36 6.36
CA SER C 54 26.74 1.75 6.53
C SER C 54 28.26 1.83 6.25
N GLU C 55 28.65 2.82 5.46
CA GLU C 55 30.03 2.89 4.99
C GLU C 55 30.93 3.46 6.07
N THR C 56 32.07 2.82 6.28
CA THR C 56 32.96 3.15 7.40
C THR C 56 34.08 4.06 6.99
N GLY C 57 34.65 4.74 8.00
CA GLY C 57 35.84 5.55 7.83
C GLY C 57 36.06 5.86 6.38
N ALA C 58 37.01 5.16 5.74
CA ALA C 58 37.27 5.30 4.31
C ALA C 58 37.92 4.04 3.74
N GLY C 59 37.13 2.99 3.56
CA GLY C 59 37.67 1.73 3.08
C GLY C 59 36.69 0.60 3.31
N LYS C 60 36.60 0.12 4.56
CA LYS C 60 35.73 -0.99 4.99
C LYS C 60 34.22 -0.70 4.83
N HIS C 61 33.38 -1.73 4.69
CA HIS C 61 31.97 -1.49 4.36
C HIS C 61 30.92 -1.85 5.41
N VAL C 62 31.31 -2.65 6.42
CA VAL C 62 30.51 -3.01 7.63
C VAL C 62 28.97 -3.15 7.59
N PRO C 63 28.46 -4.35 7.88
CA PRO C 63 27.01 -4.59 7.93
C PRO C 63 26.35 -3.78 9.02
N ARG C 64 25.03 -3.64 8.90
CA ARG C 64 24.22 -3.18 10.02
C ARG C 64 23.65 -4.43 10.70
N ALA C 65 24.45 -4.93 11.63
CA ALA C 65 24.24 -6.25 12.19
C ALA C 65 24.45 -6.29 13.71
N VAL C 66 23.77 -7.21 14.39
CA VAL C 66 24.11 -7.62 15.75
C VAL C 66 24.10 -9.10 15.71
N PHE C 67 25.11 -9.69 16.34
CA PHE C 67 25.10 -11.12 16.56
C PHE C 67 25.16 -11.29 18.04
N VAL C 68 24.23 -12.05 18.57
CA VAL C 68 24.10 -12.13 19.98
C VAL C 68 23.87 -13.57 20.26
N ASP C 69 24.74 -14.17 21.07
CA ASP C 69 24.53 -15.50 21.63
C ASP C 69 24.98 -15.57 23.10
N LEU C 70 24.41 -16.50 23.86
CA LEU C 70 24.74 -16.61 25.28
C LEU C 70 25.87 -17.58 25.59
N GLU C 71 26.49 -18.11 24.55
CA GLU C 71 27.77 -18.81 24.61
C GLU C 71 28.83 -18.04 23.81
N PRO C 72 30.09 -18.46 23.85
CA PRO C 72 31.03 -18.00 22.84
C PRO C 72 30.90 -18.90 21.62
N THR C 73 31.85 -19.81 21.38
CA THR C 73 31.80 -20.76 20.28
C THR C 73 31.43 -20.11 18.97
N VAL C 74 30.12 -20.03 18.73
CA VAL C 74 29.52 -19.62 17.47
C VAL C 74 30.04 -18.34 16.85
N ILE C 75 30.10 -17.33 17.72
CA ILE C 75 30.43 -16.00 17.34
C ILE C 75 31.93 -15.89 17.27
N ASP C 76 32.62 -16.64 18.13
CA ASP C 76 34.09 -16.74 18.11
C ASP C 76 34.51 -17.24 16.72
N GLU C 77 33.60 -18.01 16.08
CA GLU C 77 33.68 -18.51 14.69
C GLU C 77 33.93 -17.38 13.71
N VAL C 78 33.13 -16.36 13.91
CA VAL C 78 33.11 -15.23 13.04
C VAL C 78 34.34 -14.40 13.32
N ARG C 79 34.70 -14.28 14.59
CA ARG C 79 35.92 -13.56 14.98
C ARG C 79 37.18 -14.34 14.59
N THR C 80 37.02 -15.57 14.11
CA THR C 80 38.14 -16.43 13.66
C THR C 80 38.29 -16.54 12.14
N GLY C 81 37.28 -17.12 11.47
CA GLY C 81 37.30 -17.28 10.03
C GLY C 81 37.23 -15.94 9.33
N THR C 82 38.00 -15.77 8.27
CA THR C 82 37.98 -14.53 7.51
C THR C 82 36.55 -14.06 7.49
N TYR C 83 36.40 -12.74 7.42
CA TYR C 83 35.21 -11.99 7.78
C TYR C 83 35.45 -11.41 9.17
N ARG C 84 36.28 -12.10 9.94
CA ARG C 84 36.85 -11.56 11.18
C ARG C 84 37.10 -10.07 10.98
N GLN C 85 37.35 -9.71 9.73
CA GLN C 85 37.72 -8.37 9.29
C GLN C 85 36.54 -7.52 8.90
N LEU C 86 35.35 -8.12 8.93
CA LEU C 86 34.18 -7.47 8.39
C LEU C 86 33.38 -6.67 9.41
N PHE C 87 33.48 -7.00 10.69
CA PHE C 87 32.60 -6.35 11.66
C PHE C 87 33.36 -5.51 12.67
N HIS C 88 32.69 -4.55 13.27
CA HIS C 88 33.16 -3.92 14.50
C HIS C 88 33.03 -4.98 15.60
N PRO C 89 34.02 -5.16 16.47
CA PRO C 89 33.96 -6.26 17.44
C PRO C 89 32.78 -6.07 18.38
N GLU C 90 32.14 -4.91 18.30
CA GLU C 90 31.05 -4.52 19.18
C GLU C 90 29.72 -5.12 18.78
N GLN C 91 29.58 -5.37 17.49
CA GLN C 91 28.38 -5.90 16.91
C GLN C 91 28.22 -7.38 17.28
N LEU C 92 29.26 -7.94 17.89
CA LEU C 92 29.24 -9.36 18.19
C LEU C 92 29.11 -9.58 19.66
N ILE C 93 27.90 -9.76 20.14
CA ILE C 93 27.78 -9.89 21.57
C ILE C 93 27.74 -11.37 22.02
N SER C 94 28.71 -11.77 22.84
CA SER C 94 28.78 -13.12 23.41
C SER C 94 28.66 -13.05 24.92
N GLY C 95 28.09 -14.07 25.53
CA GLY C 95 27.64 -13.86 26.88
C GLY C 95 27.89 -14.93 27.91
N LYS C 96 29.11 -15.47 27.97
CA LYS C 96 29.53 -16.39 29.06
C LYS C 96 28.68 -17.69 29.21
N GLU C 97 27.78 -17.75 30.21
CA GLU C 97 27.01 -18.98 30.48
C GLU C 97 25.84 -19.21 29.48
N ASP C 98 25.71 -20.46 29.04
CA ASP C 98 24.76 -20.85 27.98
C ASP C 98 23.28 -20.93 28.41
N ALA C 99 22.39 -20.83 27.40
CA ALA C 99 20.93 -20.86 27.56
C ALA C 99 20.36 -22.22 27.77
N ALA C 100 21.26 -23.19 27.81
CA ALA C 100 20.94 -24.58 28.13
C ALA C 100 19.58 -25.10 27.64
N ASN C 101 19.18 -24.68 26.43
CA ASN C 101 18.11 -25.37 25.75
C ASN C 101 16.72 -25.12 26.31
N ASN C 102 16.52 -24.01 26.99
CA ASN C 102 15.15 -23.70 27.46
C ASN C 102 14.69 -22.24 27.58
N TYR C 103 13.51 -21.99 27.02
CA TYR C 103 12.90 -20.68 26.96
C TYR C 103 12.95 -20.03 28.30
N ALA C 104 12.86 -20.83 29.34
CA ALA C 104 12.97 -20.37 30.68
C ALA C 104 14.24 -19.58 30.81
N ARG C 105 15.33 -20.18 30.35
CA ARG C 105 16.64 -19.61 30.52
C ARG C 105 16.73 -18.27 29.82
N GLY C 106 16.72 -18.30 28.49
CA GLY C 106 16.85 -17.11 27.68
C GLY C 106 16.03 -15.94 28.17
N HIS C 107 14.73 -16.16 28.36
CA HIS C 107 13.75 -15.10 28.57
C HIS C 107 13.67 -14.53 30.00
N TYR C 108 14.35 -15.17 30.95
CA TYR C 108 14.15 -14.81 32.36
C TYR C 108 15.44 -14.73 33.17
N THR C 109 16.11 -15.88 33.34
CA THR C 109 17.38 -15.96 34.08
C THR C 109 18.46 -15.35 33.23
N ILE C 110 19.27 -16.19 32.61
CA ILE C 110 20.49 -15.72 31.97
C ILE C 110 20.32 -14.74 30.80
N GLY C 111 19.10 -14.57 30.31
CA GLY C 111 18.84 -13.56 29.31
C GLY C 111 18.91 -12.17 29.90
N LYS C 112 18.06 -11.93 30.89
CA LYS C 112 17.93 -10.64 31.55
C LYS C 112 19.26 -9.91 31.65
N GLU C 113 20.34 -10.67 31.61
CA GLU C 113 21.67 -10.16 31.94
C GLU C 113 22.38 -9.45 30.79
N ILE C 114 22.01 -9.79 29.57
CA ILE C 114 22.76 -9.32 28.42
C ILE C 114 21.90 -8.44 27.53
N ILE C 115 20.59 -8.61 27.69
CA ILE C 115 19.57 -7.90 26.94
C ILE C 115 19.76 -6.38 26.88
N ASP C 116 20.22 -5.80 27.98
CA ASP C 116 20.35 -4.36 28.12
C ASP C 116 21.58 -3.86 27.41
N LEU C 117 22.53 -4.78 27.26
CA LEU C 117 23.78 -4.49 26.57
C LEU C 117 23.57 -4.62 25.07
N VAL C 118 22.86 -5.67 24.67
CA VAL C 118 22.48 -5.82 23.28
C VAL C 118 21.74 -4.58 22.86
N LEU C 119 20.59 -4.38 23.50
CA LEU C 119 19.66 -3.31 23.17
C LEU C 119 20.32 -1.94 22.99
N ASP C 120 21.48 -1.79 23.63
CA ASP C 120 22.32 -0.64 23.42
C ASP C 120 22.90 -0.63 21.99
N ARG C 121 23.83 -1.54 21.65
CA ARG C 121 24.52 -1.47 20.34
C ARG C 121 23.55 -1.54 19.15
N VAL C 122 22.37 -2.12 19.41
CA VAL C 122 21.24 -2.10 18.49
C VAL C 122 20.93 -0.63 18.13
N ARG C 123 20.50 0.14 19.12
CA ARG C 123 20.32 1.58 18.95
C ARG C 123 21.50 2.23 18.29
N LYS C 124 22.63 2.20 18.98
CA LYS C 124 23.93 2.66 18.46
C LYS C 124 24.15 2.40 16.96
N LEU C 125 23.33 1.53 16.39
CA LEU C 125 23.43 1.21 14.96
C LEU C 125 22.38 1.92 14.11
N ALA C 126 21.13 1.82 14.55
CA ALA C 126 20.04 2.50 13.89
C ALA C 126 20.05 3.98 14.21
N ASP C 127 20.95 4.37 15.09
CA ASP C 127 21.14 5.76 15.42
C ASP C 127 21.84 6.48 14.32
N GLN C 128 22.75 5.81 13.62
CA GLN C 128 23.37 6.37 12.40
C GLN C 128 22.74 5.66 11.18
N CYS C 129 21.81 6.37 10.52
CA CYS C 129 20.70 5.75 9.81
C CYS C 129 19.50 6.71 9.89
N THR C 130 19.32 7.57 8.89
CA THR C 130 18.24 8.55 9.01
C THR C 130 16.96 8.08 8.34
N GLY C 131 16.16 7.36 9.15
CA GLY C 131 14.90 6.77 8.73
C GLY C 131 14.88 5.25 8.70
N LEU C 132 15.39 4.62 9.76
CA LEU C 132 15.33 3.16 9.84
C LEU C 132 13.88 2.70 9.66
N GLN C 133 13.72 1.61 8.91
CA GLN C 133 12.38 1.10 8.62
C GLN C 133 12.14 -0.31 9.18
N GLY C 134 13.09 -0.83 9.97
CA GLY C 134 12.83 -2.06 10.71
C GLY C 134 13.89 -3.14 10.89
N PHE C 135 13.42 -4.27 11.42
CA PHE C 135 14.29 -5.31 11.83
C PHE C 135 14.02 -6.61 11.15
N LEU C 136 15.11 -7.30 10.90
CA LEU C 136 15.13 -8.68 10.48
C LEU C 136 15.77 -9.56 11.58
N VAL C 137 14.95 -10.27 12.35
CA VAL C 137 15.45 -11.05 13.44
C VAL C 137 15.54 -12.47 12.97
N PHE C 138 16.73 -13.04 12.97
CA PHE C 138 16.94 -14.45 12.71
C PHE C 138 17.09 -15.25 14.05
N HIS C 139 16.40 -16.39 14.20
CA HIS C 139 16.56 -17.25 15.40
C HIS C 139 16.00 -18.64 15.21
N SER C 140 16.48 -19.54 16.06
CA SER C 140 16.03 -20.95 16.11
C SER C 140 14.62 -21.06 16.70
N PHE C 141 13.79 -21.94 16.13
CA PHE C 141 12.43 -21.93 16.60
C PHE C 141 12.45 -22.44 17.97
N GLY C 142 13.01 -23.63 18.08
CA GLY C 142 13.21 -24.27 19.37
C GLY C 142 14.64 -24.16 19.83
N GLY C 143 14.85 -24.52 21.10
CA GLY C 143 16.18 -24.45 21.68
C GLY C 143 16.43 -23.12 22.37
N GLY C 144 17.44 -23.16 23.27
CA GLY C 144 17.74 -22.13 24.27
C GLY C 144 17.52 -20.67 23.94
N THR C 145 18.61 -19.98 23.65
CA THR C 145 18.55 -18.53 23.48
C THR C 145 17.84 -18.17 22.19
N GLY C 146 17.75 -19.13 21.27
CA GLY C 146 17.04 -18.91 20.01
C GLY C 146 15.56 -18.63 20.20
N SER C 147 14.98 -19.25 21.22
CA SER C 147 13.57 -19.07 21.54
C SER C 147 13.43 -18.07 22.68
N GLY C 148 14.23 -18.26 23.73
CA GLY C 148 14.11 -17.49 24.96
C GLY C 148 14.45 -16.02 24.82
N PHE C 149 15.70 -15.74 24.49
CA PHE C 149 16.16 -14.38 24.37
C PHE C 149 15.39 -13.66 23.29
N THR C 150 15.42 -14.22 22.08
CA THR C 150 14.60 -13.74 20.95
C THR C 150 13.29 -13.10 21.38
N SER C 151 12.44 -13.88 22.06
CA SER C 151 11.21 -13.36 22.64
C SER C 151 11.47 -12.11 23.46
N LEU C 152 12.26 -12.22 24.51
CA LEU C 152 12.63 -11.05 25.27
C LEU C 152 13.12 -9.86 24.38
N LEU C 153 13.95 -10.18 23.38
CA LEU C 153 14.47 -9.15 22.48
C LEU C 153 13.29 -8.47 21.90
N MET C 154 12.52 -9.27 21.17
CA MET C 154 11.31 -8.82 20.52
C MET C 154 10.40 -8.01 21.43
N GLU C 155 10.13 -8.53 22.63
CA GLU C 155 9.18 -7.87 23.52
C GLU C 155 9.64 -6.44 23.56
N ARG C 156 10.93 -6.30 23.80
CA ARG C 156 11.50 -5.01 24.11
C ARG C 156 11.63 -4.03 22.94
N LEU C 157 12.01 -4.55 21.79
CA LEU C 157 12.15 -3.72 20.59
C LEU C 157 10.83 -3.01 20.30
N SER C 158 9.75 -3.79 20.24
CA SER C 158 8.39 -3.33 20.05
C SER C 158 8.05 -2.24 21.06
N VAL C 159 9.04 -1.90 21.88
CA VAL C 159 8.89 -0.87 22.88
C VAL C 159 9.75 0.32 22.53
N ASP C 160 11.07 0.11 22.46
CA ASP C 160 11.98 1.21 22.16
C ASP C 160 11.83 1.71 20.71
N TYR C 161 11.17 0.92 19.86
CA TYR C 161 10.83 1.30 18.48
C TYR C 161 9.39 0.94 18.06
N GLY C 162 8.40 1.76 18.44
CA GLY C 162 7.01 1.44 18.18
C GLY C 162 6.68 0.98 16.76
N LYS C 163 6.76 1.95 15.83
CA LYS C 163 6.51 1.78 14.38
C LYS C 163 7.34 0.59 13.82
N LYS C 164 8.50 0.92 13.21
CA LYS C 164 9.46 -0.05 12.64
C LYS C 164 9.06 -1.52 12.83
N SER C 165 8.63 -2.14 11.73
CA SER C 165 8.10 -3.50 11.70
C SER C 165 9.23 -4.51 11.86
N LYS C 166 8.83 -5.76 12.12
CA LYS C 166 9.76 -6.81 12.46
C LYS C 166 9.45 -8.06 11.65
N LEU C 167 10.49 -8.61 11.03
CA LEU C 167 10.36 -9.84 10.27
C LEU C 167 11.16 -10.93 10.91
N GLU C 168 10.50 -11.96 11.41
CA GLU C 168 11.29 -13.04 11.91
C GLU C 168 11.53 -14.14 10.84
N PHE C 169 12.77 -14.62 10.77
CA PHE C 169 13.15 -15.80 10.01
C PHE C 169 13.37 -16.88 11.04
N SER C 170 12.45 -17.82 11.14
CA SER C 170 12.54 -18.85 12.14
C SER C 170 12.90 -20.19 11.54
N ILE C 171 13.80 -20.89 12.19
CA ILE C 171 14.14 -22.23 11.75
C ILE C 171 13.35 -23.25 12.58
N TYR C 172 12.16 -23.58 12.06
CA TYR C 172 11.28 -24.62 12.61
C TYR C 172 11.94 -26.03 12.55
N PRO C 173 12.08 -26.67 13.72
CA PRO C 173 12.94 -27.85 13.88
C PRO C 173 12.30 -29.20 13.53
N ALA C 174 12.96 -29.87 12.60
CA ALA C 174 12.55 -31.18 12.14
C ALA C 174 13.23 -32.20 12.97
N PRO C 175 12.48 -33.22 13.35
CA PRO C 175 12.97 -34.41 14.07
C PRO C 175 14.48 -34.83 13.91
N GLN C 176 14.93 -35.22 12.71
CA GLN C 176 16.28 -35.79 12.45
C GLN C 176 17.45 -34.78 12.60
N VAL C 177 17.38 -33.64 11.86
CA VAL C 177 18.41 -32.56 11.89
C VAL C 177 18.51 -31.87 13.24
N SER C 178 19.32 -32.56 14.06
CA SER C 178 19.43 -32.54 15.54
C SER C 178 18.58 -31.58 16.41
N THR C 179 17.37 -32.03 16.77
CA THR C 179 16.57 -31.30 17.75
C THR C 179 17.02 -31.63 19.17
N ALA C 180 16.04 -31.92 20.01
CA ALA C 180 16.24 -32.21 21.40
C ALA C 180 14.87 -32.18 22.00
N VAL C 181 14.38 -33.37 22.27
CA VAL C 181 13.32 -33.55 23.24
C VAL C 181 12.56 -32.27 23.49
N VAL C 182 13.13 -31.39 24.32
CA VAL C 182 12.40 -30.31 24.94
C VAL C 182 11.90 -29.29 23.95
N GLU C 183 12.32 -29.41 22.70
CA GLU C 183 12.05 -28.39 21.67
C GLU C 183 10.64 -27.91 21.54
N PRO C 184 9.72 -28.82 21.30
CA PRO C 184 8.31 -28.47 21.22
C PRO C 184 7.99 -27.39 22.21
N TYR C 185 8.23 -27.65 23.49
CA TYR C 185 7.96 -26.68 24.54
C TYR C 185 8.50 -25.32 24.15
N ASN C 186 9.75 -25.30 23.71
CA ASN C 186 10.46 -24.05 23.50
C ASN C 186 9.83 -23.23 22.42
N SER C 187 9.54 -23.90 21.28
CA SER C 187 8.95 -23.25 20.09
C SER C 187 7.52 -22.74 20.35
N ILE C 188 6.71 -23.57 21.02
CA ILE C 188 5.36 -23.19 21.43
C ILE C 188 5.38 -22.06 22.46
N LEU C 189 6.34 -22.12 23.37
CA LEU C 189 6.54 -21.04 24.31
C LEU C 189 6.76 -19.70 23.63
N THR C 190 7.90 -19.58 22.93
CA THR C 190 8.36 -18.33 22.26
C THR C 190 7.35 -17.80 21.29
N THR C 191 6.84 -18.70 20.48
CA THR C 191 5.96 -18.33 19.39
C THR C 191 4.60 -17.80 19.87
N HIS C 192 4.21 -18.13 21.10
CA HIS C 192 3.07 -17.45 21.71
C HIS C 192 3.38 -16.01 22.10
N THR C 193 4.47 -15.88 22.85
CA THR C 193 4.83 -14.60 23.46
C THR C 193 5.54 -13.67 22.46
N THR C 194 5.88 -14.23 21.30
CA THR C 194 6.52 -13.57 20.17
C THR C 194 5.53 -12.86 19.28
N LEU C 195 4.41 -13.52 19.06
CA LEU C 195 3.63 -13.29 17.88
C LEU C 195 2.89 -11.94 17.82
N GLU C 196 2.69 -11.26 18.94
CA GLU C 196 2.04 -9.96 18.84
C GLU C 196 3.05 -8.86 18.67
N HIS C 197 4.32 -9.19 18.78
CA HIS C 197 5.36 -8.19 18.62
C HIS C 197 6.04 -8.31 17.26
N SER C 198 5.72 -9.39 16.55
CA SER C 198 6.20 -9.62 15.17
C SER C 198 5.14 -9.17 14.13
N ASP C 199 5.59 -8.71 12.98
CA ASP C 199 4.65 -8.34 11.93
C ASP C 199 4.44 -9.44 10.88
N CYS C 200 5.52 -10.14 10.53
CA CYS C 200 5.51 -11.14 9.47
C CYS C 200 6.61 -12.14 9.76
N ALA C 201 6.39 -13.39 9.38
CA ALA C 201 7.29 -14.47 9.80
C ALA C 201 7.59 -15.64 8.84
N PHE C 202 8.85 -15.71 8.46
CA PHE C 202 9.28 -16.64 7.46
C PHE C 202 9.73 -17.86 8.18
N MET C 203 8.81 -18.79 8.30
CA MET C 203 9.18 -20.02 8.88
C MET C 203 9.90 -20.84 7.84
N VAL C 204 10.99 -21.46 8.26
CA VAL C 204 11.77 -22.34 7.39
C VAL C 204 12.04 -23.70 8.06
N ASP C 205 11.27 -24.69 7.65
CA ASP C 205 11.32 -26.02 8.25
C ASP C 205 12.57 -26.71 7.77
N ASN C 206 13.32 -27.28 8.70
CA ASN C 206 14.59 -27.89 8.33
C ASN C 206 14.49 -29.12 7.46
N GLU C 207 13.67 -30.08 7.89
CA GLU C 207 13.33 -31.22 7.05
C GLU C 207 13.35 -30.78 5.60
N ALA C 208 12.35 -30.01 5.21
CA ALA C 208 12.22 -29.63 3.81
C ALA C 208 13.54 -29.16 3.21
N ILE C 209 14.40 -28.46 3.98
CA ILE C 209 15.72 -27.99 3.47
C ILE C 209 16.68 -29.12 3.38
N TYR C 210 16.71 -29.90 4.45
CA TYR C 210 17.48 -31.12 4.50
C TYR C 210 17.05 -31.96 3.31
N ASP C 211 15.75 -32.07 3.12
CA ASP C 211 15.18 -32.91 2.06
C ASP C 211 15.70 -32.52 0.71
N ILE C 212 15.64 -31.23 0.46
CA ILE C 212 16.11 -30.69 -0.79
C ILE C 212 17.59 -31.02 -0.98
N CYS C 213 18.36 -31.05 0.11
CA CYS C 213 19.78 -31.32 -0.01
C CYS C 213 20.10 -32.77 -0.39
N ARG C 214 19.34 -33.73 0.12
CA ARG C 214 19.45 -35.12 -0.30
C ARG C 214 19.00 -35.18 -1.73
N ARG C 215 17.84 -34.61 -1.98
CA ARG C 215 17.18 -34.66 -3.27
C ARG C 215 18.03 -34.24 -4.49
N ASN C 216 18.21 -32.94 -4.66
CA ASN C 216 18.83 -32.34 -5.86
C ASN C 216 20.33 -32.06 -5.72
N LEU C 217 20.76 -31.68 -4.51
CA LEU C 217 22.17 -31.42 -4.20
C LEU C 217 22.94 -32.73 -4.11
N ASP C 218 22.21 -33.78 -3.78
CA ASP C 218 22.79 -35.09 -3.70
C ASP C 218 23.94 -35.15 -2.72
N ILE C 219 23.64 -34.88 -1.46
CA ILE C 219 24.56 -35.12 -0.36
C ILE C 219 23.94 -36.18 0.55
N GLU C 220 24.65 -37.28 0.74
CA GLU C 220 24.18 -38.28 1.67
C GLU C 220 24.03 -37.68 3.08
N ARG C 221 24.86 -36.68 3.41
CA ARG C 221 25.09 -36.21 4.79
C ARG C 221 24.43 -34.90 5.32
N PRO C 222 23.56 -34.23 4.57
CA PRO C 222 23.37 -32.78 4.65
C PRO C 222 24.05 -32.00 5.78
N THR C 223 25.22 -31.40 5.51
CA THR C 223 26.05 -30.67 6.52
C THR C 223 25.38 -29.42 7.09
N TYR C 224 25.77 -29.02 8.30
CA TYR C 224 25.14 -27.85 8.95
C TYR C 224 25.27 -26.62 8.11
N THR C 225 26.50 -26.40 7.65
CA THR C 225 26.78 -25.30 6.77
C THR C 225 26.29 -25.62 5.34
N ASN C 226 26.04 -26.90 5.05
CA ASN C 226 25.34 -27.32 3.82
C ASN C 226 23.88 -26.77 3.64
N LEU C 227 23.13 -26.76 4.76
CA LEU C 227 21.73 -26.34 4.84
C LEU C 227 21.60 -24.84 4.80
N ASN C 228 22.62 -24.22 5.35
CA ASN C 228 22.68 -22.80 5.47
C ASN C 228 22.86 -22.21 4.09
N ARG C 229 23.91 -22.57 3.34
CA ARG C 229 24.10 -22.02 1.97
C ARG C 229 22.81 -22.08 1.21
N LEU C 230 22.01 -23.13 1.48
CA LEU C 230 20.76 -23.28 0.79
C LEU C 230 19.83 -22.18 1.24
N MET C 231 19.75 -22.01 2.54
CA MET C 231 18.78 -21.11 3.08
C MET C 231 19.14 -19.66 2.88
N SER C 232 20.41 -19.36 3.02
CA SER C 232 20.93 -18.03 2.78
C SER C 232 20.48 -17.48 1.42
N GLN C 233 20.34 -18.39 0.47
CA GLN C 233 19.89 -18.08 -0.87
C GLN C 233 18.41 -17.66 -0.83
N ILE C 234 17.56 -18.44 -0.15
CA ILE C 234 16.17 -18.06 0.10
C ILE C 234 16.17 -16.65 0.72
N VAL C 235 16.92 -16.51 1.82
CA VAL C 235 17.10 -15.24 2.53
C VAL C 235 17.58 -14.11 1.64
N SER C 236 18.60 -14.35 0.82
CA SER C 236 19.02 -13.37 -0.19
C SER C 236 17.81 -12.91 -1.02
N SER C 237 17.09 -13.87 -1.58
CA SER C 237 16.02 -13.57 -2.50
C SER C 237 14.85 -12.88 -1.82
N ILE C 238 14.64 -13.17 -0.55
CA ILE C 238 13.53 -12.58 0.20
C ILE C 238 13.82 -11.15 0.48
N THR C 239 15.03 -10.89 0.98
CA THR C 239 15.57 -9.54 1.01
C THR C 239 15.78 -9.18 -0.43
N ALA C 240 16.91 -8.55 -0.72
CA ALA C 240 17.27 -8.21 -2.09
C ALA C 240 16.37 -7.13 -2.68
N SER C 241 15.07 -7.42 -2.79
CA SER C 241 14.14 -6.47 -3.41
C SER C 241 14.34 -5.09 -2.76
N LEU C 242 14.75 -5.09 -1.50
CA LEU C 242 15.03 -3.86 -0.78
C LEU C 242 16.53 -3.56 -0.66
N ARG C 243 17.35 -4.30 -1.38
CA ARG C 243 18.81 -4.23 -1.19
C ARG C 243 19.60 -3.42 -2.24
N PHE C 244 19.80 -3.95 -3.44
CA PHE C 244 20.22 -3.12 -4.57
C PHE C 244 18.90 -2.71 -5.15
N ASP C 245 18.87 -1.88 -6.20
CA ASP C 245 17.55 -1.58 -6.75
C ASP C 245 17.32 -1.62 -8.27
N GLY C 246 16.30 -0.88 -8.69
CA GLY C 246 15.81 -0.91 -10.05
C GLY C 246 14.30 -0.67 -10.14
N ALA C 247 13.87 -0.11 -11.28
CA ALA C 247 12.46 0.03 -11.62
C ALA C 247 11.72 -1.35 -11.62
N LEU C 248 12.42 -2.40 -12.05
CA LEU C 248 12.01 -3.79 -11.87
C LEU C 248 11.07 -4.02 -10.70
N ASN C 249 11.65 -4.13 -9.49
CA ASN C 249 10.90 -4.18 -8.22
C ASN C 249 11.66 -3.62 -7.02
N VAL C 250 10.87 -3.19 -6.02
CA VAL C 250 11.28 -2.73 -4.66
C VAL C 250 10.74 -3.60 -3.44
N ASP C 251 10.69 -2.96 -2.26
CA ASP C 251 10.65 -3.57 -0.90
C ASP C 251 9.61 -4.69 -0.54
N LEU C 252 9.79 -5.32 0.62
CA LEU C 252 8.73 -6.10 1.29
C LEU C 252 7.90 -5.25 2.27
N THR C 253 8.23 -3.95 2.33
CA THR C 253 7.47 -2.95 3.10
C THR C 253 5.98 -3.07 2.70
N GLU C 254 5.77 -3.52 1.44
CA GLU C 254 4.47 -3.58 0.74
C GLU C 254 4.25 -4.94 0.12
N PHE C 255 5.27 -5.78 0.22
CA PHE C 255 5.15 -7.22 0.07
C PHE C 255 4.62 -7.85 1.39
N GLN C 256 4.20 -7.01 2.36
CA GLN C 256 3.55 -7.40 3.64
C GLN C 256 2.04 -7.08 3.59
N THR C 257 1.75 -5.78 3.53
CA THR C 257 0.65 -5.24 2.76
C THR C 257 0.18 -6.39 1.88
N ASN C 258 1.12 -7.03 1.19
CA ASN C 258 0.80 -8.08 0.24
C ASN C 258 0.61 -9.47 0.82
N LEU C 259 1.32 -9.79 1.90
CA LEU C 259 1.39 -11.17 2.34
C LEU C 259 0.44 -11.56 3.47
N VAL C 260 0.25 -10.65 4.41
CA VAL C 260 -0.52 -11.02 5.58
C VAL C 260 -1.69 -10.11 5.78
N PRO C 261 -2.85 -10.71 5.75
CA PRO C 261 -4.11 -10.02 5.78
C PRO C 261 -4.67 -9.76 7.15
N TYR C 262 -4.31 -10.61 8.10
CA TYR C 262 -4.95 -10.61 9.41
C TYR C 262 -3.96 -10.55 10.59
N PRO C 263 -4.16 -9.62 11.54
CA PRO C 263 -3.11 -9.25 12.48
C PRO C 263 -2.11 -10.36 12.62
N ARG C 264 -2.59 -11.57 12.85
CA ARG C 264 -1.74 -12.67 13.26
C ARG C 264 -0.64 -13.07 12.28
N ILE C 265 0.43 -12.28 12.39
CA ILE C 265 1.86 -12.46 11.96
C ILE C 265 2.14 -13.27 10.67
N HIS C 266 1.06 -13.57 9.94
CA HIS C 266 1.01 -14.71 9.07
C HIS C 266 2.26 -15.14 8.37
N PHE C 267 2.45 -16.44 8.48
CA PHE C 267 3.72 -17.06 8.28
C PHE C 267 3.71 -17.49 6.85
N PRO C 268 4.45 -16.75 6.04
CA PRO C 268 4.60 -17.07 4.63
C PRO C 268 5.48 -18.32 4.43
N LEU C 269 5.18 -19.18 3.45
CA LEU C 269 6.14 -20.22 3.07
C LEU C 269 6.82 -19.82 1.76
N ALA C 270 8.15 -20.02 1.73
CA ALA C 270 9.01 -19.76 0.55
C ALA C 270 9.28 -21.05 -0.25
N THR C 271 9.91 -20.92 -1.42
CA THR C 271 10.12 -22.06 -2.33
C THR C 271 11.20 -21.76 -3.37
N TYR C 272 12.46 -21.57 -2.97
CA TYR C 272 13.54 -21.21 -3.93
C TYR C 272 13.56 -22.07 -5.18
N ALA C 273 13.96 -21.47 -6.31
CA ALA C 273 13.69 -22.04 -7.64
C ALA C 273 14.56 -23.21 -8.06
N PRO C 274 15.61 -22.95 -8.82
CA PRO C 274 16.43 -24.04 -9.37
C PRO C 274 17.66 -24.34 -8.48
N VAL C 275 17.54 -25.28 -7.55
CA VAL C 275 18.69 -25.78 -6.85
C VAL C 275 19.20 -26.88 -7.72
N ILE C 276 20.40 -26.70 -8.28
CA ILE C 276 21.11 -27.82 -8.89
C ILE C 276 22.63 -27.76 -8.78
N SER C 277 23.22 -28.94 -8.61
CA SER C 277 24.59 -29.13 -8.15
C SER C 277 25.65 -29.05 -9.24
N ALA C 278 26.60 -28.13 -9.10
CA ALA C 278 27.82 -28.17 -9.92
C ALA C 278 28.33 -29.64 -10.02
N GLU C 279 28.66 -30.04 -11.24
CA GLU C 279 28.59 -31.43 -11.67
C GLU C 279 27.51 -31.38 -12.75
N LYS C 280 26.58 -30.45 -12.58
CA LYS C 280 25.48 -30.19 -13.51
C LYS C 280 25.31 -28.66 -13.85
N ALA C 281 26.37 -27.88 -13.56
CA ALA C 281 26.39 -26.41 -13.80
C ALA C 281 26.32 -26.07 -15.28
N TYR C 282 26.36 -27.13 -16.10
CA TYR C 282 26.50 -27.08 -17.56
C TYR C 282 25.38 -27.86 -18.33
N HIS C 283 24.26 -28.13 -17.65
CA HIS C 283 23.05 -28.67 -18.28
C HIS C 283 22.09 -27.53 -18.58
N GLU C 284 22.18 -26.52 -17.71
CA GLU C 284 21.21 -25.45 -17.45
C GLU C 284 20.81 -24.45 -18.61
N GLN C 285 20.62 -23.18 -18.21
CA GLN C 285 19.61 -22.26 -18.78
C GLN C 285 18.25 -22.98 -18.69
N LEU C 286 17.54 -22.77 -17.57
CA LEU C 286 16.33 -23.56 -17.23
C LEU C 286 15.04 -22.82 -17.54
N SER C 287 14.07 -23.56 -18.06
CA SER C 287 12.85 -23.01 -18.64
C SER C 287 12.21 -21.90 -17.77
N VAL C 288 12.15 -20.67 -18.30
CA VAL C 288 11.58 -19.53 -17.57
C VAL C 288 10.22 -19.89 -17.05
N ALA C 289 9.52 -20.70 -17.84
CA ALA C 289 8.28 -21.33 -17.42
C ALA C 289 8.54 -22.32 -16.28
N GLU C 290 9.43 -23.28 -16.50
CA GLU C 290 9.66 -24.40 -15.57
C GLU C 290 10.13 -23.99 -14.15
N ILE C 291 11.17 -23.16 -14.04
CA ILE C 291 11.62 -22.70 -12.72
C ILE C 291 10.42 -22.35 -11.85
N THR C 292 9.56 -21.50 -12.41
CA THR C 292 8.23 -21.23 -11.90
C THR C 292 7.52 -22.54 -11.59
N ASN C 293 7.28 -23.32 -12.64
CA ASN C 293 6.46 -24.53 -12.59
C ASN C 293 6.98 -25.60 -11.64
N ALA C 294 8.30 -25.64 -11.41
CA ALA C 294 8.88 -26.59 -10.44
C ALA C 294 9.00 -26.00 -9.02
N CYS C 295 8.85 -24.67 -8.93
CA CYS C 295 8.76 -24.02 -7.64
C CYS C 295 7.37 -24.20 -7.03
N PHE C 296 6.38 -24.42 -7.91
CA PHE C 296 5.02 -24.84 -7.53
C PHE C 296 4.92 -26.33 -7.30
N GLU C 297 5.62 -26.78 -6.25
CA GLU C 297 5.83 -28.19 -6.05
C GLU C 297 5.93 -28.47 -4.55
N PRO C 298 5.04 -29.32 -4.03
CA PRO C 298 5.20 -29.91 -2.67
C PRO C 298 6.65 -30.35 -2.28
N ALA C 299 7.36 -31.01 -3.22
CA ALA C 299 8.73 -31.58 -3.04
C ALA C 299 9.93 -30.58 -3.02
N ASN C 300 9.64 -29.30 -3.32
CA ASN C 300 10.63 -28.23 -3.54
C ASN C 300 10.32 -27.09 -2.56
N GLN C 301 9.70 -27.42 -1.42
CA GLN C 301 9.09 -26.39 -0.55
C GLN C 301 10.05 -25.64 0.40
N MET C 302 9.65 -25.53 1.66
CA MET C 302 10.32 -24.73 2.67
C MET C 302 9.91 -25.24 4.04
N VAL C 303 8.61 -25.49 4.13
CA VAL C 303 7.95 -26.12 5.29
C VAL C 303 7.33 -27.47 4.89
N LYS C 304 7.41 -28.43 5.80
CA LYS C 304 6.90 -29.76 5.50
C LYS C 304 5.37 -29.85 5.58
N CYS C 305 4.75 -29.39 4.50
CA CYS C 305 3.31 -29.46 4.31
C CYS C 305 2.99 -29.74 2.83
N ASP C 306 1.77 -29.37 2.43
CA ASP C 306 1.39 -29.27 1.02
C ASP C 306 0.23 -28.29 0.86
N PRO C 307 0.38 -27.37 -0.09
CA PRO C 307 -0.63 -26.33 -0.37
C PRO C 307 -1.75 -26.76 -1.35
N ARG C 308 -1.79 -28.07 -1.61
CA ARG C 308 -2.86 -28.71 -2.39
C ARG C 308 -3.95 -29.43 -1.52
N HIS C 309 -3.76 -29.43 -0.18
CA HIS C 309 -4.85 -29.72 0.79
C HIS C 309 -5.00 -28.54 1.80
N GLY C 310 -5.03 -27.32 1.27
CA GLY C 310 -5.20 -26.11 2.04
C GLY C 310 -5.25 -24.93 1.09
N LYS C 311 -6.23 -24.06 1.26
CA LYS C 311 -6.41 -22.90 0.40
C LYS C 311 -5.28 -21.88 0.51
N TYR C 312 -5.12 -21.09 -0.54
CA TYR C 312 -4.10 -20.02 -0.67
C TYR C 312 -4.70 -18.64 -0.38
N MET C 313 -3.97 -17.76 0.28
CA MET C 313 -4.54 -16.45 0.58
C MET C 313 -3.62 -15.29 0.28
N ALA C 314 -2.57 -15.57 -0.50
CA ALA C 314 -1.66 -14.55 -1.05
C ALA C 314 -0.36 -15.13 -1.66
N CYS C 315 -0.36 -15.19 -2.99
CA CYS C 315 0.81 -15.59 -3.75
C CYS C 315 1.57 -14.36 -4.16
N CYS C 316 2.83 -14.57 -4.52
CA CYS C 316 3.81 -13.49 -4.65
C CYS C 316 5.15 -14.05 -5.14
N LEU C 317 5.40 -14.03 -6.44
CA LEU C 317 6.65 -14.57 -6.89
C LEU C 317 7.75 -13.54 -6.79
N LEU C 318 8.92 -13.97 -6.31
CA LEU C 318 10.16 -13.17 -6.40
C LEU C 318 11.20 -13.74 -7.38
N TYR C 319 11.34 -13.09 -8.54
CA TYR C 319 12.25 -13.50 -9.61
C TYR C 319 13.61 -12.76 -9.55
N ARG C 320 14.65 -13.40 -10.12
CA ARG C 320 16.02 -12.85 -10.20
C ARG C 320 16.79 -13.24 -11.47
N GLY C 321 17.49 -12.28 -12.08
CA GLY C 321 18.27 -12.58 -13.27
C GLY C 321 17.57 -12.23 -14.55
N ASP C 322 18.01 -12.86 -15.64
CA ASP C 322 17.55 -12.54 -16.98
C ASP C 322 16.11 -13.02 -17.23
N VAL C 323 15.13 -12.16 -16.89
CA VAL C 323 13.71 -12.42 -17.13
C VAL C 323 12.90 -11.13 -17.35
N VAL C 324 12.37 -10.97 -18.56
CA VAL C 324 11.44 -9.88 -18.93
C VAL C 324 9.99 -10.43 -18.78
N PRO C 325 9.07 -9.61 -18.27
CA PRO C 325 7.69 -10.06 -17.98
C PRO C 325 6.94 -10.91 -19.02
N LYS C 326 6.99 -10.57 -20.31
CA LYS C 326 6.26 -11.29 -21.34
C LYS C 326 6.27 -12.81 -21.16
N ASP C 327 7.24 -13.29 -20.37
CA ASP C 327 7.47 -14.71 -20.06
C ASP C 327 6.61 -15.12 -18.92
N VAL C 328 7.03 -14.67 -17.75
CA VAL C 328 6.30 -14.87 -16.52
C VAL C 328 4.82 -14.91 -16.81
N ASN C 329 4.36 -13.95 -17.60
CA ASN C 329 2.95 -13.68 -17.78
C ASN C 329 2.12 -14.81 -18.36
N ALA C 330 2.28 -15.09 -19.66
CA ALA C 330 1.68 -16.27 -20.29
C ALA C 330 2.32 -17.60 -19.85
N ALA C 331 3.21 -17.52 -18.85
CA ALA C 331 3.79 -18.69 -18.16
C ALA C 331 3.23 -18.84 -16.73
N ILE C 332 2.47 -17.83 -16.28
CA ILE C 332 1.60 -17.93 -15.10
C ILE C 332 0.23 -18.50 -15.50
N ALA C 333 -0.35 -17.98 -16.58
CA ALA C 333 -1.60 -18.50 -17.10
C ALA C 333 -1.49 -20.00 -17.13
N THR C 334 -0.34 -20.47 -17.61
CA THR C 334 -0.06 -21.90 -17.68
C THR C 334 0.31 -22.54 -16.32
N ILE C 335 0.85 -21.76 -15.35
CA ILE C 335 0.98 -22.23 -13.95
C ILE C 335 -0.37 -22.09 -13.22
N LYS C 336 -1.42 -21.83 -14.02
CA LYS C 336 -2.86 -21.66 -13.65
C LYS C 336 -3.88 -22.70 -14.22
N THR C 337 -3.59 -23.31 -15.38
CA THR C 337 -4.47 -24.31 -16.04
C THR C 337 -4.20 -25.81 -15.74
N LYS C 338 -2.96 -26.25 -15.85
CA LYS C 338 -2.59 -27.61 -15.39
C LYS C 338 -2.15 -27.60 -13.91
N ARG C 339 -2.93 -26.91 -13.05
CA ARG C 339 -2.66 -26.83 -11.61
C ARG C 339 -3.87 -26.67 -10.66
N THR C 340 -3.68 -27.21 -9.43
CA THR C 340 -4.59 -27.06 -8.28
C THR C 340 -4.40 -25.65 -7.77
N ILE C 341 -5.24 -24.77 -8.29
CA ILE C 341 -5.13 -23.33 -8.05
C ILE C 341 -5.23 -22.90 -6.54
N GLN C 342 -6.43 -23.08 -5.97
CA GLN C 342 -6.71 -23.04 -4.51
C GLN C 342 -6.85 -21.68 -3.83
N PHE C 343 -7.47 -20.70 -4.50
CA PHE C 343 -7.61 -19.36 -3.92
C PHE C 343 -8.86 -19.13 -3.10
N VAL C 344 -8.65 -18.78 -1.83
CA VAL C 344 -9.69 -18.82 -0.81
C VAL C 344 -10.78 -17.75 -0.97
N ASP C 345 -11.96 -18.17 -1.46
CA ASP C 345 -13.17 -17.32 -1.48
C ASP C 345 -12.98 -15.84 -1.91
N TRP C 346 -12.09 -15.08 -1.24
CA TRP C 346 -12.01 -13.61 -1.29
C TRP C 346 -10.65 -12.89 -1.56
N CYS C 347 -9.52 -13.61 -1.71
CA CYS C 347 -8.22 -12.97 -2.04
C CYS C 347 -7.93 -13.06 -3.54
N PRO C 348 -8.23 -11.99 -4.28
CA PRO C 348 -8.44 -12.08 -5.73
C PRO C 348 -8.01 -13.40 -6.45
N THR C 349 -6.82 -13.37 -7.07
CA THR C 349 -6.14 -14.54 -7.63
C THR C 349 -4.74 -13.97 -7.88
N GLY C 350 -3.99 -13.87 -6.78
CA GLY C 350 -2.81 -13.01 -6.64
C GLY C 350 -1.66 -12.93 -7.66
N PHE C 351 -0.44 -13.24 -7.19
CA PHE C 351 0.79 -13.04 -7.95
C PHE C 351 1.13 -11.56 -8.22
N LYS C 352 1.61 -10.87 -7.20
CA LYS C 352 2.41 -9.68 -7.42
C LYS C 352 3.76 -10.31 -7.63
N VAL C 353 4.47 -9.87 -8.66
CA VAL C 353 5.74 -10.46 -9.03
C VAL C 353 6.83 -9.42 -9.11
N GLY C 354 8.07 -9.85 -8.96
CA GLY C 354 9.17 -8.90 -8.98
C GLY C 354 10.43 -9.50 -9.53
N ILE C 355 10.80 -9.08 -10.73
CA ILE C 355 12.08 -9.44 -11.31
C ILE C 355 13.07 -8.47 -10.75
N ASN C 356 14.35 -8.85 -10.80
CA ASN C 356 15.43 -8.10 -10.19
C ASN C 356 16.72 -7.99 -11.02
N TYR C 357 16.73 -8.68 -12.16
CA TYR C 357 17.80 -8.64 -13.14
C TYR C 357 19.07 -9.22 -12.61
N GLN C 358 19.34 -8.95 -11.35
CA GLN C 358 20.62 -9.22 -10.77
C GLN C 358 21.00 -10.73 -10.73
N PRO C 359 22.06 -11.10 -11.47
CA PRO C 359 22.60 -12.47 -11.46
C PRO C 359 22.55 -13.03 -10.06
N PRO C 360 21.97 -14.21 -9.96
CA PRO C 360 21.69 -14.84 -8.65
C PRO C 360 22.94 -15.52 -8.11
N THR C 361 23.92 -14.71 -7.72
CA THR C 361 25.23 -15.23 -7.40
C THR C 361 25.19 -16.11 -6.19
N VAL C 362 25.73 -17.30 -6.41
CA VAL C 362 25.90 -18.34 -5.40
C VAL C 362 27.37 -18.35 -4.92
N VAL C 363 27.65 -19.20 -3.93
CA VAL C 363 28.96 -19.28 -3.28
C VAL C 363 29.98 -20.10 -4.09
N PRO C 364 31.27 -19.71 -4.08
CA PRO C 364 32.27 -20.36 -4.96
C PRO C 364 32.75 -21.72 -4.46
N GLY C 365 32.91 -21.88 -3.15
CA GLY C 365 33.18 -23.18 -2.55
C GLY C 365 31.91 -23.92 -2.19
N GLY C 366 30.79 -23.56 -2.86
CA GLY C 366 29.45 -24.10 -2.61
C GLY C 366 29.18 -25.42 -3.33
N ASP C 367 27.90 -25.73 -3.53
CA ASP C 367 27.52 -27.00 -4.18
C ASP C 367 26.47 -26.72 -5.26
N LEU C 368 25.60 -25.77 -4.95
CA LEU C 368 24.75 -25.06 -5.89
C LEU C 368 25.70 -24.51 -6.97
N ALA C 369 25.21 -24.30 -8.18
CA ALA C 369 26.07 -23.81 -9.25
C ALA C 369 25.65 -22.42 -9.73
N LYS C 370 26.35 -21.89 -10.72
CA LYS C 370 25.99 -20.59 -11.33
C LYS C 370 24.62 -20.65 -12.00
N VAL C 371 23.82 -19.60 -11.87
CA VAL C 371 22.47 -19.63 -12.44
C VAL C 371 22.10 -18.44 -13.29
N GLN C 372 21.44 -18.74 -14.41
CA GLN C 372 20.97 -17.72 -15.35
C GLN C 372 19.68 -17.00 -14.89
N ARG C 373 18.92 -17.58 -13.95
CA ARG C 373 17.64 -17.01 -13.46
C ARG C 373 17.02 -17.87 -12.34
N ALA C 374 16.35 -17.24 -11.36
CA ALA C 374 15.83 -17.96 -10.20
C ALA C 374 14.56 -17.37 -9.58
N VAL C 375 13.63 -18.25 -9.22
CA VAL C 375 12.33 -17.88 -8.64
C VAL C 375 12.35 -17.89 -7.10
N CYS C 376 11.25 -17.48 -6.45
CA CYS C 376 11.19 -17.56 -4.99
C CYS C 376 9.87 -17.87 -4.28
N MET C 377 8.75 -17.36 -4.79
CA MET C 377 7.44 -17.71 -4.25
C MET C 377 7.25 -17.55 -2.76
N LEU C 378 6.64 -16.45 -2.39
CA LEU C 378 6.24 -16.24 -1.02
C LEU C 378 4.71 -16.29 -0.97
N SER C 379 4.21 -17.47 -0.65
CA SER C 379 2.78 -17.67 -0.59
C SER C 379 2.36 -17.96 0.85
N ASN C 380 1.29 -17.29 1.27
CA ASN C 380 0.72 -17.53 2.59
C ASN C 380 -0.52 -18.36 2.49
N THR C 381 -0.47 -19.54 3.14
CA THR C 381 -1.53 -20.54 2.99
C THR C 381 -1.98 -21.22 4.29
N THR C 382 -3.26 -21.60 4.35
CA THR C 382 -3.84 -22.24 5.53
C THR C 382 -3.28 -23.64 5.74
N ALA C 383 -2.37 -24.02 4.85
CA ALA C 383 -1.66 -25.28 4.96
C ALA C 383 -0.38 -25.14 5.80
N VAL C 384 0.13 -23.92 5.98
CA VAL C 384 1.25 -23.72 6.90
C VAL C 384 0.74 -24.13 8.30
N ALA C 385 -0.58 -24.20 8.44
CA ALA C 385 -1.22 -24.60 9.68
C ALA C 385 -0.96 -26.05 10.04
N GLU C 386 -0.51 -26.83 9.07
CA GLU C 386 -0.11 -28.25 9.25
C GLU C 386 1.04 -28.37 10.23
N ALA C 387 2.07 -27.57 10.00
CA ALA C 387 3.24 -27.54 10.86
C ALA C 387 2.90 -26.99 12.23
N TRP C 388 1.71 -26.43 12.38
CA TRP C 388 1.34 -25.82 13.62
C TRP C 388 0.85 -26.83 14.63
N ALA C 389 0.40 -27.99 14.17
CA ALA C 389 -0.04 -29.07 15.07
C ALA C 389 0.88 -30.27 15.04
N ARG C 390 1.65 -30.42 13.96
CA ARG C 390 2.69 -31.43 13.89
C ARG C 390 3.60 -31.20 15.11
N LEU C 391 3.75 -29.92 15.45
CA LEU C 391 4.45 -29.46 16.64
C LEU C 391 3.56 -29.53 17.84
N ASP C 392 2.35 -29.00 17.71
CA ASP C 392 1.46 -28.96 18.85
C ASP C 392 1.18 -30.35 19.43
N HIS C 393 1.11 -31.37 18.57
CA HIS C 393 0.97 -32.78 19.04
C HIS C 393 2.17 -33.17 19.90
N LYS C 394 3.38 -33.07 19.34
CA LYS C 394 4.62 -33.24 20.13
C LYS C 394 4.46 -32.56 21.50
N PHE C 395 4.12 -31.27 21.53
CA PHE C 395 3.83 -30.57 22.78
C PHE C 395 2.86 -31.37 23.62
N ASP C 396 1.60 -31.34 23.23
CA ASP C 396 0.53 -31.88 24.03
C ASP C 396 0.94 -33.04 24.92
N LEU C 397 1.31 -34.16 24.30
CA LEU C 397 1.42 -35.44 25.02
C LEU C 397 2.65 -35.54 25.89
N MET C 398 3.60 -34.66 25.66
CA MET C 398 4.67 -34.45 26.60
C MET C 398 4.05 -33.72 27.77
N TYR C 399 3.34 -32.63 27.51
CA TYR C 399 2.73 -31.83 28.58
C TYR C 399 1.63 -32.58 29.31
N ALA C 400 1.05 -33.56 28.63
CA ALA C 400 0.02 -34.40 29.23
C ALA C 400 0.57 -35.28 30.36
N LYS C 401 1.88 -35.18 30.60
CA LYS C 401 2.48 -35.82 31.75
C LYS C 401 3.50 -34.88 32.39
N ARG C 402 3.34 -33.57 32.15
CA ARG C 402 4.27 -32.53 32.65
C ARG C 402 5.71 -32.73 32.22
N ALA C 403 5.96 -33.76 31.42
CA ALA C 403 7.31 -34.16 31.01
C ALA C 403 8.41 -33.33 31.68
N PHE C 404 8.92 -32.34 30.98
CA PHE C 404 10.11 -31.68 31.44
C PHE C 404 9.87 -30.35 32.13
N VAL C 405 8.58 -30.01 32.23
CA VAL C 405 8.13 -28.82 32.94
C VAL C 405 9.13 -28.17 33.91
N HIS C 406 9.42 -28.84 35.00
CA HIS C 406 10.07 -28.23 36.15
C HIS C 406 11.38 -27.55 35.82
N TRP C 407 12.06 -28.01 34.77
CA TRP C 407 13.35 -27.42 34.37
C TRP C 407 13.21 -25.95 34.00
N TYR C 408 11.97 -25.57 33.73
CA TYR C 408 11.61 -24.20 33.56
C TYR C 408 11.11 -23.66 34.90
N VAL C 409 10.07 -24.27 35.48
CA VAL C 409 9.41 -23.75 36.70
C VAL C 409 10.47 -23.37 37.70
N GLY C 410 11.55 -24.15 37.71
CA GLY C 410 12.71 -23.89 38.52
C GLY C 410 13.29 -22.55 38.13
N GLU C 411 13.72 -22.43 36.88
CA GLU C 411 14.38 -21.20 36.44
C GLU C 411 13.44 -20.00 36.47
N GLY C 412 12.19 -20.21 36.89
CA GLY C 412 11.36 -19.14 37.38
C GLY C 412 10.02 -18.91 36.75
N MET C 413 9.61 -19.83 35.90
CA MET C 413 8.39 -19.62 35.13
C MET C 413 7.18 -20.02 35.96
N GLU C 414 6.01 -19.80 35.36
CA GLU C 414 4.78 -20.32 35.91
C GLU C 414 4.24 -21.49 35.08
N GLU C 415 3.43 -22.33 35.72
CA GLU C 415 2.71 -23.39 35.02
C GLU C 415 1.75 -22.82 33.98
N GLY C 416 0.99 -21.79 34.38
CA GLY C 416 -0.07 -21.17 33.60
C GLY C 416 0.34 -20.29 32.44
N GLU C 417 1.65 -20.13 32.30
CA GLU C 417 2.30 -19.67 31.08
C GLU C 417 2.14 -20.77 30.03
N PHE C 418 2.76 -21.92 30.30
CA PHE C 418 2.66 -23.16 29.50
C PHE C 418 1.23 -23.47 29.07
N SER C 419 0.35 -23.44 30.08
CA SER C 419 -1.07 -23.75 29.93
C SER C 419 -1.73 -22.77 28.99
N GLU C 420 -1.51 -21.49 29.24
CA GLU C 420 -2.19 -20.45 28.50
C GLU C 420 -1.53 -20.08 27.14
N ALA C 421 -0.29 -20.52 26.94
CA ALA C 421 0.41 -20.34 25.66
C ALA C 421 -0.08 -21.35 24.65
N ARG C 422 -0.19 -22.61 25.06
CA ARG C 422 -0.80 -23.61 24.21
C ARG C 422 -2.27 -23.33 24.03
N GLU C 423 -2.87 -22.60 24.97
CA GLU C 423 -4.27 -22.20 24.82
C GLU C 423 -4.41 -21.05 23.83
N ASP C 424 -3.28 -20.62 23.25
CA ASP C 424 -3.26 -19.62 22.19
C ASP C 424 -3.00 -20.19 20.82
N MET C 425 -2.09 -21.14 20.72
CA MET C 425 -1.94 -21.88 19.47
C MET C 425 -3.24 -22.59 19.15
N ALA C 426 -3.95 -22.93 20.22
CA ALA C 426 -5.26 -23.52 20.12
C ALA C 426 -6.10 -22.61 19.27
N ALA C 427 -6.01 -21.32 19.57
CA ALA C 427 -6.74 -20.32 18.81
C ALA C 427 -6.20 -20.14 17.38
N LEU C 428 -4.88 -20.04 17.24
CA LEU C 428 -4.23 -19.81 15.94
C LEU C 428 -4.55 -20.93 14.96
N GLU C 429 -4.44 -22.17 15.46
CA GLU C 429 -4.74 -23.35 14.69
C GLU C 429 -6.19 -23.37 14.20
N LYS C 430 -7.10 -22.92 15.07
CA LYS C 430 -8.52 -22.70 14.77
C LYS C 430 -8.78 -21.42 13.96
N ASP C 431 -8.05 -20.35 14.25
CA ASP C 431 -8.06 -19.13 13.46
C ASP C 431 -7.75 -19.47 12.01
N TYR C 432 -6.67 -20.22 11.85
CA TYR C 432 -6.12 -20.57 10.57
C TYR C 432 -7.14 -21.30 9.76
N GLU C 433 -7.19 -22.62 9.96
CA GLU C 433 -8.14 -23.50 9.29
C GLU C 433 -9.54 -22.83 9.17
N GLU C 434 -9.78 -21.80 9.99
CA GLU C 434 -11.07 -21.07 10.04
C GLU C 434 -11.29 -20.10 8.90
N VAL C 435 -10.44 -19.08 8.85
CA VAL C 435 -10.44 -18.16 7.71
C VAL C 435 -10.46 -18.98 6.42
N GLY C 436 -9.74 -20.10 6.43
CA GLY C 436 -9.71 -21.05 5.32
C GLY C 436 -11.01 -21.52 4.70
N ALA C 437 -10.86 -21.99 3.46
CA ALA C 437 -11.94 -22.42 2.57
C ALA C 437 -13.37 -22.12 3.04
N ASP C 438 -14.17 -21.53 2.14
CA ASP C 438 -15.42 -20.98 2.58
C ASP C 438 -16.65 -21.26 1.72
N SER C 439 -17.79 -20.81 2.23
CA SER C 439 -19.09 -20.79 1.52
C SER C 439 -19.87 -19.51 1.89
N ARG D 2 31.71 -23.21 29.41
CA ARG D 2 31.68 -23.82 30.74
C ARG D 2 32.88 -24.80 30.88
N GLU D 3 33.14 -25.29 32.09
CA GLU D 3 34.25 -26.23 32.43
C GLU D 3 33.97 -26.96 33.76
N ILE D 4 34.30 -28.26 33.85
CA ILE D 4 34.00 -29.10 35.06
C ILE D 4 35.15 -29.67 35.94
N VAL D 5 34.94 -29.60 37.25
CA VAL D 5 35.92 -30.11 38.18
C VAL D 5 35.42 -31.35 38.85
N HIS D 6 36.37 -32.08 39.41
CA HIS D 6 36.23 -33.47 39.71
C HIS D 6 36.49 -33.75 41.14
N ILE D 7 35.58 -34.44 41.77
CA ILE D 7 35.87 -34.89 43.09
C ILE D 7 35.95 -36.41 43.03
N GLN D 8 37.06 -36.93 43.54
CA GLN D 8 37.32 -38.35 43.55
C GLN D 8 37.49 -38.80 44.99
N ALA D 9 36.60 -39.66 45.49
CA ALA D 9 36.61 -39.99 46.92
C ALA D 9 36.32 -41.42 47.24
N GLY D 10 37.29 -42.03 47.92
CA GLY D 10 37.18 -43.39 48.44
C GLY D 10 38.00 -44.43 47.71
N GLN D 11 38.52 -45.42 48.44
CA GLN D 11 39.19 -46.62 47.87
C GLN D 11 38.71 -46.94 46.43
N CYS D 12 37.38 -47.02 46.26
CA CYS D 12 36.75 -47.22 44.96
C CYS D 12 36.82 -45.94 44.18
N GLY D 13 36.05 -44.94 44.60
CA GLY D 13 36.01 -43.65 43.93
C GLY D 13 37.37 -43.21 43.40
N ASN D 14 38.43 -43.68 44.06
CA ASN D 14 39.80 -43.24 43.80
C ASN D 14 40.66 -44.12 42.91
N GLN D 15 40.29 -45.40 42.77
CA GLN D 15 40.78 -46.09 41.59
C GLN D 15 39.85 -45.69 40.44
N ILE D 16 38.54 -45.83 40.64
CA ILE D 16 37.61 -45.56 39.57
C ILE D 16 38.04 -44.40 38.73
N GLY D 17 38.65 -43.42 39.36
CA GLY D 17 39.10 -42.20 38.69
C GLY D 17 40.54 -42.18 38.23
N ALA D 18 41.43 -42.77 39.03
CA ALA D 18 42.78 -42.99 38.56
C ALA D 18 42.68 -43.60 37.17
N LYS D 19 42.01 -44.76 37.08
CA LYS D 19 41.79 -45.48 35.82
C LYS D 19 41.06 -44.60 34.83
N PHE D 20 40.17 -43.75 35.34
CA PHE D 20 39.48 -42.82 34.47
C PHE D 20 40.55 -41.92 33.87
N TRP D 21 41.16 -41.12 34.73
CA TRP D 21 42.09 -40.11 34.26
C TRP D 21 43.00 -40.65 33.17
N GLU D 22 43.64 -41.79 33.47
CA GLU D 22 44.70 -42.27 32.61
C GLU D 22 44.21 -42.85 31.27
N VAL D 23 42.89 -42.90 31.04
CA VAL D 23 42.42 -43.23 29.68
C VAL D 23 41.89 -42.01 28.94
N ILE D 24 41.54 -40.98 29.69
CA ILE D 24 41.23 -39.70 29.07
C ILE D 24 42.53 -38.94 28.79
N SER D 25 43.49 -39.04 29.71
CA SER D 25 44.79 -38.43 29.52
C SER D 25 45.49 -39.01 28.31
N ASP D 26 45.27 -40.30 28.09
CA ASP D 26 45.79 -40.93 26.90
C ASP D 26 45.10 -40.43 25.64
N GLU D 27 43.87 -39.95 25.71
CA GLU D 27 43.14 -39.54 24.49
C GLU D 27 43.61 -38.21 23.98
N HIS D 28 43.78 -37.26 24.89
CA HIS D 28 44.25 -35.96 24.50
C HIS D 28 45.74 -36.05 24.50
N GLY D 29 46.26 -37.05 25.18
CA GLY D 29 47.67 -37.38 25.12
C GLY D 29 48.51 -36.52 26.04
N ILE D 30 48.70 -37.02 27.26
CA ILE D 30 49.55 -36.34 28.22
C ILE D 30 50.54 -37.34 28.79
N ASP D 31 51.80 -36.93 28.89
CA ASP D 31 52.83 -37.70 29.59
C ASP D 31 52.39 -37.70 31.03
N PRO D 32 53.19 -38.27 31.94
CA PRO D 32 53.02 -38.02 33.37
C PRO D 32 52.61 -36.56 33.72
N THR D 33 53.38 -35.53 33.37
CA THR D 33 52.90 -34.15 33.44
C THR D 33 52.95 -33.66 32.05
N GLY D 34 54.02 -34.06 31.37
CA GLY D 34 54.37 -33.63 30.05
C GLY D 34 53.22 -33.06 29.26
N SER D 35 53.56 -32.29 28.23
CA SER D 35 52.60 -31.58 27.41
C SER D 35 51.67 -32.54 26.64
N TYR D 36 51.61 -32.35 25.34
CA TYR D 36 50.75 -33.13 24.50
C TYR D 36 51.68 -33.74 23.48
N HIS D 37 51.47 -35.01 23.17
CA HIS D 37 52.18 -35.65 22.10
C HIS D 37 51.19 -36.56 21.38
N GLY D 38 50.75 -36.12 20.21
CA GLY D 38 49.79 -36.86 19.44
C GLY D 38 49.64 -36.11 18.14
N ASP D 39 49.97 -36.76 17.03
CA ASP D 39 49.99 -36.10 15.71
C ASP D 39 48.61 -35.74 15.13
N SER D 40 47.53 -36.27 15.75
CA SER D 40 46.14 -35.82 15.47
C SER D 40 45.77 -34.62 16.38
N ASP D 41 45.40 -33.51 15.73
CA ASP D 41 45.41 -32.17 16.33
C ASP D 41 44.25 -31.82 17.28
N LEU D 42 43.10 -32.46 17.07
CA LEU D 42 41.86 -32.16 17.79
C LEU D 42 41.99 -31.96 19.31
N GLN D 43 41.97 -33.06 20.06
CA GLN D 43 42.28 -33.13 21.52
C GLN D 43 42.11 -31.85 22.38
N LEU D 44 43.02 -30.87 22.20
CA LEU D 44 43.09 -29.64 23.02
C LEU D 44 41.95 -28.63 22.88
N GLU D 45 41.01 -28.91 21.97
CA GLU D 45 39.84 -28.04 21.77
C GLU D 45 39.24 -27.69 23.11
N ARG D 46 38.62 -28.71 23.69
CA ARG D 46 37.82 -28.57 24.87
C ARG D 46 38.48 -29.45 25.91
N ILE D 47 39.81 -29.33 26.00
CA ILE D 47 40.55 -29.91 27.12
C ILE D 47 40.48 -28.93 28.28
N ASN D 48 39.90 -27.77 28.01
CA ASN D 48 39.54 -26.82 29.04
C ASN D 48 38.70 -27.49 30.09
N VAL D 49 37.70 -28.23 29.65
CA VAL D 49 36.75 -28.89 30.54
C VAL D 49 37.46 -29.74 31.61
N TYR D 50 38.31 -30.67 31.22
CA TYR D 50 38.87 -31.55 32.24
C TYR D 50 40.25 -31.19 32.77
N TYR D 51 40.87 -30.16 32.19
CA TYR D 51 42.24 -29.75 32.52
C TYR D 51 42.40 -28.26 32.74
N ASN D 52 42.74 -27.86 33.96
CA ASN D 52 43.27 -26.52 34.23
C ASN D 52 44.77 -26.64 33.89
N GLU D 53 45.32 -25.73 33.07
CA GLU D 53 46.72 -25.81 32.64
C GLU D 53 47.61 -24.88 33.46
N ALA D 54 48.78 -25.35 33.89
CA ALA D 54 49.65 -24.56 34.76
C ALA D 54 51.08 -24.35 34.24
N THR D 55 52.01 -24.10 35.16
CA THR D 55 53.40 -23.75 34.87
C THR D 55 54.05 -24.57 33.75
N GLY D 56 54.73 -23.89 32.83
CA GLY D 56 55.30 -24.51 31.64
C GLY D 56 54.25 -25.05 30.68
N ASN D 57 54.70 -25.67 29.60
CA ASN D 57 53.79 -26.23 28.62
C ASN D 57 52.98 -27.37 29.19
N LYS D 58 53.21 -27.68 30.46
CA LYS D 58 52.64 -28.87 31.12
C LYS D 58 51.18 -28.72 31.57
N TYR D 59 50.55 -29.79 32.08
CA TYR D 59 49.08 -29.88 32.05
C TYR D 59 48.10 -29.99 33.26
N VAL D 60 48.35 -30.82 34.27
CA VAL D 60 47.46 -30.99 35.47
C VAL D 60 45.93 -31.05 35.32
N PRO D 61 45.35 -32.17 35.75
CA PRO D 61 43.90 -32.32 35.74
C PRO D 61 43.24 -31.43 36.80
N ARG D 62 42.01 -31.00 36.49
CA ARG D 62 41.13 -30.39 37.47
C ARG D 62 40.50 -31.51 38.29
N ALA D 63 41.27 -32.02 39.25
CA ALA D 63 40.79 -33.08 40.09
C ALA D 63 41.26 -32.89 41.51
N ILE D 64 40.47 -33.42 42.43
CA ILE D 64 40.70 -33.30 43.85
C ILE D 64 40.42 -34.67 44.44
N LEU D 65 41.28 -35.08 45.36
CA LEU D 65 41.26 -36.45 45.80
C LEU D 65 41.08 -36.56 47.30
N VAL D 66 40.09 -37.34 47.70
CA VAL D 66 39.74 -37.44 49.10
C VAL D 66 39.66 -38.87 49.58
N ASP D 67 40.35 -39.14 50.71
CA ASP D 67 40.25 -40.41 51.45
C ASP D 67 40.53 -40.24 52.95
N LEU D 68 39.83 -41.01 53.77
CA LEU D 68 39.93 -40.90 55.22
C LEU D 68 40.91 -41.91 55.82
N GLU D 69 41.94 -42.20 55.02
CA GLU D 69 43.10 -42.98 55.41
C GLU D 69 44.07 -42.81 54.24
N PRO D 70 45.35 -42.57 54.53
CA PRO D 70 46.35 -42.36 53.47
C PRO D 70 46.32 -43.45 52.38
N GLY D 71 46.91 -44.60 52.66
CA GLY D 71 46.92 -45.74 51.76
C GLY D 71 46.56 -45.44 50.31
N THR D 72 45.27 -45.49 50.00
CA THR D 72 44.77 -45.48 48.62
C THR D 72 45.03 -44.19 47.81
N MET D 73 45.80 -43.27 48.41
CA MET D 73 46.28 -42.06 47.74
C MET D 73 47.65 -42.34 47.10
N ASP D 74 48.56 -42.88 47.91
CA ASP D 74 49.90 -43.25 47.46
C ASP D 74 49.81 -44.43 46.53
N SER D 75 48.59 -44.88 46.29
CA SER D 75 48.27 -45.88 45.29
C SER D 75 48.29 -45.15 43.96
N VAL D 76 47.77 -43.94 43.97
CA VAL D 76 47.72 -43.18 42.76
C VAL D 76 49.07 -42.56 42.47
N ARG D 77 49.72 -41.95 43.47
CA ARG D 77 51.01 -41.30 43.25
C ARG D 77 52.06 -42.33 42.84
N SER D 78 52.27 -43.32 43.71
CA SER D 78 53.09 -44.47 43.36
C SER D 78 52.16 -45.38 42.54
N GLY D 79 52.08 -45.12 41.24
CA GLY D 79 51.23 -45.92 40.38
C GLY D 79 51.30 -45.62 38.89
N PRO D 80 50.16 -45.23 38.30
CA PRO D 80 50.03 -45.11 36.84
C PRO D 80 50.48 -43.75 36.33
N PHE D 81 49.53 -42.84 36.30
CA PHE D 81 49.81 -41.45 36.05
C PHE D 81 49.85 -40.75 37.39
N GLY D 82 50.76 -41.18 38.24
CA GLY D 82 50.84 -40.68 39.60
C GLY D 82 51.43 -39.30 39.78
N GLN D 83 52.33 -38.95 38.87
CA GLN D 83 53.03 -37.69 38.99
C GLN D 83 52.18 -36.51 38.51
N ILE D 84 50.93 -36.77 38.07
CA ILE D 84 50.13 -35.77 37.36
C ILE D 84 49.35 -34.76 38.21
N PHE D 85 48.92 -35.16 39.40
CA PHE D 85 47.98 -34.36 40.20
C PHE D 85 48.73 -33.35 41.05
N ARG D 86 48.21 -32.13 41.17
CA ARG D 86 48.87 -31.09 41.99
C ARG D 86 48.74 -31.44 43.46
N PRO D 87 49.87 -31.63 44.14
CA PRO D 87 49.88 -32.16 45.53
C PRO D 87 48.83 -31.61 46.51
N ASP D 88 48.55 -30.31 46.52
CA ASP D 88 47.45 -29.81 47.36
C ASP D 88 46.06 -30.03 46.71
N ASN D 89 45.97 -30.99 45.79
CA ASN D 89 44.67 -31.48 45.33
C ASN D 89 44.50 -32.89 45.92
N PHE D 90 45.43 -33.23 46.83
CA PHE D 90 45.45 -34.47 47.57
C PHE D 90 44.94 -34.22 48.98
N VAL D 91 43.70 -34.61 49.28
CA VAL D 91 43.19 -34.48 50.66
C VAL D 91 42.96 -35.82 51.37
N PHE D 92 44.03 -36.30 52.03
CA PHE D 92 44.08 -37.56 52.80
C PHE D 92 43.70 -37.33 54.28
N GLY D 93 42.92 -38.26 54.84
CA GLY D 93 42.23 -38.02 56.09
C GLY D 93 42.92 -38.40 57.38
N GLN D 94 44.11 -38.99 57.27
CA GLN D 94 44.79 -39.64 58.39
C GLN D 94 43.84 -40.72 58.99
N SER D 95 43.34 -40.48 60.21
CA SER D 95 42.22 -41.22 60.86
C SER D 95 41.93 -42.72 60.49
N GLY D 96 40.66 -43.12 60.58
CA GLY D 96 40.22 -44.43 60.18
C GLY D 96 39.03 -44.27 59.25
N ALA D 97 39.15 -44.82 58.05
CA ALA D 97 38.12 -44.74 57.00
C ALA D 97 36.73 -44.98 57.55
N GLY D 98 36.58 -46.08 58.30
CA GLY D 98 35.31 -46.49 58.85
C GLY D 98 34.71 -47.59 58.01
N ASN D 99 34.35 -47.23 56.77
CA ASN D 99 33.61 -48.08 55.86
C ASN D 99 32.18 -48.33 56.42
N ASN D 100 31.72 -47.36 57.21
CA ASN D 100 30.33 -47.23 57.62
C ASN D 100 29.86 -45.77 57.52
N TRP D 101 29.02 -45.55 56.52
CA TRP D 101 28.51 -44.24 56.11
C TRP D 101 28.51 -43.20 57.20
N ALA D 102 27.94 -43.57 58.34
CA ALA D 102 27.92 -42.67 59.48
C ALA D 102 29.28 -42.00 59.66
N LYS D 103 30.32 -42.81 59.79
CA LYS D 103 31.67 -42.30 60.08
C LYS D 103 32.02 -41.22 59.04
N GLY D 104 31.80 -41.56 57.77
CA GLY D 104 32.16 -40.66 56.70
C GLY D 104 31.23 -39.48 56.45
N HIS D 105 30.00 -39.54 56.96
CA HIS D 105 29.06 -38.43 56.75
C HIS D 105 28.91 -37.61 58.01
N TYR D 106 29.29 -38.17 59.14
CA TYR D 106 29.24 -37.41 60.37
C TYR D 106 30.59 -37.27 61.05
N THR D 107 31.07 -38.34 61.69
CA THR D 107 32.22 -38.27 62.61
C THR D 107 33.57 -38.05 61.90
N GLU D 108 34.16 -39.07 61.30
CA GLU D 108 35.47 -38.89 60.67
C GLU D 108 35.32 -38.08 59.41
N GLY D 109 34.09 -37.89 58.95
CA GLY D 109 33.81 -37.08 57.79
C GLY D 109 33.91 -35.58 58.00
N ALA D 110 32.90 -35.01 58.64
CA ALA D 110 32.89 -33.59 58.93
C ALA D 110 34.14 -33.26 59.73
N GLU D 111 35.05 -34.22 59.82
CA GLU D 111 36.37 -33.99 60.38
C GLU D 111 37.19 -33.39 59.28
N LEU D 112 37.17 -34.01 58.12
CA LEU D 112 37.96 -33.52 57.03
C LEU D 112 37.14 -32.46 56.37
N VAL D 113 35.95 -32.87 55.92
CA VAL D 113 35.12 -32.07 55.04
C VAL D 113 35.82 -30.81 54.52
N ASP D 114 36.00 -29.85 55.40
CA ASP D 114 36.43 -28.53 54.97
C ASP D 114 37.62 -28.58 54.00
N SER D 115 38.72 -29.16 54.44
CA SER D 115 39.95 -29.16 53.64
C SER D 115 39.64 -29.48 52.19
N VAL D 116 38.71 -30.39 51.99
CA VAL D 116 38.24 -30.75 50.67
C VAL D 116 37.52 -29.57 50.09
N LEU D 117 36.34 -29.34 50.67
CA LEU D 117 35.38 -28.28 50.32
C LEU D 117 36.07 -27.00 49.91
N ASP D 118 37.24 -26.77 50.51
CA ASP D 118 37.93 -25.50 50.43
C ASP D 118 39.09 -25.48 49.39
N VAL D 119 39.42 -26.66 48.87
CA VAL D 119 40.31 -26.74 47.71
C VAL D 119 39.45 -26.79 46.47
N VAL D 120 38.28 -27.42 46.60
CA VAL D 120 37.27 -27.34 45.54
C VAL D 120 36.96 -25.89 45.28
N ARG D 121 36.71 -25.15 46.36
CA ARG D 121 36.46 -23.72 46.30
C ARG D 121 37.50 -23.03 45.39
N LYS D 122 38.80 -23.30 45.64
CA LYS D 122 39.90 -22.66 44.88
C LYS D 122 39.88 -23.06 43.39
N GLU D 123 40.05 -24.36 43.10
CA GLU D 123 40.04 -24.90 41.74
C GLU D 123 38.85 -24.44 40.91
N SER D 124 37.69 -24.45 41.54
CA SER D 124 36.44 -24.02 40.92
C SER D 124 36.50 -22.53 40.71
N GLU D 125 36.31 -21.76 41.78
CA GLU D 125 36.26 -20.30 41.71
C GLU D 125 37.50 -19.77 40.98
N SER D 126 38.41 -20.69 40.66
CA SER D 126 39.60 -20.42 39.84
C SER D 126 39.32 -20.49 38.33
N CYS D 127 38.79 -21.63 37.89
CA CYS D 127 38.51 -21.87 36.48
C CYS D 127 37.53 -20.83 35.87
N ASP D 128 37.78 -20.45 34.61
CA ASP D 128 37.16 -19.29 33.96
C ASP D 128 35.65 -19.06 34.18
N CYS D 129 34.83 -20.06 33.89
CA CYS D 129 33.43 -20.08 34.35
C CYS D 129 33.02 -21.56 34.54
N LEU D 130 32.29 -21.84 35.62
CA LEU D 130 32.00 -23.22 36.00
C LEU D 130 30.98 -23.94 35.11
N GLN D 131 30.95 -25.26 35.21
CA GLN D 131 29.84 -26.02 34.66
C GLN D 131 29.11 -26.66 35.81
N GLY D 132 29.75 -27.65 36.42
CA GLY D 132 29.26 -28.22 37.65
C GLY D 132 30.37 -29.03 38.27
N PHE D 133 30.01 -30.12 38.90
CA PHE D 133 31.01 -30.98 39.47
C PHE D 133 30.63 -32.38 39.14
N GLN D 134 31.64 -33.20 38.97
CA GLN D 134 31.43 -34.63 38.91
C GLN D 134 32.27 -35.35 39.96
N LEU D 135 31.64 -36.30 40.66
CA LEU D 135 32.31 -37.08 41.69
C LEU D 135 32.16 -38.56 41.46
N THR D 136 33.12 -39.30 41.93
CA THR D 136 33.09 -40.73 41.78
C THR D 136 33.29 -41.38 43.12
N HIS D 137 32.61 -42.52 43.31
CA HIS D 137 32.66 -43.24 44.56
C HIS D 137 31.84 -44.50 44.56
N SER D 138 32.16 -45.34 45.54
CA SER D 138 31.36 -46.48 45.99
C SER D 138 30.10 -46.01 46.72
N LEU D 139 28.96 -46.60 46.41
CA LEU D 139 27.73 -46.21 47.10
C LEU D 139 27.53 -47.01 48.37
N GLY D 140 28.48 -47.89 48.65
CA GLY D 140 28.49 -48.73 49.84
C GLY D 140 29.87 -48.66 50.47
N GLY D 141 29.99 -49.18 51.69
CA GLY D 141 31.14 -48.84 52.51
C GLY D 141 31.03 -47.38 52.94
N GLY D 142 32.13 -46.81 53.42
CA GLY D 142 32.09 -45.47 53.99
C GLY D 142 32.72 -44.39 53.14
N THR D 143 33.60 -43.61 53.75
CA THR D 143 34.39 -42.53 53.09
C THR D 143 34.27 -42.41 51.54
N GLY D 144 33.27 -41.70 51.06
CA GLY D 144 33.04 -41.69 49.63
C GLY D 144 31.59 -42.04 49.37
N SER D 145 31.13 -43.13 49.95
CA SER D 145 29.69 -43.33 50.10
C SER D 145 29.19 -42.28 51.08
N GLY D 146 29.96 -42.02 52.14
CA GLY D 146 29.52 -41.16 53.23
C GLY D 146 30.11 -39.77 53.21
N MET D 147 31.42 -39.69 53.12
CA MET D 147 32.09 -38.41 53.07
C MET D 147 31.60 -37.67 51.87
N GLY D 148 31.32 -38.42 50.80
CA GLY D 148 31.00 -37.87 49.50
C GLY D 148 29.63 -37.27 49.40
N THR D 149 28.62 -38.13 49.49
CA THR D 149 27.25 -37.69 49.64
C THR D 149 27.20 -36.39 50.41
N LEU D 150 28.12 -36.25 51.36
CA LEU D 150 28.20 -35.08 52.21
C LEU D 150 28.72 -33.89 51.45
N LEU D 151 29.82 -34.10 50.75
CA LEU D 151 30.43 -33.05 49.96
C LEU D 151 29.39 -32.40 49.08
N ILE D 152 28.66 -33.22 48.32
CA ILE D 152 27.66 -32.68 47.38
C ILE D 152 26.57 -31.92 48.12
N SER D 153 26.22 -32.43 49.30
CA SER D 153 25.24 -31.80 50.16
C SER D 153 25.81 -30.53 50.77
N LYS D 154 27.07 -30.25 50.45
CA LYS D 154 27.74 -29.04 50.95
C LYS D 154 28.24 -28.22 49.76
N ILE D 155 28.44 -28.88 48.63
CA ILE D 155 28.69 -28.19 47.40
C ILE D 155 27.41 -27.44 47.07
N ARG D 156 26.30 -28.18 46.98
CA ARG D 156 24.98 -27.56 46.89
C ARG D 156 24.83 -26.60 48.02
N GLU D 157 24.72 -25.32 47.70
CA GLU D 157 24.68 -24.29 48.74
C GLU D 157 25.88 -23.38 48.57
N GLU D 158 27.03 -23.96 48.24
CA GLU D 158 28.20 -23.15 47.90
C GLU D 158 28.12 -23.03 46.40
N TYR D 159 27.42 -23.97 45.80
CA TYR D 159 27.27 -23.99 44.38
C TYR D 159 25.92 -24.61 44.21
N PRO D 160 24.89 -23.79 44.10
CA PRO D 160 23.52 -24.27 43.86
C PRO D 160 23.05 -24.21 42.38
N ASP D 161 23.42 -23.14 41.69
CA ASP D 161 23.06 -22.93 40.28
C ASP D 161 23.82 -23.92 39.40
N ARG D 162 24.95 -24.34 39.92
CA ARG D 162 25.83 -25.27 39.23
C ARG D 162 25.47 -26.71 39.62
N ILE D 163 25.55 -27.60 38.64
CA ILE D 163 24.80 -28.83 38.73
C ILE D 163 25.70 -30.03 38.84
N MET D 164 25.09 -31.20 38.81
CA MET D 164 25.70 -32.29 39.49
C MET D 164 25.75 -33.63 38.81
N ASN D 165 26.87 -34.31 39.05
CA ASN D 165 27.21 -35.54 38.37
C ASN D 165 27.90 -36.53 39.26
N THR D 166 27.40 -37.74 39.25
CA THR D 166 28.08 -38.74 40.05
C THR D 166 28.13 -40.07 39.36
N PHE D 167 29.32 -40.65 39.43
CA PHE D 167 29.52 -42.02 39.09
C PHE D 167 29.52 -42.70 40.43
N SER D 168 28.44 -43.44 40.66
CA SER D 168 28.23 -44.11 41.91
C SER D 168 28.08 -45.60 41.70
N VAL D 169 29.07 -46.32 42.21
CA VAL D 169 29.10 -47.77 42.11
C VAL D 169 28.22 -48.44 43.19
N MET D 170 26.94 -48.57 42.86
CA MET D 170 25.98 -49.35 43.64
C MET D 170 26.51 -50.81 43.79
N PRO D 171 26.70 -51.25 45.03
CA PRO D 171 27.38 -52.51 45.33
C PRO D 171 26.48 -53.72 45.50
N SER D 172 27.10 -54.89 45.48
CA SER D 172 26.40 -56.13 45.31
C SER D 172 26.93 -57.02 46.34
N PRO D 173 26.46 -58.26 46.36
CA PRO D 173 26.91 -59.28 47.32
C PRO D 173 28.03 -60.25 46.88
N LYS D 174 28.14 -60.43 45.57
CA LYS D 174 29.16 -61.28 44.98
C LYS D 174 30.18 -60.31 44.45
N VAL D 175 31.41 -60.40 44.93
CA VAL D 175 32.44 -59.35 44.76
C VAL D 175 32.33 -58.26 45.86
N SER D 176 33.18 -58.45 46.89
CA SER D 176 33.14 -57.79 48.21
C SER D 176 31.93 -58.24 48.97
N ASP D 177 32.17 -58.92 50.08
CA ASP D 177 31.08 -59.21 50.98
C ASP D 177 30.70 -58.03 51.89
N THR D 178 31.22 -58.00 53.13
CA THR D 178 30.99 -56.87 54.03
C THR D 178 29.54 -56.88 54.52
N VAL D 179 29.31 -57.55 55.65
CA VAL D 179 28.07 -57.40 56.38
C VAL D 179 27.15 -56.26 55.83
N VAL D 180 27.62 -55.00 55.90
CA VAL D 180 26.76 -53.80 55.92
C VAL D 180 26.21 -53.11 54.62
N GLU D 181 26.87 -53.25 53.46
CA GLU D 181 26.64 -52.41 52.25
C GLU D 181 25.24 -51.79 52.07
N PRO D 182 24.17 -52.60 52.01
CA PRO D 182 22.83 -52.05 51.76
C PRO D 182 22.63 -50.81 52.60
N TYR D 183 22.94 -50.92 53.88
CA TYR D 183 22.76 -49.83 54.85
C TYR D 183 23.37 -48.56 54.28
N ASN D 184 24.63 -48.62 53.88
CA ASN D 184 25.32 -47.46 53.34
C ASN D 184 24.65 -47.03 52.07
N ALA D 185 24.44 -47.99 51.17
CA ALA D 185 23.81 -47.71 49.89
C ALA D 185 22.48 -46.95 50.04
N THR D 186 21.51 -47.58 50.69
CA THR D 186 20.17 -47.02 50.89
C THR D 186 20.24 -45.66 51.54
N LEU D 187 21.34 -45.40 52.23
CA LEU D 187 21.53 -44.16 52.95
C LEU D 187 21.92 -43.11 51.97
N SER D 188 22.68 -43.56 50.99
CA SER D 188 23.24 -42.69 49.99
C SER D 188 22.26 -42.54 48.87
N VAL D 189 21.60 -43.64 48.50
CA VAL D 189 20.54 -43.55 47.48
C VAL D 189 19.63 -42.38 47.84
N HIS D 190 19.14 -42.37 49.09
CA HIS D 190 18.42 -41.23 49.67
C HIS D 190 19.18 -39.96 49.34
N GLN D 191 20.38 -39.84 49.89
CA GLN D 191 21.23 -38.69 49.67
C GLN D 191 21.16 -38.20 48.22
N LEU D 192 21.60 -39.07 47.29
CA LEU D 192 21.71 -38.71 45.86
C LEU D 192 20.41 -38.09 45.36
N VAL D 193 19.34 -38.90 45.35
CA VAL D 193 18.01 -38.53 44.80
C VAL D 193 17.52 -37.10 45.14
N GLU D 194 18.04 -36.57 46.25
CA GLU D 194 17.62 -35.29 46.78
C GLU D 194 18.30 -34.13 46.08
N ASN D 195 19.59 -34.32 45.76
CA ASN D 195 20.49 -33.25 45.28
C ASN D 195 21.69 -33.65 44.40
N THR D 196 21.42 -34.46 43.37
CA THR D 196 22.16 -34.38 42.11
C THR D 196 21.10 -34.31 41.03
N ASP D 197 21.51 -33.99 39.82
CA ASP D 197 20.59 -33.92 38.69
C ASP D 197 20.81 -35.12 37.77
N GLU D 198 22.00 -35.72 37.89
CA GLU D 198 22.33 -36.92 37.15
C GLU D 198 23.34 -37.74 37.90
N THR D 199 23.07 -39.03 37.89
CA THR D 199 23.98 -40.02 38.45
C THR D 199 24.00 -41.28 37.65
N TYR D 200 25.20 -41.74 37.35
CA TYR D 200 25.34 -42.96 36.58
C TYR D 200 25.30 -44.07 37.57
N SER D 201 24.47 -45.05 37.26
CA SER D 201 24.33 -46.20 38.12
C SER D 201 25.16 -47.32 37.54
N ILE D 202 26.37 -47.41 38.06
CA ILE D 202 27.23 -48.51 37.69
C ILE D 202 27.14 -49.51 38.81
N ASP D 203 26.71 -50.71 38.47
CA ASP D 203 26.46 -51.73 39.45
C ASP D 203 27.54 -52.77 39.29
N ASN D 204 27.96 -53.37 40.40
CA ASN D 204 28.98 -54.42 40.37
C ASN D 204 28.48 -55.80 40.00
N GLU D 205 27.24 -56.10 40.38
CA GLU D 205 26.54 -57.32 39.99
C GLU D 205 26.47 -57.55 38.47
N ALA D 206 26.52 -56.47 37.70
CA ALA D 206 26.62 -56.53 36.24
C ALA D 206 28.10 -56.56 35.97
N LEU D 207 28.77 -55.47 36.36
CA LEU D 207 30.20 -55.33 36.17
C LEU D 207 30.93 -56.66 36.40
N TYR D 208 30.57 -57.39 37.45
CA TYR D 208 31.14 -58.72 37.61
C TYR D 208 30.59 -59.70 36.58
N ASP D 209 29.27 -59.71 36.42
CA ASP D 209 28.56 -60.68 35.57
C ASP D 209 28.82 -60.52 34.06
N ILE D 210 29.11 -59.29 33.64
CA ILE D 210 29.72 -59.01 32.35
C ILE D 210 31.07 -59.76 32.23
N CYS D 211 31.93 -59.58 33.24
CA CYS D 211 33.31 -60.08 33.22
C CYS D 211 33.36 -61.59 33.28
N PHE D 212 32.27 -62.18 33.74
CA PHE D 212 32.13 -63.61 33.70
C PHE D 212 31.45 -64.07 32.43
N ARG D 213 30.15 -64.39 32.52
CA ARG D 213 29.43 -65.18 31.49
C ARG D 213 29.63 -64.72 30.02
N THR D 214 30.03 -63.45 29.85
CA THR D 214 30.49 -62.93 28.57
C THR D 214 31.81 -62.17 28.74
N LEU D 215 32.92 -62.90 28.91
CA LEU D 215 34.28 -62.33 28.90
C LEU D 215 35.29 -63.21 29.64
N LYS D 216 35.31 -64.51 29.30
CA LYS D 216 36.15 -65.56 29.93
C LYS D 216 36.52 -65.36 31.41
N LEU D 217 37.14 -64.21 31.75
CA LEU D 217 37.72 -63.88 33.08
C LEU D 217 37.31 -64.76 34.30
N THR D 218 38.16 -65.74 34.65
CA THR D 218 37.90 -66.75 35.70
C THR D 218 37.39 -66.11 36.98
N THR D 219 38.31 -65.48 37.70
CA THR D 219 38.02 -64.82 38.97
C THR D 219 38.40 -63.38 38.74
N PRO D 220 37.39 -62.60 38.37
CA PRO D 220 37.57 -61.24 37.85
C PRO D 220 38.14 -60.34 38.90
N THR D 221 39.15 -59.62 38.49
CA THR D 221 39.96 -58.87 39.42
C THR D 221 39.21 -57.68 39.95
N TYR D 222 39.90 -56.83 40.68
CA TYR D 222 39.36 -55.51 40.93
C TYR D 222 39.73 -54.59 39.75
N GLY D 223 40.91 -54.81 39.17
CA GLY D 223 41.35 -54.05 37.99
C GLY D 223 40.63 -54.46 36.71
N ASP D 224 41.31 -55.27 35.90
CA ASP D 224 40.68 -56.18 34.95
C ASP D 224 39.22 -56.41 35.46
N LEU D 225 38.33 -55.48 35.09
CA LEU D 225 36.94 -55.32 35.61
C LEU D 225 36.71 -53.85 35.66
N ASN D 226 37.11 -53.24 36.78
CA ASN D 226 37.30 -51.80 36.94
C ASN D 226 37.34 -51.16 35.56
N HIS D 227 38.29 -51.65 34.76
CA HIS D 227 38.51 -51.28 33.36
C HIS D 227 37.21 -50.88 32.65
N LEU D 228 36.21 -51.77 32.63
CA LEU D 228 34.89 -51.50 32.05
C LEU D 228 34.40 -50.07 32.31
N VAL D 229 34.39 -49.68 33.59
CA VAL D 229 33.87 -48.40 34.03
C VAL D 229 34.68 -47.27 33.47
N SER D 230 35.99 -47.41 33.63
CA SER D 230 36.93 -46.46 33.07
C SER D 230 36.56 -46.18 31.59
N ALA D 231 36.51 -47.22 30.76
CA ALA D 231 36.08 -47.00 29.38
C ALA D 231 34.64 -46.46 29.29
N THR D 232 33.79 -46.79 30.26
CA THR D 232 32.41 -46.33 30.20
C THR D 232 32.33 -44.83 30.42
N MET D 233 33.09 -44.34 31.38
CA MET D 233 33.11 -42.92 31.65
C MET D 233 33.66 -42.20 30.46
N SER D 234 34.61 -42.81 29.78
CA SER D 234 35.24 -42.24 28.59
C SER D 234 34.21 -41.77 27.53
N GLY D 235 33.31 -42.67 27.15
CA GLY D 235 32.28 -42.37 26.19
C GLY D 235 31.34 -41.37 26.80
N VAL D 236 30.85 -41.67 27.99
CA VAL D 236 29.86 -40.83 28.63
C VAL D 236 30.29 -39.36 28.75
N THR D 237 31.60 -39.09 28.60
CA THR D 237 32.12 -37.71 28.58
C THR D 237 32.50 -37.18 27.18
N THR D 238 32.82 -38.10 26.26
CA THR D 238 33.31 -37.72 24.93
C THR D 238 32.70 -36.42 24.45
N CYS D 239 31.38 -36.36 24.36
CA CYS D 239 30.78 -35.20 23.74
C CYS D 239 30.84 -33.86 24.55
N LEU D 240 31.17 -33.88 25.85
CA LEU D 240 31.58 -32.60 26.51
C LEU D 240 33.09 -32.32 26.30
N ARG D 241 33.79 -33.43 26.10
CA ARG D 241 35.24 -33.53 26.07
C ARG D 241 35.89 -33.21 24.71
N PHE D 242 35.13 -32.90 23.65
CA PHE D 242 35.75 -33.06 22.32
C PHE D 242 35.53 -32.08 21.15
N PRO D 243 34.44 -32.30 20.39
CA PRO D 243 34.43 -31.88 19.01
C PRO D 243 33.99 -30.39 18.88
N GLY D 244 32.80 -30.22 18.29
CA GLY D 244 32.24 -28.99 17.72
C GLY D 244 30.93 -29.39 17.01
N GLN D 245 30.86 -30.71 16.71
CA GLN D 245 29.64 -31.55 16.64
C GLN D 245 29.00 -31.52 18.07
N LEU D 246 27.85 -30.82 18.06
CA LEU D 246 27.43 -29.83 19.08
C LEU D 246 27.63 -30.17 20.57
N ASN D 247 28.24 -29.14 21.21
CA ASN D 247 28.56 -28.91 22.62
C ASN D 247 27.84 -29.71 23.69
N ALA D 248 28.15 -29.48 24.96
CA ALA D 248 27.54 -30.33 25.98
C ALA D 248 27.49 -29.74 27.37
N ASP D 249 26.52 -28.86 27.59
CA ASP D 249 26.49 -28.13 28.85
C ASP D 249 26.17 -29.00 30.03
N LEU D 250 26.29 -30.33 29.89
CA LEU D 250 26.07 -31.20 31.02
C LEU D 250 24.67 -30.89 31.54
N ARG D 251 24.34 -29.60 31.60
CA ARG D 251 22.96 -29.12 31.73
C ARG D 251 22.14 -29.56 30.53
N LYS D 252 22.53 -29.13 29.33
CA LYS D 252 21.82 -29.50 28.12
C LYS D 252 21.54 -30.98 28.25
N LEU D 253 22.55 -31.73 28.73
CA LEU D 253 22.48 -33.19 28.91
C LEU D 253 21.51 -33.61 30.00
N ALA D 254 21.42 -32.80 31.06
CA ALA D 254 20.42 -33.08 32.09
C ALA D 254 19.05 -32.73 31.55
N VAL D 255 18.74 -31.43 31.43
CA VAL D 255 17.42 -30.99 30.99
C VAL D 255 17.09 -31.46 29.59
N ASN D 256 17.37 -32.73 29.36
CA ASN D 256 17.06 -33.38 28.14
C ASN D 256 16.95 -34.85 28.44
N MET D 257 17.85 -35.33 29.27
CA MET D 257 17.81 -36.72 29.69
C MET D 257 16.73 -36.94 30.74
N VAL D 258 16.64 -36.03 31.71
CA VAL D 258 15.76 -36.24 32.86
C VAL D 258 14.47 -35.44 32.80
N PRO D 259 13.37 -36.15 32.69
CA PRO D 259 12.05 -35.53 32.60
C PRO D 259 11.58 -35.12 33.96
N PHE D 260 11.99 -35.89 34.97
CA PHE D 260 11.41 -35.79 36.30
C PHE D 260 12.41 -35.62 37.45
N PRO D 261 12.20 -34.57 38.25
CA PRO D 261 13.28 -33.94 39.01
C PRO D 261 14.13 -34.97 39.69
N ARG D 262 13.52 -36.10 40.01
CA ARG D 262 14.13 -37.10 40.84
C ARG D 262 15.33 -37.85 40.16
N LEU D 263 16.29 -37.03 39.68
CA LEU D 263 17.65 -37.33 39.08
C LEU D 263 17.94 -38.68 38.42
N HIS D 264 16.84 -39.38 38.21
CA HIS D 264 16.81 -40.62 37.51
C HIS D 264 18.16 -40.93 36.91
N PHE D 265 18.64 -42.00 37.49
CA PHE D 265 19.97 -42.47 37.34
C PHE D 265 19.97 -43.30 36.09
N PHE D 266 20.80 -42.83 35.18
CA PHE D 266 20.94 -43.49 33.92
C PHE D 266 21.67 -44.79 34.15
N MET D 267 21.09 -45.87 33.67
CA MET D 267 21.93 -47.01 33.52
C MET D 267 22.76 -46.85 32.25
N PRO D 268 24.10 -47.02 32.34
CA PRO D 268 24.97 -47.02 31.16
C PRO D 268 25.28 -48.42 30.60
N GLY D 269 25.95 -48.41 29.46
CA GLY D 269 26.38 -49.61 28.78
C GLY D 269 27.47 -49.21 27.81
N PHE D 270 28.21 -50.20 27.34
CA PHE D 270 29.31 -49.91 26.45
C PHE D 270 29.34 -50.95 25.39
N ALA D 271 29.96 -50.60 24.25
CA ALA D 271 29.89 -51.39 23.02
C ALA D 271 30.85 -52.62 22.99
N PRO D 272 32.10 -52.37 22.60
CA PRO D 272 33.14 -53.40 22.74
C PRO D 272 33.71 -53.49 24.19
N LEU D 273 34.25 -54.65 24.56
CA LEU D 273 34.65 -54.87 25.92
C LEU D 273 35.93 -55.68 26.03
N THR D 274 36.59 -55.54 27.17
CA THR D 274 37.59 -56.50 27.72
C THR D 274 39.07 -56.35 27.32
N SER D 275 39.40 -56.92 26.16
CA SER D 275 40.49 -57.92 26.14
C SER D 275 41.98 -57.61 25.90
N ARG D 276 42.77 -58.13 26.83
CA ARG D 276 44.21 -58.33 26.67
C ARG D 276 44.39 -59.58 25.81
N GLY D 277 44.04 -60.74 26.38
CA GLY D 277 44.19 -62.05 25.73
C GLY D 277 43.13 -62.52 24.73
N SER D 278 42.06 -61.73 24.54
CA SER D 278 40.93 -62.13 23.68
C SER D 278 40.43 -61.11 22.59
N GLN D 279 40.89 -59.84 22.60
CA GLN D 279 40.46 -58.85 21.59
C GLN D 279 41.35 -58.76 20.33
N GLN D 280 40.74 -59.11 19.20
CA GLN D 280 41.34 -59.15 17.87
C GLN D 280 40.25 -58.85 16.81
N TYR D 281 39.03 -58.52 17.28
CA TYR D 281 37.83 -58.46 16.43
C TYR D 281 37.95 -57.39 15.33
N ARG D 282 38.06 -56.12 15.76
CA ARG D 282 37.98 -54.90 14.91
C ARG D 282 36.72 -54.81 14.04
N ALA D 283 36.40 -55.96 13.39
CA ALA D 283 35.13 -56.22 12.67
C ALA D 283 33.91 -56.12 13.61
N LEU D 284 33.75 -54.92 14.20
CA LEU D 284 32.70 -54.54 15.16
C LEU D 284 31.92 -53.49 14.43
N THR D 285 30.77 -53.87 13.89
CA THR D 285 30.34 -53.29 12.60
C THR D 285 29.55 -51.95 12.55
N VAL D 286 28.53 -51.87 13.40
CA VAL D 286 27.56 -50.75 13.52
C VAL D 286 26.16 -51.35 13.73
N PRO D 287 25.63 -52.15 12.79
CA PRO D 287 24.55 -53.06 13.17
C PRO D 287 25.10 -53.76 14.39
N GLU D 288 26.16 -54.56 14.19
CA GLU D 288 26.66 -55.48 15.21
C GLU D 288 27.07 -54.74 16.48
N LEU D 289 27.46 -53.49 16.30
CA LEU D 289 27.69 -52.61 17.43
C LEU D 289 26.38 -52.22 18.16
N THR D 290 25.41 -51.61 17.48
CA THR D 290 24.16 -51.13 18.12
C THR D 290 23.34 -52.18 18.92
N GLN D 291 22.88 -53.24 18.25
CA GLN D 291 22.06 -54.27 18.91
C GLN D 291 22.84 -55.05 19.97
N GLN D 292 24.09 -54.61 20.19
CA GLN D 292 25.01 -55.06 21.25
C GLN D 292 25.08 -54.00 22.35
N MET D 293 24.59 -52.83 22.06
CA MET D 293 24.63 -51.74 23.00
C MET D 293 23.27 -51.64 23.66
N PHE D 294 22.26 -52.12 22.96
CA PHE D 294 20.91 -52.23 23.51
C PHE D 294 20.67 -53.63 24.02
N ASP D 295 21.75 -54.29 24.38
CA ASP D 295 21.63 -55.60 24.97
C ASP D 295 21.48 -55.50 26.46
N SER D 296 20.75 -56.50 26.96
CA SER D 296 20.69 -56.85 28.35
C SER D 296 22.10 -56.81 29.01
N LYS D 297 22.79 -57.95 29.14
CA LYS D 297 24.12 -58.00 29.78
C LYS D 297 25.23 -57.31 28.90
N ASN D 298 24.88 -56.19 28.28
CA ASN D 298 25.87 -55.27 27.73
C ASN D 298 25.81 -53.87 28.40
N MET D 299 24.95 -53.83 29.43
CA MET D 299 24.73 -52.68 30.31
C MET D 299 25.54 -52.75 31.60
N MET D 300 25.83 -51.56 32.13
CA MET D 300 26.56 -51.44 33.37
C MET D 300 25.68 -51.66 34.62
N ALA D 301 24.34 -51.47 34.47
CA ALA D 301 23.37 -51.84 35.52
C ALA D 301 22.71 -53.19 35.29
N ALA D 302 22.64 -53.99 36.36
CA ALA D 302 21.88 -55.26 36.42
C ALA D 302 20.43 -54.85 36.48
N CYS D 303 19.68 -55.30 35.47
CA CYS D 303 18.58 -54.53 34.93
C CYS D 303 18.53 -54.82 33.43
N ASP D 304 17.52 -55.57 32.97
CA ASP D 304 17.28 -55.59 31.54
C ASP D 304 16.16 -54.66 31.30
N PRO D 305 16.39 -53.60 30.50
CA PRO D 305 15.29 -52.98 29.76
C PRO D 305 14.59 -54.21 29.18
N ARG D 306 13.30 -54.10 28.96
CA ARG D 306 12.46 -55.29 29.03
C ARG D 306 11.48 -54.91 30.14
N HIS D 307 11.87 -55.21 31.38
CA HIS D 307 11.03 -55.00 32.56
C HIS D 307 10.78 -53.50 32.87
N GLY D 308 11.04 -52.67 31.86
CA GLY D 308 10.81 -51.26 31.96
C GLY D 308 11.17 -50.67 30.63
N ARG D 309 10.35 -49.71 30.24
CA ARG D 309 10.56 -48.86 29.06
C ARG D 309 11.67 -47.82 29.30
N TYR D 310 12.21 -47.30 28.23
CA TYR D 310 13.14 -46.20 28.38
C TYR D 310 12.35 -44.90 28.46
N LEU D 311 12.78 -44.01 29.35
CA LEU D 311 12.27 -42.65 29.42
C LEU D 311 12.87 -41.78 28.30
N THR D 312 14.20 -41.70 28.30
CA THR D 312 14.97 -41.06 27.25
C THR D 312 16.31 -41.79 27.21
N VAL D 313 16.84 -41.93 25.99
CA VAL D 313 18.13 -42.58 25.77
C VAL D 313 19.03 -41.77 24.84
N ALA D 314 20.35 -41.85 25.08
CA ALA D 314 21.34 -41.20 24.24
C ALA D 314 22.60 -42.07 24.04
N ALA D 315 23.08 -42.06 22.82
CA ALA D 315 24.21 -42.90 22.48
C ALA D 315 25.28 -42.07 21.82
N VAL D 316 26.52 -42.43 22.12
CA VAL D 316 27.67 -41.74 21.57
C VAL D 316 28.62 -42.73 20.95
N PHE D 317 28.95 -42.45 19.70
CA PHE D 317 29.65 -43.38 18.82
C PHE D 317 31.05 -42.90 18.55
N ARG D 318 31.92 -43.85 18.23
CA ARG D 318 33.37 -43.66 18.32
C ARG D 318 34.13 -44.26 17.12
N GLY D 319 34.66 -43.40 16.25
CA GLY D 319 35.50 -43.82 15.12
C GLY D 319 35.08 -43.35 13.73
N ARG D 320 36.01 -43.37 12.78
CA ARG D 320 35.68 -43.05 11.37
C ARG D 320 34.72 -44.14 10.91
N MET D 321 33.43 -43.79 10.92
CA MET D 321 32.33 -44.63 10.46
C MET D 321 31.19 -43.70 10.02
N SER D 322 30.32 -44.20 9.14
CA SER D 322 29.31 -43.34 8.52
C SER D 322 27.94 -43.41 9.21
N MET D 323 27.39 -42.23 9.49
CA MET D 323 26.02 -42.07 10.01
C MET D 323 24.97 -42.42 8.96
N LYS D 324 25.32 -42.31 7.68
CA LYS D 324 24.56 -42.98 6.62
C LYS D 324 24.06 -44.30 7.18
N GLU D 325 24.97 -45.03 7.84
CA GLU D 325 24.66 -46.31 8.45
C GLU D 325 24.16 -46.17 9.90
N VAL D 326 24.68 -45.20 10.67
CA VAL D 326 24.27 -45.08 12.08
C VAL D 326 22.84 -44.58 12.25
N ASP D 327 22.51 -43.49 11.56
CA ASP D 327 21.17 -42.90 11.55
C ASP D 327 20.11 -43.97 11.32
N GLU D 328 20.35 -44.78 10.30
CA GLU D 328 19.45 -45.83 9.86
C GLU D 328 19.42 -47.08 10.77
N GLN D 329 20.53 -47.35 11.46
CA GLN D 329 20.64 -48.51 12.35
C GLN D 329 19.88 -48.32 13.65
N MET D 330 20.11 -47.17 14.29
CA MET D 330 19.37 -46.73 15.49
C MET D 330 17.85 -46.75 15.22
N LEU D 331 17.45 -46.05 14.14
CA LEU D 331 16.06 -45.88 13.71
C LEU D 331 15.40 -47.21 13.33
N ASN D 332 16.19 -48.27 13.46
CA ASN D 332 15.70 -49.62 13.40
C ASN D 332 15.50 -50.18 14.79
N VAL D 333 16.32 -49.74 15.75
CA VAL D 333 16.16 -50.27 17.12
C VAL D 333 14.81 -49.82 17.75
N GLN D 334 14.39 -48.55 17.53
CA GLN D 334 13.00 -48.16 17.86
C GLN D 334 11.97 -48.62 16.82
N ASN D 335 12.06 -49.91 16.48
CA ASN D 335 11.18 -50.54 15.52
C ASN D 335 11.16 -52.00 15.89
N LYS D 336 12.27 -52.69 15.60
CA LYS D 336 12.45 -54.07 16.06
C LYS D 336 12.34 -54.15 17.60
N ASN D 337 12.31 -52.97 18.24
CA ASN D 337 12.12 -52.81 19.69
C ASN D 337 11.21 -51.60 20.08
N SER D 338 10.51 -51.01 19.09
CA SER D 338 9.59 -49.85 19.27
C SER D 338 8.67 -49.87 20.52
N SER D 339 8.33 -51.09 20.98
CA SER D 339 7.41 -51.33 22.11
C SER D 339 7.91 -50.86 23.47
N TYR D 340 9.19 -51.08 23.76
CA TYR D 340 9.79 -50.71 25.06
C TYR D 340 10.53 -49.37 25.07
N PHE D 341 9.78 -48.34 24.71
CA PHE D 341 10.20 -46.97 24.74
C PHE D 341 8.96 -46.18 25.07
N VAL D 342 9.07 -45.37 26.11
CA VAL D 342 7.99 -44.46 26.47
C VAL D 342 7.30 -43.89 25.22
N GLU D 343 5.99 -44.05 25.18
CA GLU D 343 5.13 -43.48 24.15
C GLU D 343 5.24 -41.97 23.97
N TRP D 344 5.33 -41.27 25.09
CA TRP D 344 4.91 -39.89 25.25
C TRP D 344 6.03 -38.85 25.23
N ILE D 345 7.26 -39.29 25.14
CA ILE D 345 8.32 -38.31 24.95
C ILE D 345 8.88 -38.54 23.57
N PRO D 346 8.53 -37.67 22.63
CA PRO D 346 8.90 -37.78 21.21
C PRO D 346 10.35 -38.25 20.88
N ASN D 347 11.25 -37.36 20.47
CA ASN D 347 12.52 -37.85 19.96
C ASN D 347 13.43 -38.10 21.11
N ASN D 348 12.99 -39.06 21.94
CA ASN D 348 13.62 -39.47 23.21
C ASN D 348 14.81 -40.42 23.05
N VAL D 349 15.08 -40.73 21.79
CA VAL D 349 16.35 -41.28 21.37
C VAL D 349 17.14 -40.25 20.50
N LYS D 350 18.26 -39.79 21.08
CA LYS D 350 19.21 -38.96 20.37
C LYS D 350 20.60 -39.55 20.48
N THR D 351 21.31 -39.43 19.34
CA THR D 351 22.62 -40.02 19.18
C THR D 351 23.55 -39.01 18.59
N ALA D 352 24.81 -39.29 18.86
CA ALA D 352 25.90 -38.50 18.38
C ALA D 352 27.09 -39.40 18.06
N VAL D 353 27.87 -38.93 17.10
CA VAL D 353 28.97 -39.66 16.50
C VAL D 353 30.27 -38.83 16.69
N CYS D 354 31.33 -39.44 17.21
CA CYS D 354 32.64 -38.76 17.33
C CYS D 354 33.77 -39.57 16.74
N ASP D 355 34.50 -38.96 15.83
CA ASP D 355 35.41 -39.71 14.97
C ASP D 355 36.75 -40.10 15.60
N ILE D 356 36.95 -39.91 16.90
CA ILE D 356 38.23 -40.35 17.51
C ILE D 356 38.09 -41.52 18.47
N PRO D 357 38.66 -42.66 18.07
CA PRO D 357 38.53 -43.90 18.83
C PRO D 357 39.03 -43.69 20.25
N PRO D 358 38.73 -44.66 21.12
CA PRO D 358 39.30 -44.69 22.47
C PRO D 358 40.60 -45.47 22.46
N ARG D 359 41.08 -45.87 23.65
CA ARG D 359 42.17 -46.84 23.76
C ARG D 359 41.83 -48.10 22.91
N GLY D 360 42.77 -48.52 22.03
CA GLY D 360 42.54 -49.61 21.07
C GLY D 360 41.31 -49.34 20.21
N LEU D 361 40.57 -50.41 19.85
CA LEU D 361 39.18 -50.28 19.34
C LEU D 361 38.85 -49.26 18.20
N LYS D 362 38.86 -49.74 16.96
CA LYS D 362 38.59 -48.90 15.81
C LYS D 362 37.15 -48.34 15.84
N MET D 363 36.24 -49.07 16.48
CA MET D 363 34.83 -48.71 16.54
C MET D 363 34.35 -48.94 17.98
N SER D 364 33.53 -48.03 18.51
CA SER D 364 32.95 -48.17 19.87
C SER D 364 31.73 -47.29 20.08
N ALA D 365 30.77 -47.79 20.87
CA ALA D 365 29.64 -46.97 21.25
C ALA D 365 29.35 -47.04 22.73
N THR D 366 28.80 -45.97 23.26
CA THR D 366 28.45 -45.93 24.66
C THR D 366 26.99 -45.48 24.83
N PHE D 367 26.35 -46.00 25.89
CA PHE D 367 24.90 -45.89 26.07
C PHE D 367 24.49 -45.14 27.37
N ILE D 368 23.52 -44.22 27.25
CA ILE D 368 22.98 -43.53 28.43
C ILE D 368 21.49 -43.76 28.55
N GLY D 369 21.15 -44.41 29.66
CA GLY D 369 19.85 -45.02 29.81
C GLY D 369 19.02 -44.68 31.01
N ASN D 370 18.30 -43.54 30.87
CA ASN D 370 17.19 -43.23 31.75
C ASN D 370 15.96 -44.11 31.46
N SER D 371 15.91 -45.28 32.14
CA SER D 371 14.81 -46.28 32.00
C SER D 371 14.21 -46.63 33.36
N THR D 372 12.88 -46.80 33.38
CA THR D 372 12.16 -47.16 34.59
C THR D 372 12.74 -48.41 35.19
N ALA D 373 13.06 -49.37 34.33
CA ALA D 373 13.57 -50.70 34.71
C ALA D 373 14.61 -50.64 35.83
N ILE D 374 15.34 -49.53 35.88
CA ILE D 374 16.45 -49.29 36.81
C ILE D 374 16.06 -49.40 38.26
N GLN D 375 14.75 -49.31 38.52
CA GLN D 375 14.21 -49.58 39.85
C GLN D 375 14.46 -51.05 40.26
N GLU D 376 14.72 -51.89 39.27
CA GLU D 376 15.22 -53.25 39.47
C GLU D 376 16.46 -53.26 40.39
N LEU D 377 17.41 -52.36 40.13
CA LEU D 377 18.59 -52.21 40.99
C LEU D 377 18.15 -51.74 42.37
N PHE D 378 17.10 -50.94 42.43
CA PHE D 378 16.68 -50.38 43.69
C PHE D 378 15.89 -51.40 44.52
N LYS D 379 14.79 -51.91 43.93
CA LYS D 379 13.95 -52.96 44.53
C LYS D 379 14.80 -54.11 45.06
N ARG D 380 16.02 -54.19 44.54
CA ARG D 380 16.98 -55.16 45.02
C ARG D 380 17.66 -54.64 46.30
N ILE D 381 18.38 -53.52 46.25
CA ILE D 381 19.12 -53.08 47.45
C ILE D 381 18.19 -52.77 48.62
N SER D 382 17.00 -52.27 48.29
CA SER D 382 15.97 -51.99 49.27
C SER D 382 15.57 -53.23 50.07
N GLU D 383 15.50 -54.38 49.39
CA GLU D 383 15.10 -55.63 50.03
C GLU D 383 16.27 -56.39 50.68
N GLN D 384 17.47 -56.08 50.21
CA GLN D 384 18.72 -56.54 50.84
C GLN D 384 18.82 -55.82 52.18
N PHE D 385 18.49 -54.52 52.14
CA PHE D 385 18.34 -53.69 53.31
C PHE D 385 17.16 -54.13 54.15
N THR D 386 15.94 -53.84 53.71
CA THR D 386 14.74 -54.08 54.52
C THR D 386 14.77 -55.43 55.22
N ALA D 387 15.46 -56.40 54.63
CA ALA D 387 15.63 -57.74 55.24
C ALA D 387 16.66 -57.77 56.40
N MET D 388 17.41 -56.67 56.55
CA MET D 388 18.36 -56.45 57.65
C MET D 388 17.74 -55.51 58.68
N PHE D 389 17.29 -54.35 58.22
CA PHE D 389 16.56 -53.39 59.04
C PHE D 389 15.34 -54.06 59.67
N ARG D 390 15.01 -55.24 59.12
CA ARG D 390 14.05 -56.21 59.67
C ARG D 390 14.29 -56.38 61.16
N ARG D 391 15.21 -57.28 61.51
CA ARG D 391 15.61 -57.52 62.87
C ARG D 391 16.59 -56.47 63.41
N LYS D 392 16.34 -55.19 63.03
CA LYS D 392 17.20 -54.02 63.31
C LYS D 392 18.67 -54.44 63.47
N ALA D 393 19.27 -54.88 62.36
CA ALA D 393 20.49 -55.71 62.34
C ALA D 393 21.79 -55.02 62.75
N PHE D 394 22.80 -55.12 61.90
CA PHE D 394 24.16 -54.63 62.20
C PHE D 394 24.22 -53.16 62.56
N LEU D 395 23.06 -52.64 62.96
CA LEU D 395 22.81 -51.21 63.09
C LEU D 395 23.38 -50.56 64.35
N HIS D 396 23.72 -51.34 65.36
CA HIS D 396 24.33 -50.78 66.57
C HIS D 396 25.64 -50.10 66.24
N TRP D 397 26.07 -50.32 65.01
CA TRP D 397 27.25 -49.69 64.44
C TRP D 397 27.04 -48.24 63.98
N TYR D 398 25.79 -47.91 63.65
CA TYR D 398 25.36 -46.55 63.32
C TYR D 398 24.59 -45.97 64.50
N THR D 399 23.80 -46.82 65.19
CA THR D 399 23.20 -46.46 66.47
C THR D 399 24.15 -45.45 67.08
N GLY D 400 25.26 -45.98 67.58
CA GLY D 400 26.16 -45.28 68.45
C GLY D 400 26.98 -44.19 67.82
N GLU D 401 27.23 -44.26 66.53
CA GLU D 401 28.12 -43.24 65.96
C GLU D 401 27.42 -41.89 65.90
N GLY D 402 26.12 -41.89 66.21
CA GLY D 402 25.40 -40.65 66.47
C GLY D 402 24.22 -40.34 65.57
N MET D 403 23.43 -41.36 65.29
CA MET D 403 22.32 -41.19 64.36
C MET D 403 21.01 -41.47 65.08
N ASP D 404 19.89 -41.16 64.44
CA ASP D 404 18.64 -41.60 65.00
C ASP D 404 18.04 -42.87 64.39
N GLU D 405 17.39 -43.65 65.24
CA GLU D 405 16.72 -44.90 64.85
C GLU D 405 15.94 -44.78 63.54
N MET D 406 15.25 -43.65 63.36
CA MET D 406 14.28 -43.44 62.28
C MET D 406 14.82 -42.86 60.94
N GLU D 407 16.05 -42.35 60.94
CA GLU D 407 16.68 -41.86 59.72
C GLU D 407 16.88 -43.00 58.74
N PHE D 408 17.03 -44.20 59.28
CA PHE D 408 17.10 -45.40 58.49
C PHE D 408 15.77 -45.63 57.81
N THR D 409 14.66 -45.37 58.51
CA THR D 409 13.32 -45.54 57.93
C THR D 409 13.02 -44.46 56.87
N GLU D 410 13.19 -43.19 57.25
CA GLU D 410 12.90 -42.06 56.35
C GLU D 410 13.88 -41.98 55.15
N ALA D 411 14.67 -43.03 54.99
CA ALA D 411 15.52 -43.18 53.83
C ALA D 411 15.23 -44.51 53.18
N GLU D 412 14.69 -45.45 53.94
CA GLU D 412 14.12 -46.67 53.38
C GLU D 412 12.85 -46.27 52.68
N SER D 413 12.06 -45.48 53.39
CA SER D 413 10.78 -45.02 52.88
C SER D 413 10.96 -43.80 51.97
N ASN D 414 12.13 -43.69 51.34
CA ASN D 414 12.38 -42.69 50.32
C ASN D 414 12.76 -43.37 49.03
N MET D 415 13.66 -44.33 49.18
CA MET D 415 13.96 -45.32 48.19
C MET D 415 12.72 -46.11 47.82
N ASN D 416 12.12 -46.75 48.83
CA ASN D 416 10.88 -47.50 48.65
C ASN D 416 9.80 -46.63 48.00
N ASP D 417 10.09 -45.33 47.88
CA ASP D 417 9.23 -44.35 47.22
C ASP D 417 9.53 -44.32 45.76
N LEU D 418 10.68 -43.72 45.47
CA LEU D 418 11.28 -43.70 44.15
C LEU D 418 10.90 -44.98 43.42
N VAL D 419 11.18 -46.13 44.04
CA VAL D 419 10.72 -47.42 43.56
C VAL D 419 9.42 -47.24 42.77
N SER D 420 8.39 -46.69 43.41
CA SER D 420 7.04 -46.68 42.84
C SER D 420 6.52 -45.33 42.36
N GLU D 421 7.43 -44.52 41.84
CA GLU D 421 7.09 -43.50 40.83
C GLU D 421 7.84 -43.93 39.59
N TYR D 422 8.88 -44.72 39.81
CA TYR D 422 9.61 -45.40 38.75
C TYR D 422 8.69 -46.48 38.18
N GLN D 423 8.01 -47.16 39.09
CA GLN D 423 6.98 -48.13 38.73
C GLN D 423 5.77 -47.37 38.22
N GLN D 424 5.45 -46.28 38.90
CA GLN D 424 4.37 -45.41 38.48
C GLN D 424 4.47 -44.94 37.00
N TYR D 425 5.63 -45.08 36.38
CA TYR D 425 5.79 -44.47 35.06
C TYR D 425 5.84 -45.45 33.90
N GLN D 426 4.87 -46.34 33.94
CA GLN D 426 4.53 -47.18 32.83
C GLN D 426 3.03 -46.97 32.60
N ASP D 427 2.73 -45.70 32.26
CA ASP D 427 1.40 -45.16 31.95
C ASP D 427 1.43 -44.31 30.65
N ALA E 1 -56.60 47.45 -54.57
CA ALA E 1 -57.89 46.72 -54.41
C ALA E 1 -59.16 47.59 -54.62
N ASP E 2 -59.05 48.91 -54.42
CA ASP E 2 -60.20 49.82 -54.25
C ASP E 2 -59.99 50.39 -52.85
N MET E 3 -58.73 50.75 -52.58
CA MET E 3 -58.10 50.75 -51.25
C MET E 3 -58.11 52.03 -50.41
N GLU E 4 -57.92 53.18 -51.06
CA GLU E 4 -57.58 54.44 -50.40
C GLU E 4 -56.34 54.22 -49.56
N VAL E 5 -55.85 55.28 -48.94
CA VAL E 5 -54.64 55.19 -48.17
C VAL E 5 -54.27 56.57 -47.64
N ILE E 6 -55.03 57.09 -46.68
CA ILE E 6 -54.79 58.44 -46.16
C ILE E 6 -53.31 58.67 -45.78
N GLU E 7 -52.73 59.80 -46.20
CA GLU E 7 -51.25 60.02 -46.24
C GLU E 7 -50.60 60.70 -45.00
N LEU E 8 -49.66 60.02 -44.34
CA LEU E 8 -49.18 60.52 -43.04
C LEU E 8 -47.67 60.90 -42.92
N ASN E 9 -47.38 62.19 -43.15
CA ASN E 9 -46.04 62.85 -42.98
C ASN E 9 -45.17 63.03 -44.26
N LYS E 10 -44.31 64.05 -44.29
CA LYS E 10 -43.34 64.26 -45.38
C LYS E 10 -42.11 64.95 -44.81
N CYS E 11 -40.94 64.35 -44.99
CA CYS E 11 -39.69 64.87 -44.42
C CYS E 11 -38.71 65.19 -45.52
N THR E 12 -37.54 65.72 -45.16
CA THR E 12 -36.56 66.10 -46.16
C THR E 12 -36.04 64.87 -46.86
N SER E 13 -36.11 63.73 -46.14
CA SER E 13 -35.66 62.40 -46.59
C SER E 13 -36.61 61.25 -46.17
N GLY E 14 -37.89 61.35 -46.55
CA GLY E 14 -38.91 60.33 -46.27
C GLY E 14 -40.35 60.54 -46.73
N GLN E 15 -41.26 59.73 -46.16
CA GLN E 15 -42.74 59.77 -46.33
C GLN E 15 -43.37 58.57 -45.57
N SER E 16 -44.57 58.72 -45.02
CA SER E 16 -45.31 57.56 -44.51
C SER E 16 -46.77 57.64 -44.95
N PHE E 17 -47.54 56.57 -44.75
CA PHE E 17 -48.95 56.58 -45.12
C PHE E 17 -49.64 55.25 -44.84
N GLU E 18 -50.83 55.28 -44.24
CA GLU E 18 -51.63 54.06 -44.05
C GLU E 18 -52.23 53.64 -45.40
N VAL E 19 -52.28 52.34 -45.67
CA VAL E 19 -52.97 51.86 -46.86
C VAL E 19 -54.13 50.84 -46.59
N ILE E 20 -54.90 51.03 -45.49
CA ILE E 20 -55.89 50.04 -44.96
C ILE E 20 -56.76 49.43 -46.02
N LEU E 21 -56.94 48.12 -45.99
CA LEU E 21 -57.36 47.42 -47.20
C LEU E 21 -58.81 46.90 -47.19
N LYS E 22 -59.30 46.54 -46.01
CA LYS E 22 -60.66 46.05 -45.83
C LYS E 22 -61.03 46.35 -44.39
N PRO E 23 -62.27 46.76 -44.13
CA PRO E 23 -62.66 47.32 -42.82
C PRO E 23 -61.96 46.61 -41.64
N PRO E 24 -61.54 47.35 -40.60
CA PRO E 24 -61.25 46.75 -39.30
C PRO E 24 -62.18 45.55 -38.88
N SER E 25 -63.51 45.70 -39.00
CA SER E 25 -64.54 44.67 -38.69
C SER E 25 -64.47 44.07 -37.27
N SER E 43 -44.00 48.98 -11.44
CA SER E 43 -42.58 48.86 -11.76
C SER E 43 -41.66 48.96 -10.50
N LEU E 44 -41.95 49.95 -9.63
CA LEU E 44 -41.08 50.43 -8.50
C LEU E 44 -40.19 49.39 -7.74
N GLU E 45 -38.98 49.83 -7.35
CA GLU E 45 -37.91 48.92 -6.92
C GLU E 45 -37.08 49.35 -5.69
N GLU E 46 -37.80 49.58 -4.60
CA GLU E 46 -37.28 49.37 -3.27
C GLU E 46 -37.00 47.86 -3.19
N ILE E 47 -37.39 47.16 -4.26
CA ILE E 47 -37.29 45.72 -4.35
C ILE E 47 -36.05 45.29 -5.11
N GLN E 48 -34.93 45.58 -4.48
CA GLN E 48 -33.70 44.83 -4.68
C GLN E 48 -33.26 44.19 -3.32
N LYS E 49 -34.23 44.01 -2.41
CA LYS E 49 -34.06 43.17 -1.23
C LYS E 49 -34.05 41.73 -1.73
N LYS E 50 -34.74 41.50 -2.85
CA LYS E 50 -34.76 40.22 -3.55
C LYS E 50 -33.38 39.87 -4.11
N LEU E 51 -32.44 40.80 -3.98
CA LEU E 51 -31.09 40.69 -4.55
C LEU E 51 -30.00 40.54 -3.49
N GLU E 52 -30.23 41.10 -2.29
CA GLU E 52 -29.35 40.84 -1.15
C GLU E 52 -29.63 39.41 -0.73
N ALA E 53 -30.91 39.09 -0.69
CA ALA E 53 -31.36 37.72 -0.46
C ALA E 53 -30.56 36.68 -1.25
N ALA E 54 -30.28 36.95 -2.52
CA ALA E 54 -29.46 36.06 -3.35
C ALA E 54 -28.34 35.53 -2.49
N GLU E 55 -27.53 36.47 -2.00
CA GLU E 55 -26.34 36.14 -1.23
C GLU E 55 -26.66 35.64 0.17
N GLU E 56 -27.78 36.09 0.73
CA GLU E 56 -28.19 35.58 2.04
C GLU E 56 -28.30 34.07 1.90
N ARG E 57 -28.66 33.60 0.71
CA ARG E 57 -28.71 32.16 0.44
C ARG E 57 -27.35 31.59 0.04
N ARG E 58 -26.63 32.30 -0.84
CA ARG E 58 -25.27 31.88 -1.20
C ARG E 58 -24.52 31.77 0.08
N LYS E 59 -24.13 32.91 0.63
CA LYS E 59 -23.10 32.95 1.65
C LYS E 59 -23.54 32.19 2.87
N TYR E 60 -24.76 31.66 2.82
CA TYR E 60 -25.22 30.60 3.71
C TYR E 60 -24.82 29.25 3.13
N GLN E 61 -25.52 28.82 2.08
CA GLN E 61 -25.32 27.53 1.41
C GLN E 61 -23.83 27.22 1.12
N GLU E 62 -22.94 28.19 1.36
CA GLU E 62 -21.49 28.04 1.19
C GLU E 62 -20.73 28.30 2.50
N ALA E 63 -21.23 29.22 3.33
CA ALA E 63 -20.74 29.30 4.70
C ALA E 63 -21.31 28.14 5.55
N GLU E 64 -21.91 27.15 4.87
CA GLU E 64 -22.30 25.87 5.47
C GLU E 64 -21.76 24.66 4.66
N LEU E 65 -20.89 24.93 3.69
CA LEU E 65 -20.03 23.89 3.14
C LEU E 65 -18.61 24.28 3.52
N LEU E 66 -18.48 25.37 4.28
CA LEU E 66 -17.24 25.71 4.98
C LEU E 66 -17.36 25.17 6.43
N LYS E 67 -18.58 24.94 6.87
CA LYS E 67 -18.80 24.35 8.19
C LYS E 67 -19.50 22.97 8.12
N HIS E 68 -19.53 22.34 6.94
CA HIS E 68 -19.72 20.88 6.86
C HIS E 68 -18.39 20.26 6.44
N LEU E 69 -17.42 21.16 6.17
CA LEU E 69 -16.05 20.83 5.73
C LEU E 69 -14.95 21.32 6.66
N ALA E 70 -15.21 22.41 7.40
CA ALA E 70 -14.41 22.77 8.58
C ALA E 70 -14.34 21.56 9.54
N GLU E 71 -15.21 20.59 9.24
CA GLU E 71 -15.48 19.37 9.99
C GLU E 71 -14.71 18.20 9.40
N LYS E 72 -14.93 17.96 8.09
CA LYS E 72 -14.10 17.05 7.32
C LYS E 72 -12.68 17.23 7.81
N ARG E 73 -12.24 18.49 7.92
CA ARG E 73 -11.00 18.86 8.60
C ARG E 73 -10.79 18.27 10.03
N GLU E 74 -10.89 19.06 11.10
CA GLU E 74 -10.49 18.55 12.40
C GLU E 74 -11.26 17.29 12.85
N HIS E 75 -11.21 16.29 11.99
CA HIS E 75 -11.32 14.89 12.34
C HIS E 75 -10.05 14.25 11.79
N GLU E 76 -9.55 14.79 10.65
CA GLU E 76 -8.27 14.35 10.07
C GLU E 76 -7.13 14.53 11.07
N ARG E 77 -6.98 15.78 11.52
CA ARG E 77 -6.08 16.14 12.60
C ARG E 77 -6.55 15.52 13.92
N GLU E 78 -7.50 14.59 13.81
CA GLU E 78 -7.89 13.77 14.95
C GLU E 78 -7.61 12.28 14.69
N VAL E 79 -8.06 11.76 13.55
CA VAL E 79 -7.91 10.33 13.27
C VAL E 79 -6.46 9.91 13.46
N ILE E 80 -5.55 10.64 12.84
CA ILE E 80 -4.11 10.41 12.97
C ILE E 80 -3.55 10.83 14.33
N GLN E 81 -4.44 11.35 15.17
CA GLN E 81 -4.11 11.71 16.53
C GLN E 81 -4.60 10.60 17.49
N LYS E 82 -5.56 9.77 17.04
CA LYS E 82 -6.09 8.66 17.86
C LYS E 82 -5.50 7.30 17.47
N ALA E 83 -4.42 7.37 16.71
CA ALA E 83 -3.55 6.24 16.40
C ALA E 83 -2.23 6.49 17.09
N ILE E 84 -1.83 7.76 17.13
CA ILE E 84 -0.83 8.20 18.07
C ILE E 84 -1.40 8.02 19.48
N GLU E 85 -2.74 8.00 19.62
CA GLU E 85 -3.38 7.65 20.91
C GLU E 85 -3.56 6.14 21.11
N GLU E 86 -3.82 5.43 20.00
CA GLU E 86 -3.97 3.97 19.98
C GLU E 86 -2.63 3.21 19.96
N ASN E 87 -1.52 3.96 19.94
CA ASN E 87 -0.20 3.34 19.99
C ASN E 87 0.70 3.85 21.12
N ASN E 88 0.49 5.09 21.56
CA ASN E 88 1.06 5.50 22.83
C ASN E 88 0.59 4.40 23.77
N ASN E 89 -0.73 4.22 23.85
CA ASN E 89 -1.34 3.16 24.66
C ASN E 89 -1.15 1.75 24.07
N PHE E 90 0.07 1.44 23.65
CA PHE E 90 0.53 0.06 23.43
C PHE E 90 1.88 -0.14 24.07
N ILE E 91 2.65 0.94 24.09
CA ILE E 91 3.74 1.01 25.02
C ILE E 91 3.06 0.90 26.39
N LYS E 92 1.86 1.48 26.50
CA LYS E 92 1.08 1.48 27.74
C LYS E 92 0.99 0.10 28.42
N MET E 93 0.23 -0.82 27.80
CA MET E 93 0.00 -2.14 28.38
C MET E 93 1.22 -3.09 28.24
N ALA E 94 1.06 -4.17 27.44
CA ALA E 94 2.04 -5.28 27.28
C ALA E 94 3.52 -4.91 26.94
N LYS E 95 3.87 -3.62 27.11
CA LYS E 95 5.25 -3.10 26.92
C LYS E 95 5.78 -2.67 28.26
N GLU E 96 4.97 -3.00 29.26
CA GLU E 96 5.39 -2.96 30.62
C GLU E 96 4.90 -4.24 31.32
N LYS E 97 3.85 -4.89 30.80
CA LYS E 97 3.48 -6.23 31.29
C LYS E 97 4.79 -6.95 31.38
N LEU E 98 5.69 -6.66 30.43
CA LEU E 98 7.11 -7.06 30.47
C LEU E 98 7.74 -6.99 31.86
N ALA E 99 7.82 -5.79 32.43
CA ALA E 99 8.59 -5.57 33.67
C ALA E 99 8.03 -6.24 34.94
N GLN E 100 6.71 -6.22 35.12
CA GLN E 100 6.06 -6.93 36.22
C GLN E 100 5.41 -8.25 35.75
N LYS E 101 6.11 -8.91 34.83
CA LYS E 101 6.05 -10.35 34.60
C LYS E 101 7.47 -10.85 34.76
N MET E 102 8.44 -10.08 34.23
CA MET E 102 9.86 -10.36 34.42
C MET E 102 10.31 -10.04 35.88
N GLU E 103 9.37 -9.55 36.70
CA GLU E 103 9.54 -9.45 38.16
C GLU E 103 8.91 -10.65 38.82
N SER E 104 7.68 -10.95 38.42
CA SER E 104 7.10 -12.25 38.68
C SER E 104 7.99 -13.31 37.99
N ASN E 105 9.29 -13.06 38.11
CA ASN E 105 10.31 -14.04 37.86
C ASN E 105 11.19 -14.01 39.10
N LYS E 106 11.90 -12.90 39.36
CA LYS E 106 12.65 -12.74 40.62
C LYS E 106 11.84 -13.22 41.83
N GLU E 107 10.55 -12.86 41.85
CA GLU E 107 9.63 -13.37 42.86
C GLU E 107 9.69 -14.91 42.79
N ASN E 108 9.22 -15.49 41.68
CA ASN E 108 9.08 -16.96 41.57
C ASN E 108 10.36 -17.82 41.80
N ARG E 109 11.53 -17.25 41.52
CA ARG E 109 12.79 -17.97 41.67
C ARG E 109 13.38 -17.83 43.06
N GLU E 110 13.61 -16.61 43.52
CA GLU E 110 14.29 -16.44 44.81
C GLU E 110 13.51 -17.13 45.87
N ALA E 111 12.32 -17.60 45.50
CA ALA E 111 11.53 -18.51 46.30
C ALA E 111 12.02 -19.97 46.17
N HIS E 112 12.04 -20.51 44.95
CA HIS E 112 12.49 -21.89 44.65
C HIS E 112 14.01 -22.11 44.81
N LEU E 113 14.80 -21.03 44.84
CA LEU E 113 16.25 -21.11 45.01
C LEU E 113 16.55 -20.97 46.48
N ALA E 114 16.39 -19.77 47.04
CA ALA E 114 16.64 -19.53 48.48
C ALA E 114 15.68 -20.30 49.40
N ALA E 115 14.93 -21.23 48.80
CA ALA E 115 14.24 -22.32 49.51
C ALA E 115 14.79 -23.76 49.17
N MET E 116 15.65 -23.87 48.15
CA MET E 116 16.44 -25.08 47.94
C MET E 116 17.73 -24.94 48.76
N LEU E 117 17.96 -23.72 49.25
CA LEU E 117 19.05 -23.39 50.16
C LEU E 117 18.63 -23.55 51.60
N GLU E 118 17.33 -23.35 51.86
CA GLU E 118 16.78 -23.39 53.23
C GLU E 118 16.32 -24.78 53.71
N ARG E 119 16.46 -25.81 52.85
CA ARG E 119 16.34 -27.24 53.24
C ARG E 119 17.72 -27.96 53.22
N LEU E 120 18.50 -27.71 52.15
CA LEU E 120 19.92 -28.06 52.08
C LEU E 120 20.72 -27.22 53.08
N GLN E 121 20.09 -26.96 54.23
CA GLN E 121 20.66 -26.18 55.31
C GLN E 121 20.07 -26.67 56.62
N GLU E 122 19.09 -27.56 56.52
CA GLU E 122 18.59 -28.27 57.69
C GLU E 122 19.16 -29.71 57.83
N LYS E 123 19.97 -30.12 56.84
CA LYS E 123 20.95 -31.23 57.00
C LYS E 123 22.27 -30.61 57.55
N ASP E 124 22.10 -29.48 58.23
CA ASP E 124 23.17 -28.77 58.93
C ASP E 124 22.86 -28.80 60.42
N LYS E 125 21.72 -28.22 60.80
CA LYS E 125 21.25 -28.29 62.18
C LYS E 125 21.04 -29.75 62.67
N HIS E 126 20.40 -30.59 61.85
CA HIS E 126 20.12 -32.01 62.17
C HIS E 126 21.36 -32.87 62.10
N ALA E 127 22.39 -32.36 61.44
CA ALA E 127 23.64 -33.06 61.27
C ALA E 127 24.71 -32.56 62.24
N GLU E 128 24.46 -31.44 62.91
CA GLU E 128 25.41 -30.87 63.88
C GLU E 128 24.93 -30.98 65.33
N GLU E 129 23.68 -30.59 65.59
CA GLU E 129 23.09 -30.73 66.94
C GLU E 129 22.64 -32.17 67.29
N VAL E 130 22.72 -33.10 66.32
CA VAL E 130 22.57 -34.56 66.54
C VAL E 130 23.82 -35.36 66.05
N ARG E 131 24.98 -34.68 66.04
CA ARG E 131 26.31 -35.31 65.91
C ARG E 131 27.07 -35.05 67.22
N LYS E 132 26.84 -33.86 67.77
CA LYS E 132 27.07 -33.59 69.18
C LYS E 132 26.07 -34.47 69.94
N ASN E 133 26.08 -35.74 69.56
CA ASN E 133 25.39 -36.84 70.21
C ASN E 133 26.46 -37.77 70.77
N LYS E 134 27.61 -37.77 70.10
CA LYS E 134 28.82 -38.39 70.61
C LYS E 134 29.17 -37.83 72.00
N GLU E 135 28.31 -36.94 72.50
CA GLU E 135 28.34 -36.51 73.90
C GLU E 135 27.97 -37.70 74.76
N LEU E 136 27.33 -38.71 74.15
CA LEU E 136 27.12 -40.00 74.79
C LEU E 136 28.44 -40.68 75.21
N LYS E 137 29.09 -41.38 74.25
CA LYS E 137 30.43 -42.00 74.39
C LYS E 137 30.72 -42.93 75.60
N GLU E 138 31.02 -44.20 75.30
CA GLU E 138 31.41 -45.25 76.27
C GLU E 138 31.13 -44.98 77.76
#